data_8DNR
#
_entry.id   8DNR
#
loop_
_entity.id
_entity.type
_entity.pdbx_description
1 polymer 'Fusion glycoprotein F0'
2 non-polymer 2-acetamido-2-deoxy-beta-D-glucopyranose
#
_entity_poly.entity_id   1
_entity_poly.type   'polypeptide(L)'
_entity_poly.pdbx_seq_one_letter_code
;GILHYEKLSKIGLVKGITRKYKIKSNPLTKDIVIKMIPNVSNVSKCTGTVMENYKSRLTGILSPIKGAIELYNNNTHDCV
GDVKLAGVCMAGIAIGIATAAQITAGVALYEAMKNADNINKLKSSIESTNEAVVKLQETAEKTVYVFTALQDYINTNLVP
TIDQIPCKQTELALDLALSKYLSDLLFVFGPNLQDPVSNSMTIQAISQAFGGNYETLLRTLGYATEDFDDLLESDSIAGQ
IVYVDLSSYYIIVRVYFPILTEIQQAYVQELLPVSFNNDNSEWISIVPNFVLIRNTLISNIEVKYCLITKKSVICNQDYA
TPMTASVRECLTGSTDKCPRELVVSSHVPRFALSGGVLFANCISVTCQCQTTGRAISQSGEQTLLMIDNTTCTTVVLGNI
IISLGKYLGSINYNSESIAVGPPVYTDKVDISSQISSMNQSLQQSK
;
_entity_poly.pdbx_strand_id   A,B,E
#
loop_
_chem_comp.id
_chem_comp.type
_chem_comp.name
_chem_comp.formula
NAG D-saccharide, beta linking 2-acetamido-2-deoxy-beta-D-glucopyranose 'C8 H15 N O6'
#
# COMPACT_ATOMS: atom_id res chain seq x y z
N GLY A 1 -5.54 -30.42 18.75
CA GLY A 1 -5.97 -30.31 17.36
C GLY A 1 -5.31 -31.32 16.46
N ILE A 2 -5.59 -31.21 15.15
CA ILE A 2 -4.99 -32.14 14.19
C ILE A 2 -3.48 -31.93 14.09
N LEU A 3 -3.02 -30.69 14.23
CA LEU A 3 -1.59 -30.40 14.16
C LEU A 3 -0.85 -31.02 15.34
N HIS A 4 0.38 -31.46 15.09
CA HIS A 4 1.24 -32.02 16.13
C HIS A 4 1.92 -30.87 16.85
N TYR A 5 1.25 -30.33 17.87
CA TYR A 5 1.69 -29.11 18.50
C TYR A 5 3.02 -29.28 19.23
N GLU A 6 3.24 -30.45 19.84
CA GLU A 6 4.50 -30.69 20.56
C GLU A 6 5.69 -30.64 19.61
N LYS A 7 5.63 -31.43 18.53
CA LYS A 7 6.71 -31.45 17.56
C LYS A 7 6.87 -30.11 16.86
N LEU A 8 5.76 -29.41 16.61
CA LEU A 8 5.86 -28.08 16.02
C LEU A 8 6.56 -27.11 16.96
N SER A 9 6.26 -27.18 18.26
CA SER A 9 6.90 -26.30 19.22
C SER A 9 8.37 -26.61 19.39
N LYS A 10 8.75 -27.89 19.23
CA LYS A 10 10.17 -28.24 19.33
C LYS A 10 11.01 -27.62 18.24
N ILE A 11 10.41 -27.27 17.10
CA ILE A 11 11.13 -26.54 16.05
C ILE A 11 10.75 -25.06 16.04
N GLY A 12 10.29 -24.53 17.18
CA GLY A 12 10.04 -23.11 17.31
C GLY A 12 8.68 -22.62 16.86
N LEU A 13 7.75 -23.53 16.56
CA LEU A 13 6.40 -23.14 16.16
C LEU A 13 5.47 -23.34 17.36
N VAL A 14 5.43 -22.33 18.21
CA VAL A 14 4.66 -22.38 19.46
C VAL A 14 3.21 -22.08 19.16
N LYS A 15 2.31 -22.88 19.72
CA LYS A 15 0.89 -22.72 19.47
C LYS A 15 0.38 -21.39 19.99
N GLY A 16 -0.38 -20.68 19.16
CA GLY A 16 -0.92 -19.39 19.47
C GLY A 16 -2.41 -19.41 19.74
N ILE A 17 -3.07 -18.29 19.45
CA ILE A 17 -4.49 -18.15 19.72
C ILE A 17 -5.28 -18.90 18.65
N THR A 18 -6.28 -19.66 19.09
CA THR A 18 -7.19 -20.35 18.18
C THR A 18 -8.39 -19.44 17.91
N ARG A 19 -8.58 -19.08 16.64
CA ARG A 19 -9.63 -18.17 16.23
C ARG A 19 -10.63 -18.90 15.33
N LYS A 20 -11.91 -18.58 15.48
CA LYS A 20 -12.92 -19.17 14.62
C LYS A 20 -13.01 -18.41 13.30
N TYR A 21 -13.63 -19.05 12.31
CA TYR A 21 -13.69 -18.54 10.95
C TYR A 21 -15.07 -17.95 10.69
N LYS A 22 -15.11 -16.70 10.23
CA LYS A 22 -16.35 -15.99 9.96
C LYS A 22 -16.31 -15.39 8.57
N ILE A 23 -17.41 -15.53 7.83
CA ILE A 23 -17.55 -14.96 6.50
C ILE A 23 -18.91 -14.29 6.39
N LYS A 24 -18.95 -13.12 5.76
CA LYS A 24 -20.19 -12.37 5.63
C LYS A 24 -21.16 -13.09 4.68
N SER A 25 -22.46 -12.96 4.97
CA SER A 25 -23.48 -13.62 4.17
C SER A 25 -24.81 -12.92 4.37
N ASN A 26 -25.75 -13.19 3.46
CA ASN A 26 -27.13 -12.73 3.51
C ASN A 26 -27.23 -11.22 3.69
N PRO A 27 -26.87 -10.42 2.68
CA PRO A 27 -26.91 -8.98 2.85
C PRO A 27 -28.31 -8.41 2.75
N LEU A 28 -28.55 -7.33 3.49
CA LEU A 28 -29.76 -6.52 3.38
C LEU A 28 -29.43 -5.20 2.69
N THR A 29 -30.34 -4.77 1.83
CA THR A 29 -30.08 -3.66 0.92
C THR A 29 -30.85 -2.41 1.35
N LYS A 30 -30.15 -1.28 1.37
CA LYS A 30 -30.77 0.02 1.58
C LYS A 30 -30.23 0.99 0.53
N ASP A 31 -31.11 1.85 0.03
CA ASP A 31 -30.77 2.78 -1.04
C ASP A 31 -30.57 4.18 -0.49
N ILE A 32 -29.49 4.83 -0.92
CA ILE A 32 -29.18 6.20 -0.52
C ILE A 32 -28.86 7.00 -1.78
N VAL A 33 -28.96 8.31 -1.64
CA VAL A 33 -28.68 9.25 -2.73
C VAL A 33 -27.54 10.15 -2.28
N ILE A 34 -26.48 10.21 -3.09
CA ILE A 34 -25.35 11.09 -2.85
C ILE A 34 -25.35 12.16 -3.93
N LYS A 35 -25.49 13.42 -3.52
CA LYS A 35 -25.54 14.55 -4.44
C LYS A 35 -24.13 15.13 -4.56
N MET A 36 -23.51 14.93 -5.71
CA MET A 36 -22.11 15.29 -5.91
C MET A 36 -21.89 16.79 -5.99
N ILE A 37 -22.95 17.59 -6.08
CA ILE A 37 -22.81 19.05 -6.20
C ILE A 37 -23.56 19.71 -5.05
N PRO A 38 -22.97 20.70 -4.38
CA PRO A 38 -23.68 21.39 -3.31
C PRO A 38 -24.66 22.41 -3.86
N ASN A 39 -25.54 22.88 -2.97
CA ASN A 39 -26.52 23.91 -3.29
C ASN A 39 -25.93 25.26 -2.93
N VAL A 40 -25.62 26.06 -3.94
CA VAL A 40 -24.96 27.35 -3.75
C VAL A 40 -25.95 28.48 -3.98
N SER A 41 -27.23 28.21 -3.73
CA SER A 41 -28.26 29.22 -3.96
C SER A 41 -28.07 30.42 -3.04
N ASN A 42 -27.51 30.21 -1.85
CA ASN A 42 -27.34 31.28 -0.87
C ASN A 42 -25.98 31.96 -0.97
N VAL A 43 -25.11 31.52 -1.88
CA VAL A 43 -23.84 32.20 -2.13
C VAL A 43 -23.73 32.48 -3.62
N SER A 44 -24.86 32.38 -4.33
CA SER A 44 -24.87 32.50 -5.78
C SER A 44 -24.51 33.90 -6.28
N LYS A 45 -24.43 34.89 -5.39
CA LYS A 45 -24.14 36.25 -5.82
C LYS A 45 -22.80 36.34 -6.54
N CYS A 46 -21.77 35.69 -6.02
CA CYS A 46 -20.47 35.65 -6.67
C CYS A 46 -19.87 34.25 -6.70
N THR A 47 -20.66 33.27 -7.15
CA THR A 47 -20.12 31.98 -7.57
C THR A 47 -19.41 32.07 -8.91
N GLY A 48 -19.83 33.01 -9.76
CA GLY A 48 -19.14 33.23 -11.02
C GLY A 48 -19.24 32.04 -11.95
N THR A 49 -18.18 31.81 -12.71
CA THR A 49 -18.08 30.71 -13.65
C THR A 49 -17.61 29.44 -12.96
N VAL A 50 -17.31 29.52 -11.66
CA VAL A 50 -16.78 28.38 -10.93
C VAL A 50 -17.74 27.19 -10.97
N MET A 51 -19.03 27.44 -10.77
CA MET A 51 -19.99 26.34 -10.75
C MET A 51 -20.14 25.71 -12.13
N GLU A 52 -20.16 26.53 -13.19
CA GLU A 52 -20.23 25.98 -14.54
C GLU A 52 -19.02 25.13 -14.87
N ASN A 53 -17.82 25.61 -14.50
CA ASN A 53 -16.61 24.84 -14.74
C ASN A 53 -16.62 23.54 -13.94
N TYR A 54 -17.09 23.60 -12.69
CA TYR A 54 -17.17 22.39 -11.88
C TYR A 54 -18.13 21.38 -12.47
N LYS A 55 -19.28 21.85 -12.96
CA LYS A 55 -20.23 20.94 -13.59
C LYS A 55 -19.65 20.33 -14.86
N SER A 56 -18.93 21.12 -15.65
CA SER A 56 -18.29 20.58 -16.85
C SER A 56 -17.24 19.53 -16.49
N ARG A 57 -16.47 19.77 -15.43
CA ARG A 57 -15.46 18.81 -15.01
C ARG A 57 -16.08 17.54 -14.45
N LEU A 58 -17.18 17.68 -13.70
CA LEU A 58 -17.82 16.52 -13.09
C LEU A 58 -18.59 15.68 -14.09
N THR A 59 -19.11 16.30 -15.16
CA THR A 59 -19.78 15.54 -16.20
C THR A 59 -18.82 14.56 -16.86
N GLY A 60 -17.58 14.98 -17.10
CA GLY A 60 -16.60 14.08 -17.67
C GLY A 60 -16.27 12.91 -16.76
N ILE A 61 -16.27 13.14 -15.45
CA ILE A 61 -16.04 12.03 -14.51
C ILE A 61 -17.22 11.07 -14.49
N LEU A 62 -18.44 11.60 -14.44
CA LEU A 62 -19.60 10.75 -14.23
C LEU A 62 -20.15 10.13 -15.51
N SER A 63 -19.78 10.64 -16.68
CA SER A 63 -20.33 10.10 -17.93
C SER A 63 -19.93 8.65 -18.19
N PRO A 64 -18.65 8.26 -18.08
CA PRO A 64 -18.33 6.85 -18.32
C PRO A 64 -19.02 5.88 -17.38
N ILE A 65 -19.19 6.27 -16.12
CA ILE A 65 -19.91 5.42 -15.17
C ILE A 65 -21.34 5.23 -15.61
N LYS A 66 -22.00 6.31 -16.02
CA LYS A 66 -23.37 6.22 -16.52
C LYS A 66 -23.45 5.35 -17.76
N GLY A 67 -22.49 5.49 -18.67
CA GLY A 67 -22.49 4.67 -19.86
C GLY A 67 -22.33 3.19 -19.55
N ALA A 68 -21.41 2.86 -18.64
CA ALA A 68 -21.22 1.46 -18.26
C ALA A 68 -22.45 0.90 -17.57
N ILE A 69 -23.13 1.70 -16.74
CA ILE A 69 -24.34 1.23 -16.09
C ILE A 69 -25.47 1.01 -17.11
N GLU A 70 -25.65 1.97 -18.02
CA GLU A 70 -26.67 1.81 -19.05
C GLU A 70 -26.35 0.67 -20.01
N LEU A 71 -25.08 0.27 -20.13
CA LEU A 71 -24.76 -0.89 -20.95
C LEU A 71 -25.48 -2.13 -20.44
N TYR A 72 -25.48 -2.35 -19.13
CA TYR A 72 -26.23 -3.46 -18.54
C TYR A 72 -27.72 -3.16 -18.40
N ASN A 73 -28.09 -1.90 -18.20
CA ASN A 73 -29.50 -1.56 -18.09
C ASN A 73 -30.25 -1.83 -19.39
N ASN A 74 -29.62 -1.50 -20.53
CA ASN A 74 -30.27 -1.69 -21.82
C ASN A 74 -30.40 -3.15 -22.21
N ASN A 75 -29.56 -4.03 -21.67
CA ASN A 75 -29.54 -5.44 -22.07
C ASN A 75 -30.09 -6.35 -20.97
N THR A 76 -30.91 -5.83 -20.08
CA THR A 76 -31.59 -6.62 -19.08
C THR A 76 -33.08 -6.32 -19.14
N HIS A 77 -33.89 -7.37 -19.23
CA HIS A 77 -35.33 -7.24 -19.38
C HIS A 77 -36.04 -8.19 -18.42
N ASP A 78 -37.34 -7.94 -18.22
CA ASP A 78 -38.12 -8.77 -17.32
C ASP A 78 -38.33 -10.18 -17.88
N CYS A 79 -38.64 -10.27 -19.17
CA CYS A 79 -38.88 -11.54 -19.86
C CYS A 79 -39.86 -12.44 -19.09
N VAL A 88 -34.93 -12.16 -13.78
CA VAL A 88 -33.90 -11.34 -14.41
C VAL A 88 -33.39 -12.01 -15.67
N CYS A 89 -33.65 -11.40 -16.81
CA CYS A 89 -33.22 -11.92 -18.10
C CYS A 89 -32.17 -11.00 -18.72
N MET A 90 -31.04 -11.58 -19.10
CA MET A 90 -29.94 -10.82 -19.67
C MET A 90 -29.65 -11.31 -21.08
N ALA A 91 -29.40 -10.37 -21.99
CA ALA A 91 -29.06 -10.71 -23.37
C ALA A 91 -27.56 -10.85 -23.48
N GLY A 92 -27.08 -12.10 -23.56
CA GLY A 92 -25.65 -12.33 -23.61
C GLY A 92 -25.01 -11.88 -24.91
N ILE A 93 -25.79 -11.87 -26.00
CA ILE A 93 -25.25 -11.46 -27.29
C ILE A 93 -24.79 -10.01 -27.25
N ALA A 94 -25.59 -9.13 -26.65
CA ALA A 94 -25.22 -7.73 -26.58
C ALA A 94 -24.14 -7.49 -25.54
N ILE A 95 -24.19 -8.21 -24.41
CA ILE A 95 -23.18 -8.05 -23.38
C ILE A 95 -21.80 -8.45 -23.90
N GLY A 96 -21.73 -9.58 -24.60
CA GLY A 96 -20.50 -9.98 -25.24
C GLY A 96 -19.52 -10.68 -24.32
N ILE A 97 -18.86 -9.92 -23.45
CA ILE A 97 -17.84 -10.44 -22.54
C ILE A 97 -18.19 -10.00 -21.13
N ALA A 98 -18.25 -10.96 -20.21
CA ALA A 98 -18.53 -10.66 -18.82
C ALA A 98 -18.08 -11.84 -17.96
N THR A 99 -17.76 -11.55 -16.71
CA THR A 99 -17.44 -12.57 -15.74
C THR A 99 -18.68 -12.92 -14.92
N ALA A 100 -18.55 -13.96 -14.09
CA ALA A 100 -19.66 -14.34 -13.22
C ALA A 100 -20.02 -13.23 -12.25
N ALA A 101 -19.00 -12.56 -11.69
CA ALA A 101 -19.25 -11.45 -10.77
C ALA A 101 -19.95 -10.31 -11.48
N GLN A 102 -19.55 -10.00 -12.72
CA GLN A 102 -20.20 -8.93 -13.47
C GLN A 102 -21.65 -9.25 -13.76
N ILE A 103 -21.95 -10.51 -14.10
CA ILE A 103 -23.33 -10.88 -14.39
C ILE A 103 -24.18 -10.85 -13.12
N THR A 104 -23.63 -11.32 -12.00
CA THR A 104 -24.35 -11.24 -10.74
C THR A 104 -24.60 -9.80 -10.33
N ALA A 105 -23.62 -8.92 -10.55
CA ALA A 105 -23.81 -7.50 -10.28
C ALA A 105 -24.85 -6.89 -11.21
N GLY A 106 -24.90 -7.34 -12.45
CA GLY A 106 -25.96 -6.86 -13.34
C GLY A 106 -27.34 -7.29 -12.89
N VAL A 107 -27.44 -8.52 -12.38
CA VAL A 107 -28.72 -8.97 -11.82
C VAL A 107 -29.11 -8.12 -10.62
N ALA A 108 -28.14 -7.85 -9.73
CA ALA A 108 -28.42 -6.99 -8.58
C ALA A 108 -28.80 -5.58 -9.01
N LEU A 109 -28.17 -5.07 -10.08
CA LEU A 109 -28.51 -3.76 -10.61
C LEU A 109 -29.93 -3.74 -11.14
N TYR A 110 -30.33 -4.80 -11.84
CA TYR A 110 -31.72 -4.88 -12.32
C TYR A 110 -32.70 -4.92 -11.15
N GLU A 111 -32.35 -5.65 -10.09
CA GLU A 111 -33.21 -5.66 -8.92
C GLU A 111 -33.32 -4.29 -8.27
N ALA A 112 -32.21 -3.55 -8.23
CA ALA A 112 -32.21 -2.22 -7.62
C ALA A 112 -32.86 -1.16 -8.50
N MET A 113 -32.96 -1.40 -9.80
CA MET A 113 -33.54 -0.39 -10.69
C MET A 113 -35.02 -0.15 -10.38
N LYS A 114 -35.71 -1.15 -9.83
CA LYS A 114 -37.11 -0.98 -9.45
C LYS A 114 -37.26 0.11 -8.39
N ASN A 115 -36.38 0.11 -7.38
CA ASN A 115 -36.39 1.16 -6.37
C ASN A 115 -35.79 2.45 -6.90
N ALA A 116 -34.81 2.37 -7.80
CA ALA A 116 -34.22 3.57 -8.38
C ALA A 116 -35.25 4.36 -9.17
N ASP A 117 -36.17 3.67 -9.85
CA ASP A 117 -37.22 4.35 -10.59
C ASP A 117 -38.13 5.15 -9.65
N ASN A 118 -38.46 4.58 -8.49
CA ASN A 118 -39.26 5.31 -7.51
C ASN A 118 -38.49 6.49 -6.92
N ILE A 119 -37.19 6.29 -6.67
CA ILE A 119 -36.38 7.37 -6.11
C ILE A 119 -36.29 8.54 -7.10
N ASN A 120 -36.15 8.23 -8.38
CA ASN A 120 -35.97 9.26 -9.40
C ASN A 120 -37.20 10.14 -9.58
N LYS A 121 -38.35 9.75 -9.03
CA LYS A 121 -39.52 10.62 -9.11
C LYS A 121 -39.40 11.84 -8.22
N LEU A 122 -38.45 11.84 -7.28
CA LEU A 122 -38.18 12.98 -6.41
C LEU A 122 -36.97 13.78 -6.88
N LYS A 123 -36.78 13.90 -8.19
CA LYS A 123 -35.61 14.59 -8.71
C LYS A 123 -35.60 16.07 -8.31
N SER A 124 -36.76 16.72 -8.36
CA SER A 124 -36.84 18.12 -7.96
C SER A 124 -36.52 18.30 -6.48
N SER A 125 -37.04 17.39 -5.64
CA SER A 125 -36.73 17.46 -4.22
C SER A 125 -35.25 17.23 -3.94
N ILE A 126 -34.63 16.31 -4.68
CA ILE A 126 -33.19 16.10 -4.55
C ILE A 126 -32.43 17.35 -4.96
N GLU A 127 -32.88 17.99 -6.06
CA GLU A 127 -32.24 19.23 -6.51
C GLU A 127 -32.37 20.33 -5.46
N SER A 128 -33.49 20.38 -4.75
CA SER A 128 -33.76 21.46 -3.81
C SER A 128 -33.12 21.25 -2.44
N THR A 129 -32.41 20.14 -2.23
CA THR A 129 -31.79 19.89 -0.93
C THR A 129 -30.73 20.93 -0.63
N ASN A 130 -30.76 21.47 0.59
CA ASN A 130 -29.81 22.50 1.01
C ASN A 130 -29.17 22.16 2.35
N GLU A 131 -29.17 20.88 2.73
CA GLU A 131 -28.50 20.42 3.94
C GLU A 131 -27.66 19.21 3.61
N ALA A 132 -26.67 18.94 4.46
CA ALA A 132 -25.77 17.81 4.23
C ALA A 132 -26.53 16.49 4.27
N VAL A 133 -27.44 16.33 5.22
CA VAL A 133 -28.27 15.14 5.34
C VAL A 133 -29.73 15.58 5.45
N VAL A 134 -30.56 15.06 4.56
CA VAL A 134 -32.00 15.32 4.59
C VAL A 134 -32.74 14.00 4.44
N LYS A 135 -34.02 14.03 4.81
CA LYS A 135 -34.89 12.86 4.72
C LYS A 135 -36.02 13.16 3.74
N LEU A 136 -36.19 12.27 2.76
CA LEU A 136 -37.26 12.38 1.78
C LEU A 136 -38.12 11.13 1.80
N GLN A 137 -39.42 11.31 1.64
CA GLN A 137 -40.36 10.20 1.64
C GLN A 137 -40.48 9.67 0.23
N GLU A 138 -39.72 8.61 -0.08
CA GLU A 138 -39.79 8.00 -1.40
C GLU A 138 -41.18 7.43 -1.67
N THR A 139 -41.75 6.75 -0.68
CA THR A 139 -43.12 6.24 -0.77
C THR A 139 -43.86 6.56 0.51
N ALA A 140 -45.04 5.96 0.68
CA ALA A 140 -45.81 6.18 1.91
C ALA A 140 -45.15 5.55 3.12
N GLU A 141 -44.24 4.59 2.92
CA GLU A 141 -43.65 3.87 4.05
C GLU A 141 -42.12 3.90 3.99
N LYS A 142 -41.56 3.92 2.79
CA LYS A 142 -40.11 3.91 2.63
C LYS A 142 -39.54 5.32 2.69
N THR A 143 -38.31 5.43 3.17
CA THR A 143 -37.60 6.69 3.29
C THR A 143 -36.25 6.60 2.61
N VAL A 144 -35.85 7.69 1.95
CA VAL A 144 -34.57 7.77 1.26
C VAL A 144 -33.81 8.97 1.81
N TYR A 145 -32.51 8.77 2.04
CA TYR A 145 -31.64 9.81 2.59
C TYR A 145 -30.78 10.39 1.48
N VAL A 146 -30.68 11.71 1.44
CA VAL A 146 -29.86 12.42 0.47
C VAL A 146 -28.67 13.01 1.19
N PHE A 147 -27.46 12.69 0.71
CA PHE A 147 -26.22 13.18 1.29
C PHE A 147 -25.55 14.10 0.28
N THR A 148 -25.44 15.38 0.63
CA THR A 148 -24.89 16.40 -0.26
C THR A 148 -23.47 16.74 0.16
N ALA A 149 -22.55 16.74 -0.80
CA ALA A 149 -21.15 17.01 -0.52
C ALA A 149 -20.90 18.52 -0.42
N LEU A 150 -20.05 18.90 0.55
CA LEU A 150 -19.62 20.28 0.76
C LEU A 150 -20.75 21.21 1.17
N GLN A 151 -21.97 20.67 1.35
CA GLN A 151 -23.08 21.50 1.77
C GLN A 151 -22.86 22.04 3.17
N ASP A 152 -22.39 21.19 4.09
CA ASP A 152 -22.09 21.66 5.43
C ASP A 152 -20.99 22.71 5.43
N TYR A 153 -19.95 22.49 4.60
CA TYR A 153 -18.88 23.47 4.50
C TYR A 153 -19.42 24.81 4.02
N ILE A 154 -20.25 24.81 2.99
CA ILE A 154 -20.81 26.06 2.48
C ILE A 154 -21.65 26.73 3.56
N ASN A 155 -22.53 25.97 4.20
CA ASN A 155 -23.46 26.55 5.18
C ASN A 155 -22.73 27.13 6.38
N THR A 156 -21.66 26.49 6.84
CA THR A 156 -20.99 26.92 8.07
C THR A 156 -19.74 27.75 7.83
N ASN A 157 -19.29 27.92 6.59
CA ASN A 157 -18.10 28.71 6.32
C ASN A 157 -18.32 29.83 5.32
N LEU A 158 -19.09 29.59 4.26
CA LEU A 158 -19.21 30.60 3.21
C LEU A 158 -20.42 31.52 3.42
N VAL A 159 -21.54 30.96 3.87
CA VAL A 159 -22.71 31.79 4.14
C VAL A 159 -22.45 32.80 5.27
N PRO A 160 -21.89 32.42 6.43
CA PRO A 160 -21.67 33.42 7.49
C PRO A 160 -20.68 34.50 7.12
N THR A 161 -19.80 34.28 6.14
CA THR A 161 -18.76 35.24 5.78
C THR A 161 -19.00 35.84 4.40
N ILE A 162 -20.27 35.97 3.99
CA ILE A 162 -20.56 36.49 2.66
C ILE A 162 -20.21 37.97 2.57
N ASP A 163 -20.61 38.76 3.57
CA ASP A 163 -20.47 40.21 3.52
C ASP A 163 -19.31 40.72 4.37
N GLN A 164 -18.51 39.84 4.97
CA GLN A 164 -17.38 40.25 5.79
C GLN A 164 -16.08 40.31 5.02
N ILE A 165 -15.88 39.41 4.06
CA ILE A 165 -14.66 39.38 3.25
C ILE A 165 -15.01 39.81 1.84
N PRO A 166 -14.06 40.35 1.07
CA PRO A 166 -14.33 40.59 -0.36
C PRO A 166 -14.72 39.29 -1.04
N CYS A 167 -15.95 39.25 -1.54
CA CYS A 167 -16.53 37.96 -1.93
C CYS A 167 -15.89 37.41 -3.19
N LYS A 168 -15.01 38.19 -3.83
CA LYS A 168 -14.09 37.60 -4.80
C LYS A 168 -13.20 36.54 -4.17
N GLN A 169 -12.88 36.67 -2.88
CA GLN A 169 -12.22 35.62 -2.12
C GLN A 169 -13.14 34.45 -1.78
N THR A 170 -14.44 34.71 -1.61
CA THR A 170 -15.40 33.64 -1.44
C THR A 170 -15.48 32.75 -2.68
N GLU A 171 -15.46 33.36 -3.87
CA GLU A 171 -15.43 32.59 -5.11
C GLU A 171 -14.17 31.74 -5.22
N LEU A 172 -13.02 32.29 -4.86
CA LEU A 172 -11.79 31.50 -4.88
C LEU A 172 -11.82 30.40 -3.83
N ALA A 173 -12.38 30.69 -2.65
CA ALA A 173 -12.52 29.66 -1.62
C ALA A 173 -13.46 28.55 -2.07
N LEU A 174 -14.57 28.93 -2.72
CA LEU A 174 -15.49 27.92 -3.25
C LEU A 174 -14.81 27.10 -4.34
N ASP A 175 -14.02 27.74 -5.20
CA ASP A 175 -13.32 27.02 -6.25
C ASP A 175 -12.32 26.02 -5.68
N LEU A 176 -11.58 26.44 -4.64
CA LEU A 176 -10.60 25.53 -4.03
C LEU A 176 -11.26 24.36 -3.34
N ALA A 177 -12.39 24.61 -2.67
CA ALA A 177 -13.10 23.52 -1.98
C ALA A 177 -13.62 22.49 -2.97
N LEU A 178 -14.18 22.94 -4.09
CA LEU A 178 -14.68 22.02 -5.10
C LEU A 178 -13.55 21.22 -5.73
N SER A 179 -12.42 21.88 -6.00
CA SER A 179 -11.29 21.20 -6.62
C SER A 179 -10.63 20.23 -5.66
N LYS A 180 -10.55 20.60 -4.37
CA LYS A 180 -10.04 19.66 -3.38
C LYS A 180 -10.96 18.47 -3.21
N TYR A 181 -12.27 18.70 -3.32
CA TYR A 181 -13.23 17.59 -3.31
C TYR A 181 -13.02 16.66 -4.51
N LEU A 182 -12.74 17.24 -5.68
CA LEU A 182 -12.48 16.42 -6.86
C LEU A 182 -11.16 15.68 -6.75
N SER A 183 -10.17 16.30 -6.08
CA SER A 183 -8.86 15.66 -5.94
C SER A 183 -8.96 14.38 -5.12
N ASP A 184 -9.73 14.39 -4.04
CA ASP A 184 -9.93 13.18 -3.24
C ASP A 184 -10.85 12.19 -3.94
N LEU A 185 -11.78 12.70 -4.76
CA LEU A 185 -12.75 11.84 -5.43
C LEU A 185 -12.13 11.09 -6.60
N LEU A 186 -11.09 11.65 -7.22
CA LEU A 186 -10.62 11.13 -8.50
C LEU A 186 -10.01 9.74 -8.38
N PHE A 187 -9.44 9.41 -7.22
CA PHE A 187 -8.80 8.11 -7.07
C PHE A 187 -9.82 6.98 -7.10
N VAL A 188 -11.02 7.20 -6.58
CA VAL A 188 -12.03 6.15 -6.51
C VAL A 188 -12.98 6.19 -7.70
N PHE A 189 -13.45 7.38 -8.06
CA PHE A 189 -14.48 7.54 -9.08
C PHE A 189 -13.91 7.95 -10.44
N GLY A 190 -12.59 7.90 -10.60
CA GLY A 190 -11.97 8.32 -11.83
C GLY A 190 -11.86 7.19 -12.83
N PRO A 191 -10.84 7.26 -13.70
CA PRO A 191 -10.66 6.19 -14.69
C PRO A 191 -10.37 4.83 -14.09
N ASN A 192 -9.96 4.77 -12.82
CA ASN A 192 -9.76 3.48 -12.17
C ASN A 192 -11.06 2.69 -12.09
N LEU A 193 -12.19 3.38 -11.90
CA LEU A 193 -13.50 2.73 -11.83
C LEU A 193 -13.95 2.39 -13.25
N GLN A 194 -13.36 1.33 -13.80
CA GLN A 194 -13.75 0.83 -15.10
C GLN A 194 -14.93 -0.13 -15.04
N ASP A 195 -15.29 -0.62 -13.85
CA ASP A 195 -16.36 -1.60 -13.69
C ASP A 195 -17.29 -1.14 -12.56
N PRO A 196 -18.13 -0.14 -12.83
CA PRO A 196 -19.10 0.27 -11.80
C PRO A 196 -20.18 -0.77 -11.54
N VAL A 197 -20.36 -1.74 -12.43
CA VAL A 197 -21.36 -2.80 -12.22
C VAL A 197 -20.65 -3.89 -11.43
N SER A 198 -20.62 -3.70 -10.10
CA SER A 198 -19.98 -4.61 -9.18
C SER A 198 -20.38 -4.22 -7.77
N ASN A 199 -20.60 -5.23 -6.92
CA ASN A 199 -20.96 -5.02 -5.53
C ASN A 199 -19.81 -5.32 -4.59
N SER A 200 -18.57 -5.24 -5.07
CA SER A 200 -17.39 -5.53 -4.27
C SER A 200 -16.65 -4.28 -3.81
N MET A 201 -17.16 -3.09 -4.13
CA MET A 201 -16.48 -1.86 -3.77
C MET A 201 -17.07 -1.33 -2.47
N THR A 202 -16.21 -1.11 -1.48
CA THR A 202 -16.65 -0.93 -0.10
C THR A 202 -17.36 0.41 0.11
N ILE A 203 -18.09 0.49 1.22
CA ILE A 203 -18.79 1.72 1.57
C ILE A 203 -17.80 2.83 1.90
N GLN A 204 -16.59 2.48 2.35
CA GLN A 204 -15.58 3.50 2.59
C GLN A 204 -15.16 4.17 1.30
N ALA A 205 -15.01 3.39 0.22
CA ALA A 205 -14.71 3.99 -1.08
C ALA A 205 -15.88 4.81 -1.60
N ILE A 206 -17.11 4.33 -1.38
CA ILE A 206 -18.29 5.09 -1.78
C ILE A 206 -18.36 6.42 -1.06
N SER A 207 -17.95 6.45 0.21
CA SER A 207 -18.06 7.66 1.01
C SER A 207 -17.17 8.78 0.52
N GLN A 208 -16.20 8.47 -0.37
CA GLN A 208 -15.36 9.52 -0.93
C GLN A 208 -16.17 10.54 -1.73
N ALA A 209 -17.36 10.16 -2.21
CA ALA A 209 -18.27 11.12 -2.81
C ALA A 209 -18.92 12.01 -1.77
N PHE A 210 -18.88 11.63 -0.49
CA PHE A 210 -19.39 12.42 0.61
C PHE A 210 -18.27 12.90 1.53
N GLY A 211 -17.06 13.05 0.98
CA GLY A 211 -15.93 13.48 1.76
C GLY A 211 -15.31 12.43 2.66
N GLY A 212 -15.69 11.17 2.50
CA GLY A 212 -15.15 10.12 3.33
C GLY A 212 -15.88 9.89 4.64
N ASN A 213 -17.13 10.31 4.74
CA ASN A 213 -17.89 10.21 5.98
C ASN A 213 -18.82 8.99 5.96
N TYR A 214 -18.19 7.81 5.84
CA TYR A 214 -18.95 6.57 5.90
C TYR A 214 -19.56 6.35 7.28
N GLU A 215 -18.95 6.90 8.33
CA GLU A 215 -19.57 6.85 9.65
C GLU A 215 -20.91 7.58 9.66
N THR A 216 -20.95 8.78 9.06
CA THR A 216 -22.21 9.49 8.94
C THR A 216 -23.21 8.71 8.10
N LEU A 217 -22.75 8.15 6.97
CA LEU A 217 -23.64 7.37 6.11
C LEU A 217 -24.29 6.23 6.88
N LEU A 218 -23.48 5.41 7.55
CA LEU A 218 -24.00 4.22 8.23
C LEU A 218 -24.81 4.59 9.47
N ARG A 219 -24.41 5.63 10.20
CA ARG A 219 -25.19 6.04 11.37
C ARG A 219 -26.55 6.59 10.97
N THR A 220 -26.60 7.36 9.88
CA THR A 220 -27.88 7.85 9.38
C THR A 220 -28.75 6.72 8.86
N LEU A 221 -28.13 5.72 8.21
CA LEU A 221 -28.90 4.57 7.75
C LEU A 221 -29.46 3.75 8.91
N GLY A 222 -28.97 3.96 10.13
CA GLY A 222 -29.51 3.26 11.28
C GLY A 222 -29.10 1.81 11.42
N TYR A 223 -27.99 1.41 10.80
CA TYR A 223 -27.52 0.03 10.89
C TYR A 223 -26.81 -0.15 12.23
N ALA A 224 -27.52 -0.75 13.19
CA ALA A 224 -27.00 -1.01 14.52
C ALA A 224 -26.90 -2.51 14.73
N THR A 225 -25.71 -2.98 15.08
CA THR A 225 -25.49 -4.39 15.33
C THR A 225 -24.21 -4.56 16.15
N GLU A 226 -24.07 -5.75 16.74
CA GLU A 226 -22.88 -6.04 17.53
C GLU A 226 -21.64 -6.12 16.65
N ASP A 227 -21.77 -6.70 15.44
CA ASP A 227 -20.64 -6.89 14.54
C ASP A 227 -20.45 -5.74 13.57
N PHE A 228 -20.86 -4.53 13.95
CA PHE A 228 -20.77 -3.39 13.04
C PHE A 228 -19.33 -3.06 12.67
N ASP A 229 -18.47 -2.90 13.68
CA ASP A 229 -17.08 -2.55 13.42
C ASP A 229 -16.35 -3.69 12.73
N ASP A 230 -16.67 -4.93 13.09
CA ASP A 230 -16.06 -6.08 12.42
C ASP A 230 -16.43 -6.12 10.94
N LEU A 231 -17.69 -5.85 10.62
CA LEU A 231 -18.11 -5.80 9.23
C LEU A 231 -17.45 -4.64 8.49
N LEU A 232 -17.28 -3.51 9.17
CA LEU A 232 -16.62 -2.36 8.56
C LEU A 232 -15.16 -2.67 8.21
N GLU A 233 -14.42 -3.22 9.18
CA GLU A 233 -12.99 -3.45 8.97
C GLU A 233 -12.69 -4.71 8.18
N SER A 234 -13.65 -5.60 8.02
CA SER A 234 -13.47 -6.76 7.14
C SER A 234 -13.80 -6.45 5.69
N ASP A 235 -14.17 -5.20 5.38
CA ASP A 235 -14.56 -4.78 4.05
C ASP A 235 -15.76 -5.58 3.54
N SER A 236 -16.69 -5.86 4.46
CA SER A 236 -17.89 -6.63 4.11
C SER A 236 -19.06 -5.75 3.73
N ILE A 237 -19.13 -4.52 4.25
CA ILE A 237 -20.16 -3.58 3.85
C ILE A 237 -19.76 -2.94 2.54
N ALA A 238 -20.57 -3.12 1.51
CA ALA A 238 -20.25 -2.67 0.17
C ALA A 238 -21.41 -1.88 -0.41
N GLY A 239 -21.09 -1.03 -1.38
CA GLY A 239 -22.08 -0.24 -2.07
C GLY A 239 -21.95 -0.40 -3.57
N GLN A 240 -23.07 -0.19 -4.27
CA GLN A 240 -23.12 -0.31 -5.71
C GLN A 240 -23.84 0.90 -6.29
N ILE A 241 -23.23 1.53 -7.28
CA ILE A 241 -23.86 2.64 -7.97
C ILE A 241 -24.86 2.08 -8.97
N VAL A 242 -26.13 2.41 -8.78
CA VAL A 242 -27.19 1.89 -9.63
C VAL A 242 -27.76 2.91 -10.60
N TYR A 243 -27.54 4.21 -10.36
CA TYR A 243 -28.05 5.23 -11.25
C TYR A 243 -27.17 6.47 -11.15
N VAL A 244 -26.93 7.11 -12.30
CA VAL A 244 -26.15 8.33 -12.37
C VAL A 244 -26.95 9.37 -13.14
N ASP A 245 -27.10 10.55 -12.56
CA ASP A 245 -27.82 11.65 -13.19
C ASP A 245 -26.82 12.72 -13.59
N LEU A 246 -26.80 13.07 -14.88
CA LEU A 246 -25.90 14.09 -15.39
C LEU A 246 -26.57 15.46 -15.48
N SER A 247 -27.84 15.57 -15.12
CA SER A 247 -28.53 16.85 -15.08
C SER A 247 -28.63 17.43 -13.69
N SER A 248 -28.85 16.60 -12.67
CA SER A 248 -28.85 17.03 -11.28
C SER A 248 -27.58 16.65 -10.54
N TYR A 249 -26.70 15.85 -11.15
CA TYR A 249 -25.39 15.50 -10.59
C TYR A 249 -25.53 14.81 -9.23
N TYR A 250 -26.17 13.65 -9.25
CA TYR A 250 -26.27 12.80 -8.08
C TYR A 250 -26.22 11.35 -8.52
N ILE A 251 -25.88 10.48 -7.58
CA ILE A 251 -25.84 9.05 -7.82
C ILE A 251 -26.70 8.35 -6.78
N ILE A 252 -27.25 7.21 -7.16
CA ILE A 252 -28.01 6.36 -6.26
C ILE A 252 -27.16 5.14 -5.95
N VAL A 253 -26.92 4.90 -4.67
CA VAL A 253 -26.06 3.82 -4.21
C VAL A 253 -26.87 2.88 -3.33
N ARG A 254 -26.77 1.59 -3.61
CA ARG A 254 -27.41 0.56 -2.80
C ARG A 254 -26.38 -0.05 -1.87
N VAL A 255 -26.58 0.12 -0.57
CA VAL A 255 -25.65 -0.37 0.44
C VAL A 255 -26.09 -1.75 0.89
N TYR A 256 -25.16 -2.70 0.91
CA TYR A 256 -25.44 -4.07 1.31
C TYR A 256 -24.94 -4.31 2.74
N PHE A 257 -25.83 -4.79 3.60
CA PHE A 257 -25.49 -5.04 5.00
C PHE A 257 -25.55 -6.54 5.27
N PRO A 258 -24.42 -7.24 5.24
CA PRO A 258 -24.43 -8.68 5.51
C PRO A 258 -24.34 -8.96 7.01
N ILE A 259 -24.55 -10.23 7.34
CA ILE A 259 -24.34 -10.73 8.69
C ILE A 259 -23.14 -11.67 8.66
N LEU A 260 -22.45 -11.77 9.80
CA LEU A 260 -21.27 -12.60 9.90
C LEU A 260 -21.68 -14.02 10.29
N THR A 261 -21.42 -14.98 9.40
CA THR A 261 -21.77 -16.37 9.63
C THR A 261 -20.52 -17.13 10.06
N GLU A 262 -20.58 -17.75 11.24
CA GLU A 262 -19.48 -18.54 11.74
C GLU A 262 -19.49 -19.90 11.06
N ILE A 263 -18.40 -20.23 10.37
CA ILE A 263 -18.31 -21.50 9.67
C ILE A 263 -18.22 -22.63 10.68
N GLN A 264 -19.08 -23.63 10.52
CA GLN A 264 -19.13 -24.73 11.48
C GLN A 264 -17.94 -25.66 11.30
N GLN A 265 -17.39 -26.11 12.44
CA GLN A 265 -16.24 -27.02 12.46
C GLN A 265 -15.05 -26.44 11.70
N ALA A 266 -14.85 -25.13 11.84
CA ALA A 266 -13.75 -24.44 11.18
C ALA A 266 -13.12 -23.45 12.16
N TYR A 267 -11.79 -23.39 12.15
CA TYR A 267 -11.08 -22.44 12.98
C TYR A 267 -9.72 -22.17 12.35
N VAL A 268 -9.14 -21.04 12.72
CA VAL A 268 -7.82 -20.62 12.24
C VAL A 268 -6.85 -20.73 13.40
N GLN A 269 -5.78 -21.49 13.21
CA GLN A 269 -4.78 -21.73 14.24
C GLN A 269 -3.52 -20.92 13.91
N GLU A 270 -3.05 -20.16 14.89
CA GLU A 270 -1.86 -19.34 14.72
C GLU A 270 -0.66 -20.02 15.38
N LEU A 271 0.48 -19.97 14.69
CA LEU A 271 1.73 -20.52 15.20
C LEU A 271 2.72 -19.39 15.43
N LEU A 272 3.27 -19.33 16.64
CA LEU A 272 4.23 -18.27 16.99
C LEU A 272 5.63 -18.73 16.65
N PRO A 273 6.34 -18.06 15.73
CA PRO A 273 7.69 -18.50 15.36
C PRO A 273 8.71 -18.11 16.43
N VAL A 274 9.52 -19.08 16.83
CA VAL A 274 10.59 -18.88 17.81
C VAL A 274 11.86 -19.47 17.23
N SER A 275 12.95 -18.70 17.31
CA SER A 275 14.24 -19.18 16.82
C SER A 275 14.73 -20.35 17.66
N PHE A 276 15.36 -21.32 17.01
CA PHE A 276 15.89 -22.50 17.68
C PHE A 276 17.33 -22.75 17.23
N ASN A 277 18.05 -23.50 18.05
CA ASN A 277 19.47 -23.76 17.82
C ASN A 277 19.66 -25.11 17.17
N ASN A 278 20.52 -25.15 16.15
CA ASN A 278 20.86 -26.39 15.47
C ASN A 278 22.22 -26.22 14.80
N ASP A 279 23.11 -27.19 15.03
CA ASP A 279 24.46 -27.18 14.45
C ASP A 279 25.20 -25.89 14.78
N ASN A 280 25.13 -25.47 16.03
CA ASN A 280 25.82 -24.27 16.53
C ASN A 280 25.43 -23.02 15.75
N SER A 281 24.15 -22.93 15.37
CA SER A 281 23.65 -21.78 14.64
C SER A 281 22.18 -21.59 14.98
N GLU A 282 21.67 -20.39 14.68
CA GLU A 282 20.31 -20.01 15.01
C GLU A 282 19.46 -20.06 13.75
N TRP A 283 18.28 -20.68 13.86
CA TRP A 283 17.42 -20.92 12.71
C TRP A 283 15.99 -20.53 13.04
N ILE A 284 15.21 -20.29 11.99
CA ILE A 284 13.78 -20.06 12.09
C ILE A 284 13.10 -20.99 11.09
N SER A 285 11.84 -21.32 11.37
CA SER A 285 11.07 -22.26 10.56
C SER A 285 10.20 -21.51 9.57
N ILE A 286 10.26 -21.91 8.31
CA ILE A 286 9.48 -21.27 7.24
C ILE A 286 8.24 -22.13 7.04
N VAL A 287 7.20 -21.83 7.81
CA VAL A 287 5.89 -22.47 7.66
C VAL A 287 4.82 -21.39 7.76
N PRO A 288 3.61 -21.68 7.25
CA PRO A 288 2.53 -20.70 7.38
C PRO A 288 2.23 -20.39 8.84
N ASN A 289 2.13 -19.11 9.16
CA ASN A 289 1.83 -18.70 10.53
C ASN A 289 0.37 -18.92 10.89
N PHE A 290 -0.53 -18.80 9.91
CA PHE A 290 -1.95 -19.03 10.11
C PHE A 290 -2.38 -20.23 9.29
N VAL A 291 -2.99 -21.21 9.96
CA VAL A 291 -3.45 -22.44 9.33
C VAL A 291 -4.95 -22.55 9.53
N LEU A 292 -5.68 -22.70 8.44
CA LEU A 292 -7.13 -22.86 8.48
C LEU A 292 -7.47 -24.34 8.46
N ILE A 293 -8.20 -24.80 9.48
CA ILE A 293 -8.63 -26.19 9.59
C ILE A 293 -10.15 -26.20 9.49
N ARG A 294 -10.66 -26.78 8.41
CA ARG A 294 -12.09 -26.99 8.23
C ARG A 294 -12.35 -28.49 8.30
N ASN A 295 -13.20 -28.91 9.23
CA ASN A 295 -13.39 -30.32 9.54
C ASN A 295 -12.04 -30.96 9.86
N THR A 296 -11.62 -31.93 9.06
CA THR A 296 -10.31 -32.53 9.19
C THR A 296 -9.34 -32.08 8.10
N LEU A 297 -9.71 -31.08 7.31
CA LEU A 297 -8.90 -30.65 6.17
C LEU A 297 -8.03 -29.46 6.59
N ILE A 298 -6.75 -29.53 6.21
CA ILE A 298 -5.78 -28.49 6.53
C ILE A 298 -5.45 -27.74 5.23
N SER A 299 -5.54 -26.41 5.28
CA SER A 299 -5.25 -25.60 4.11
C SER A 299 -4.74 -24.24 4.57
N ASN A 300 -4.15 -23.50 3.63
CA ASN A 300 -3.68 -22.17 3.90
C ASN A 300 -4.84 -21.18 3.92
N ILE A 301 -4.55 -19.95 4.34
CA ILE A 301 -5.53 -18.87 4.34
C ILE A 301 -4.78 -17.55 4.17
N GLU A 302 -5.30 -16.69 3.29
CA GLU A 302 -4.71 -15.37 3.05
C GLU A 302 -5.31 -14.39 4.06
N VAL A 303 -4.71 -14.39 5.26
CA VAL A 303 -5.22 -13.55 6.35
C VAL A 303 -4.92 -12.08 6.17
N LYS A 304 -4.11 -11.71 5.18
CA LYS A 304 -3.83 -10.30 4.95
C LYS A 304 -5.04 -9.56 4.39
N TYR A 305 -5.93 -10.28 3.70
CA TYR A 305 -7.18 -9.69 3.21
C TYR A 305 -8.29 -9.70 4.25
N CYS A 306 -8.12 -10.43 5.35
CA CYS A 306 -9.14 -10.57 6.37
C CYS A 306 -8.88 -9.63 7.53
N LEU A 307 -9.84 -9.59 8.46
CA LEU A 307 -9.70 -8.88 9.72
C LEU A 307 -9.43 -9.88 10.82
N ILE A 308 -8.34 -9.67 11.56
CA ILE A 308 -7.91 -10.59 12.61
C ILE A 308 -8.17 -9.91 13.95
N THR A 309 -8.95 -10.58 14.79
CA THR A 309 -9.21 -10.15 16.16
C THR A 309 -8.72 -11.25 17.11
N LYS A 310 -8.84 -11.00 18.41
CA LYS A 310 -8.41 -12.00 19.38
C LYS A 310 -9.35 -13.20 19.44
N LYS A 311 -10.56 -13.07 18.90
CA LYS A 311 -11.55 -14.14 19.00
C LYS A 311 -11.83 -14.85 17.69
N SER A 312 -11.70 -14.17 16.55
CA SER A 312 -12.07 -14.79 15.28
C SER A 312 -11.32 -14.11 14.15
N VAL A 313 -11.29 -14.80 13.00
CA VAL A 313 -10.78 -14.27 11.75
C VAL A 313 -11.98 -13.99 10.86
N ILE A 314 -12.11 -12.73 10.43
CA ILE A 314 -13.31 -12.25 9.74
C ILE A 314 -12.92 -11.85 8.33
N CYS A 315 -13.58 -12.45 7.35
CA CYS A 315 -13.29 -12.20 5.94
C CYS A 315 -14.59 -11.92 5.19
N ASN A 316 -14.48 -11.12 4.13
CA ASN A 316 -15.62 -10.84 3.28
C ASN A 316 -15.87 -11.92 2.24
N GLN A 317 -14.94 -12.87 2.10
CA GLN A 317 -15.12 -14.02 1.23
C GLN A 317 -14.18 -15.11 1.69
N ASP A 318 -14.37 -16.31 1.13
CA ASP A 318 -13.52 -17.43 1.49
C ASP A 318 -12.13 -17.26 0.86
N TYR A 319 -11.11 -17.19 1.71
CA TYR A 319 -9.74 -16.98 1.26
C TYR A 319 -8.87 -18.22 1.44
N ALA A 320 -9.49 -19.40 1.50
CA ALA A 320 -8.73 -20.64 1.63
C ALA A 320 -7.93 -20.91 0.36
N THR A 321 -6.69 -21.33 0.53
CA THR A 321 -5.78 -21.64 -0.56
C THR A 321 -5.15 -23.00 -0.31
N PRO A 322 -4.69 -23.69 -1.36
CA PRO A 322 -4.19 -25.05 -1.19
C PRO A 322 -2.89 -25.08 -0.39
N MET A 323 -2.58 -26.28 0.11
CA MET A 323 -1.37 -26.56 0.86
C MET A 323 -0.68 -27.79 0.27
N THR A 324 0.64 -27.74 0.18
CA THR A 324 1.37 -28.87 -0.35
C THR A 324 1.36 -30.04 0.62
N ALA A 325 1.54 -31.24 0.07
CA ALA A 325 1.58 -32.44 0.91
C ALA A 325 2.76 -32.40 1.88
N SER A 326 3.90 -31.86 1.44
CA SER A 326 5.05 -31.75 2.33
C SER A 326 4.76 -30.83 3.52
N VAL A 327 4.14 -29.69 3.27
CA VAL A 327 3.83 -28.76 4.35
C VAL A 327 2.76 -29.35 5.27
N ARG A 328 1.78 -30.06 4.69
CA ARG A 328 0.77 -30.72 5.52
C ARG A 328 1.40 -31.77 6.42
N GLU A 329 2.34 -32.56 5.88
CA GLU A 329 3.04 -33.54 6.68
C GLU A 329 3.89 -32.89 7.76
N CYS A 330 4.50 -31.74 7.43
CA CYS A 330 5.22 -30.97 8.44
C CYS A 330 4.30 -30.56 9.58
N LEU A 331 3.10 -30.07 9.25
CA LEU A 331 2.18 -29.62 10.28
C LEU A 331 1.60 -30.78 11.08
N THR A 332 1.52 -31.97 10.48
CA THR A 332 0.95 -33.13 11.15
C THR A 332 1.97 -33.99 11.87
N GLY A 333 3.24 -33.61 11.87
CA GLY A 333 4.22 -34.31 12.66
C GLY A 333 5.57 -34.56 12.03
N SER A 334 5.62 -34.62 10.69
CA SER A 334 6.87 -34.91 9.99
C SER A 334 7.74 -33.65 9.99
N THR A 335 8.47 -33.48 11.10
CA THR A 335 9.31 -32.28 11.25
C THR A 335 10.46 -32.24 10.27
N ASP A 336 10.84 -33.37 9.67
CA ASP A 336 11.89 -33.37 8.66
C ASP A 336 11.44 -32.74 7.35
N LYS A 337 10.15 -32.51 7.17
CA LYS A 337 9.62 -31.85 5.98
C LYS A 337 9.46 -30.35 6.16
N CYS A 338 9.82 -29.81 7.32
CA CYS A 338 9.61 -28.39 7.60
C CYS A 338 10.81 -27.58 7.15
N PRO A 339 10.66 -26.68 6.18
CA PRO A 339 11.78 -25.81 5.79
C PRO A 339 12.19 -24.89 6.92
N ARG A 340 13.48 -24.63 7.01
CA ARG A 340 14.03 -23.74 8.03
C ARG A 340 14.99 -22.75 7.37
N GLU A 341 15.14 -21.59 8.00
CA GLU A 341 15.96 -20.51 7.46
C GLU A 341 16.92 -20.01 8.52
N LEU A 342 18.12 -19.64 8.09
CA LEU A 342 19.13 -19.13 9.00
C LEU A 342 18.69 -17.79 9.58
N VAL A 343 19.21 -17.48 10.77
CA VAL A 343 18.89 -16.24 11.47
C VAL A 343 20.15 -15.38 11.50
N VAL A 344 20.06 -14.20 10.89
CA VAL A 344 21.15 -13.23 10.93
C VAL A 344 20.75 -11.91 11.57
N SER A 345 19.46 -11.61 11.66
CA SER A 345 19.02 -10.38 12.31
C SER A 345 18.93 -10.57 13.82
N SER A 346 19.27 -9.53 14.56
CA SER A 346 19.19 -9.59 16.02
C SER A 346 17.75 -9.46 16.52
N HIS A 347 16.87 -8.85 15.73
CA HIS A 347 15.50 -8.58 16.17
C HIS A 347 14.56 -9.66 15.62
N VAL A 348 14.70 -10.86 16.18
CA VAL A 348 13.83 -11.98 15.87
C VAL A 348 13.52 -12.69 17.19
N PRO A 349 12.27 -13.08 17.44
CA PRO A 349 11.91 -13.61 18.76
C PRO A 349 12.70 -14.84 19.13
N ARG A 350 13.04 -14.95 20.41
CA ARG A 350 13.77 -16.10 20.94
C ARG A 350 12.99 -16.88 21.99
N PHE A 351 11.84 -16.40 22.45
CA PHE A 351 11.03 -17.15 23.39
C PHE A 351 9.57 -16.76 23.22
N ALA A 352 8.69 -17.63 23.72
CA ALA A 352 7.25 -17.40 23.66
C ALA A 352 6.59 -18.17 24.80
N LEU A 353 5.35 -17.81 25.08
CA LEU A 353 4.57 -18.40 26.15
C LEU A 353 3.30 -19.02 25.57
N SER A 354 2.98 -20.24 26.01
CA SER A 354 1.78 -20.92 25.55
C SER A 354 1.27 -21.82 26.66
N GLY A 355 0.07 -21.53 27.15
CA GLY A 355 -0.51 -22.31 28.23
C GLY A 355 0.26 -22.20 29.54
N GLY A 356 0.84 -21.05 29.82
CA GLY A 356 1.64 -20.88 31.02
C GLY A 356 2.99 -21.54 30.97
N VAL A 357 3.42 -22.01 29.81
CA VAL A 357 4.69 -22.71 29.63
C VAL A 357 5.56 -21.91 28.68
N LEU A 358 6.83 -21.75 29.05
CA LEU A 358 7.77 -20.95 28.29
C LEU A 358 8.60 -21.84 27.38
N PHE A 359 8.66 -21.49 26.10
CA PHE A 359 9.52 -22.15 25.12
C PHE A 359 10.58 -21.15 24.71
N ALA A 360 11.82 -21.36 25.15
CA ALA A 360 12.88 -20.38 24.99
C ALA A 360 14.13 -21.02 24.39
N ASN A 361 14.86 -20.22 23.63
CA ASN A 361 16.17 -20.62 23.11
C ASN A 361 17.21 -20.08 24.08
N CYS A 362 17.51 -20.86 25.11
CA CYS A 362 18.38 -20.41 26.18
C CYS A 362 19.84 -20.30 25.78
N ILE A 363 20.21 -20.79 24.59
CA ILE A 363 21.56 -20.54 24.10
C ILE A 363 21.71 -19.08 23.69
N SER A 364 20.68 -18.52 23.04
CA SER A 364 20.74 -17.15 22.55
C SER A 364 20.39 -16.11 23.61
N VAL A 365 19.51 -16.45 24.55
CA VAL A 365 19.14 -15.54 25.62
C VAL A 365 19.45 -16.20 26.96
N THR A 366 19.75 -15.37 27.96
CA THR A 366 20.13 -15.88 29.27
C THR A 366 18.89 -16.30 30.04
N CYS A 367 18.81 -17.58 30.41
CA CYS A 367 17.72 -18.11 31.22
C CYS A 367 18.24 -18.39 32.63
N GLN A 368 17.61 -17.74 33.61
CA GLN A 368 17.97 -17.95 35.01
C GLN A 368 16.70 -18.10 35.82
N CYS A 369 16.74 -19.00 36.81
CA CYS A 369 15.59 -19.24 37.67
C CYS A 369 15.73 -18.44 38.96
N GLN A 370 14.64 -17.77 39.35
CA GLN A 370 14.63 -17.01 40.58
C GLN A 370 14.51 -17.90 41.82
N THR A 371 13.79 -19.01 41.70
CA THR A 371 13.54 -19.87 42.86
C THR A 371 14.83 -20.45 43.40
N THR A 372 15.71 -20.94 42.52
CA THR A 372 16.96 -21.56 42.95
C THR A 372 18.18 -20.67 42.78
N GLY A 373 18.11 -19.68 41.89
CA GLY A 373 19.24 -18.82 41.63
C GLY A 373 20.24 -19.36 40.63
N ARG A 374 20.02 -20.56 40.10
CA ARG A 374 20.92 -21.17 39.15
C ARG A 374 20.43 -20.94 37.72
N ALA A 375 21.36 -20.66 36.83
CA ALA A 375 21.01 -20.43 35.44
C ALA A 375 20.54 -21.72 34.77
N ILE A 376 19.57 -21.56 33.87
CA ILE A 376 19.04 -22.68 33.09
C ILE A 376 19.90 -22.84 31.85
N SER A 377 20.47 -24.03 31.67
CA SER A 377 21.42 -24.30 30.60
C SER A 377 20.78 -25.16 29.53
N GLN A 378 21.04 -24.82 28.27
CA GLN A 378 20.59 -25.58 27.13
C GLN A 378 21.79 -26.18 26.43
N SER A 379 21.77 -27.50 26.24
CA SER A 379 22.88 -28.17 25.58
C SER A 379 22.85 -27.89 24.08
N GLY A 380 23.92 -28.30 23.41
CA GLY A 380 24.01 -28.09 21.97
C GLY A 380 23.15 -29.02 21.15
N GLU A 381 22.60 -30.07 21.77
CA GLU A 381 21.76 -31.02 21.08
C GLU A 381 20.26 -30.72 21.22
N GLN A 382 19.90 -29.62 21.88
CA GLN A 382 18.51 -29.26 22.10
C GLN A 382 18.17 -28.01 21.30
N THR A 383 17.10 -28.08 20.52
CA THR A 383 16.66 -26.92 19.75
C THR A 383 16.03 -25.86 20.66
N LEU A 384 15.17 -26.29 21.58
CA LEU A 384 14.49 -25.39 22.48
C LEU A 384 14.37 -26.04 23.85
N LEU A 385 14.13 -25.22 24.86
CA LEU A 385 13.89 -25.69 26.22
C LEU A 385 12.45 -25.36 26.61
N MET A 386 11.74 -26.37 27.11
CA MET A 386 10.43 -26.17 27.72
C MET A 386 10.64 -25.93 29.20
N ILE A 387 10.22 -24.78 29.69
CA ILE A 387 10.36 -24.42 31.10
C ILE A 387 8.96 -24.28 31.69
N ASP A 388 8.61 -25.21 32.58
CA ASP A 388 7.38 -25.16 33.35
C ASP A 388 7.74 -25.11 34.83
N ASN A 389 6.73 -25.06 35.69
CA ASN A 389 6.99 -25.00 37.12
C ASN A 389 7.42 -26.33 37.70
N THR A 390 7.39 -27.41 36.91
CA THR A 390 8.06 -28.64 37.30
C THR A 390 9.57 -28.46 37.25
N THR A 391 10.08 -27.85 36.17
CA THR A 391 11.50 -27.54 36.09
C THR A 391 11.89 -26.54 37.17
N CYS A 392 11.19 -25.41 37.23
CA CYS A 392 11.32 -24.46 38.34
C CYS A 392 10.21 -23.42 38.19
N THR A 393 9.73 -22.89 39.32
CA THR A 393 8.45 -22.19 39.33
C THR A 393 8.51 -20.78 38.73
N THR A 394 9.68 -20.17 38.64
CA THR A 394 9.75 -18.77 38.20
C THR A 394 11.07 -18.54 37.48
N VAL A 395 10.99 -18.21 36.19
CA VAL A 395 12.16 -18.00 35.35
C VAL A 395 12.37 -16.50 35.18
N VAL A 396 13.62 -16.10 34.98
CA VAL A 396 14.00 -14.72 34.76
C VAL A 396 14.69 -14.60 33.41
N LEU A 397 14.21 -13.68 32.57
CA LEU A 397 14.80 -13.40 31.27
C LEU A 397 15.15 -11.91 31.22
N GLY A 398 16.33 -11.57 31.72
CA GLY A 398 16.73 -10.18 31.77
C GLY A 398 15.90 -9.36 32.75
N ASN A 399 15.10 -8.44 32.23
CA ASN A 399 14.22 -7.62 33.05
C ASN A 399 12.83 -8.23 33.21
N ILE A 400 12.62 -9.44 32.71
CA ILE A 400 11.31 -10.08 32.73
C ILE A 400 11.35 -11.25 33.71
N ILE A 401 10.40 -11.27 34.64
CA ILE A 401 10.23 -12.36 35.59
C ILE A 401 8.83 -12.93 35.40
N ILE A 402 8.75 -14.23 35.12
CA ILE A 402 7.48 -14.88 34.78
C ILE A 402 7.28 -16.07 35.70
N SER A 403 6.07 -16.20 36.24
CA SER A 403 5.64 -17.41 36.92
C SER A 403 5.04 -18.37 35.90
N LEU A 404 5.41 -19.64 36.00
CA LEU A 404 5.11 -20.61 34.95
C LEU A 404 4.12 -21.65 35.45
N GLY A 405 3.35 -22.19 34.52
CA GLY A 405 2.41 -23.26 34.80
C GLY A 405 3.03 -24.63 34.59
N LYS A 406 2.17 -25.61 34.35
CA LYS A 406 2.59 -26.99 34.15
C LYS A 406 2.31 -27.41 32.72
N TYR A 407 3.27 -28.12 32.11
CA TYR A 407 3.12 -28.59 30.74
C TYR A 407 2.17 -29.78 30.70
N LEU A 408 1.24 -29.75 29.77
CA LEU A 408 0.27 -30.83 29.60
C LEU A 408 0.73 -31.89 28.61
N GLY A 409 1.94 -31.77 28.08
CA GLY A 409 2.47 -32.73 27.14
C GLY A 409 3.31 -33.81 27.80
N SER A 410 4.25 -34.35 27.03
CA SER A 410 5.11 -35.41 27.54
C SER A 410 6.04 -34.88 28.64
N ILE A 411 6.29 -35.73 29.63
CA ILE A 411 7.20 -35.35 30.72
C ILE A 411 8.66 -35.43 30.29
N ASN A 412 8.96 -36.16 29.22
CA ASN A 412 10.32 -36.29 28.70
C ASN A 412 10.55 -35.37 27.51
N TYR A 413 9.94 -34.19 27.52
CA TYR A 413 10.05 -33.25 26.40
C TYR A 413 11.49 -32.84 26.18
N ASN A 414 12.18 -32.40 27.23
CA ASN A 414 13.54 -31.91 27.09
C ASN A 414 14.55 -33.03 26.90
N SER A 415 14.16 -34.28 27.09
CA SER A 415 15.02 -35.43 26.84
C SER A 415 14.84 -36.01 25.45
N GLU A 416 13.65 -35.91 24.88
CA GLU A 416 13.39 -36.43 23.55
C GLU A 416 13.72 -35.39 22.49
N SER A 417 14.49 -35.79 21.49
CA SER A 417 14.87 -34.93 20.38
C SER A 417 14.18 -35.38 19.10
N ILE A 418 14.26 -34.54 18.07
CA ILE A 418 13.62 -34.78 16.78
C ILE A 418 14.65 -34.55 15.68
N ALA A 419 14.20 -34.66 14.44
CA ALA A 419 14.98 -34.32 13.27
C ALA A 419 14.56 -32.96 12.74
N VAL A 420 15.48 -32.29 12.05
CA VAL A 420 15.24 -30.95 11.53
C VAL A 420 15.11 -31.01 10.01
N GLY A 421 14.44 -30.01 9.46
CA GLY A 421 14.17 -29.95 8.05
C GLY A 421 15.31 -29.35 7.24
N PRO A 422 15.12 -29.24 5.93
CA PRO A 422 16.18 -28.71 5.07
C PRO A 422 16.23 -27.19 5.13
N PRO A 423 17.42 -26.61 5.13
CA PRO A 423 17.54 -25.15 5.13
C PRO A 423 17.06 -24.55 3.82
N VAL A 424 16.46 -23.36 3.91
CA VAL A 424 15.95 -22.63 2.74
C VAL A 424 16.32 -21.16 2.86
N TYR A 425 16.20 -20.47 1.72
CA TYR A 425 16.35 -19.02 1.65
C TYR A 425 15.15 -18.46 0.92
N THR A 426 14.46 -17.49 1.53
CA THR A 426 13.17 -17.01 1.04
C THR A 426 13.27 -15.71 0.26
N ASP A 427 14.45 -15.17 0.04
CA ASP A 427 14.58 -13.96 -0.74
C ASP A 427 14.27 -14.23 -2.21
N LYS A 428 13.84 -13.20 -2.93
CA LYS A 428 13.47 -13.38 -4.33
C LYS A 428 14.68 -13.74 -5.18
N VAL A 429 15.77 -13.00 -5.04
CA VAL A 429 16.98 -13.29 -5.79
C VAL A 429 17.56 -14.64 -5.37
N ASP A 430 17.45 -14.97 -4.08
CA ASP A 430 17.90 -16.28 -3.62
C ASP A 430 17.10 -17.41 -4.25
N ILE A 431 15.78 -17.22 -4.37
CA ILE A 431 14.94 -18.23 -5.00
C ILE A 431 15.32 -18.39 -6.47
N SER A 432 15.52 -17.27 -7.17
CA SER A 432 15.91 -17.33 -8.57
C SER A 432 17.26 -18.05 -8.73
N SER A 433 18.21 -17.72 -7.86
CA SER A 433 19.53 -18.36 -7.94
C SER A 433 19.45 -19.85 -7.63
N GLN A 434 18.65 -20.23 -6.63
CA GLN A 434 18.48 -21.65 -6.33
C GLN A 434 17.85 -22.40 -7.49
N ILE A 435 16.83 -21.80 -8.12
CA ILE A 435 16.20 -22.42 -9.27
C ILE A 435 17.20 -22.59 -10.40
N SER A 436 18.00 -21.57 -10.68
CA SER A 436 18.99 -21.67 -11.75
C SER A 436 20.04 -22.73 -11.43
N SER A 437 20.52 -22.79 -10.19
CA SER A 437 21.52 -23.78 -9.82
C SER A 437 20.96 -25.19 -9.92
N MET A 438 19.74 -25.41 -9.45
CA MET A 438 19.12 -26.72 -9.57
C MET A 438 18.85 -27.10 -11.03
N ASN A 439 18.47 -26.15 -11.88
CA ASN A 439 18.34 -26.45 -13.30
C ASN A 439 19.68 -26.82 -13.93
N GLN A 440 20.75 -26.12 -13.55
CA GLN A 440 22.07 -26.44 -14.06
C GLN A 440 22.47 -27.86 -13.65
N SER A 441 22.21 -28.20 -12.39
CA SER A 441 22.51 -29.55 -11.91
C SER A 441 21.68 -30.60 -12.64
N LEU A 442 20.39 -30.33 -12.85
CA LEU A 442 19.54 -31.28 -13.55
C LEU A 442 19.98 -31.47 -15.00
N GLN A 443 20.34 -30.39 -15.67
CA GLN A 443 20.81 -30.49 -17.05
C GLN A 443 22.14 -31.22 -17.13
N GLN A 444 23.03 -31.00 -16.16
CA GLN A 444 24.28 -31.76 -16.12
C GLN A 444 24.02 -33.24 -15.91
N SER A 445 23.07 -33.58 -15.04
CA SER A 445 22.70 -34.98 -14.84
C SER A 445 22.12 -35.58 -16.12
N LYS A 446 21.27 -34.84 -16.81
CA LYS A 446 20.67 -35.31 -18.06
C LYS A 446 21.24 -34.56 -19.27
N GLY B 1 -6.43 -13.97 -32.66
CA GLY B 1 -5.08 -13.54 -32.32
C GLY B 1 -4.06 -14.66 -32.37
N ILE B 2 -2.83 -14.34 -31.95
CA ILE B 2 -1.77 -15.34 -31.93
C ILE B 2 -2.06 -16.43 -30.90
N LEU B 3 -2.74 -16.07 -29.81
CA LEU B 3 -3.06 -17.05 -28.78
C LEU B 3 -4.11 -18.04 -29.29
N HIS B 4 -4.01 -19.28 -28.82
CA HIS B 4 -4.95 -20.34 -29.19
C HIS B 4 -6.12 -20.26 -28.22
N TYR B 5 -7.10 -19.41 -28.56
CA TYR B 5 -8.19 -19.14 -27.64
C TYR B 5 -9.07 -20.37 -27.43
N GLU B 6 -9.30 -21.16 -28.47
CA GLU B 6 -10.15 -22.33 -28.33
C GLU B 6 -9.56 -23.35 -27.36
N LYS B 7 -8.26 -23.61 -27.47
CA LYS B 7 -7.63 -24.53 -26.54
C LYS B 7 -7.47 -23.92 -25.15
N LEU B 8 -7.26 -22.61 -25.07
CA LEU B 8 -7.14 -21.96 -23.77
C LEU B 8 -8.46 -22.01 -23.01
N SER B 9 -9.59 -21.88 -23.73
CA SER B 9 -10.89 -21.80 -23.08
C SER B 9 -11.29 -23.08 -22.37
N LYS B 10 -10.71 -24.21 -22.74
CA LYS B 10 -11.08 -25.48 -22.13
C LYS B 10 -10.41 -25.71 -20.78
N ILE B 11 -9.45 -24.88 -20.39
CA ILE B 11 -8.80 -24.98 -19.09
C ILE B 11 -9.04 -23.70 -18.32
N GLY B 12 -10.19 -23.08 -18.53
CA GLY B 12 -10.46 -21.77 -18.00
C GLY B 12 -10.02 -20.72 -18.99
N LEU B 13 -9.43 -19.62 -18.52
CA LEU B 13 -8.76 -18.65 -19.37
C LEU B 13 -9.66 -18.20 -20.53
N VAL B 14 -10.89 -17.84 -20.19
CA VAL B 14 -11.84 -17.38 -21.20
C VAL B 14 -11.41 -16.02 -21.72
N LYS B 15 -11.45 -15.85 -23.04
CA LYS B 15 -10.98 -14.62 -23.67
C LYS B 15 -11.78 -13.42 -23.19
N GLY B 16 -11.08 -12.37 -22.77
CA GLY B 16 -11.68 -11.16 -22.25
C GLY B 16 -11.57 -10.00 -23.20
N ILE B 17 -11.53 -8.80 -22.64
CA ILE B 17 -11.48 -7.57 -23.42
C ILE B 17 -10.09 -7.39 -24.01
N THR B 18 -10.04 -7.02 -25.28
CA THR B 18 -8.78 -6.68 -25.95
C THR B 18 -8.58 -5.17 -25.85
N ARG B 19 -7.45 -4.77 -25.27
CA ARG B 19 -7.14 -3.37 -25.02
C ARG B 19 -5.86 -2.98 -25.74
N LYS B 20 -5.84 -1.79 -26.32
CA LYS B 20 -4.64 -1.30 -26.97
C LYS B 20 -3.65 -0.77 -25.94
N TYR B 21 -2.39 -0.65 -26.37
CA TYR B 21 -1.29 -0.26 -25.50
C TYR B 21 -0.93 1.20 -25.72
N LYS B 22 -0.92 1.98 -24.65
CA LYS B 22 -0.63 3.41 -24.71
C LYS B 22 0.45 3.76 -23.71
N ILE B 23 1.43 4.54 -24.16
CA ILE B 23 2.53 5.01 -23.32
C ILE B 23 2.70 6.50 -23.56
N LYS B 24 2.89 7.26 -22.48
CA LYS B 24 3.05 8.70 -22.59
C LYS B 24 4.40 9.06 -23.22
N SER B 25 4.41 10.18 -23.94
CA SER B 25 5.63 10.66 -24.58
C SER B 25 5.44 12.11 -24.96
N ASN B 26 6.55 12.76 -25.34
CA ASN B 26 6.59 14.13 -25.84
C ASN B 26 5.95 15.10 -24.86
N PRO B 27 6.57 15.34 -23.70
CA PRO B 27 5.94 16.23 -22.71
C PRO B 27 6.16 17.70 -23.03
N LEU B 28 5.18 18.51 -22.65
CA LEU B 28 5.29 19.96 -22.69
C LEU B 28 5.44 20.49 -21.27
N THR B 29 6.33 21.45 -21.10
CA THR B 29 6.74 21.91 -19.79
C THR B 29 6.14 23.27 -19.47
N LYS B 30 5.60 23.41 -18.27
CA LYS B 30 5.13 24.68 -17.74
C LYS B 30 5.68 24.85 -16.32
N ASP B 31 6.05 26.09 -15.99
CA ASP B 31 6.66 26.39 -14.71
C ASP B 31 5.66 27.06 -13.77
N ILE B 32 5.64 26.60 -12.52
CA ILE B 32 4.78 27.17 -11.49
C ILE B 32 5.61 27.41 -10.24
N VAL B 33 5.09 28.26 -9.37
CA VAL B 33 5.72 28.59 -8.10
C VAL B 33 4.78 28.20 -6.98
N ILE B 34 5.27 27.40 -6.04
CA ILE B 34 4.53 27.02 -4.85
C ILE B 34 5.19 27.68 -3.64
N LYS B 35 4.43 28.54 -2.96
CA LYS B 35 4.93 29.28 -1.80
C LYS B 35 4.52 28.51 -0.56
N MET B 36 5.49 27.88 0.10
CA MET B 36 5.21 26.97 1.21
C MET B 36 4.84 27.69 2.50
N ILE B 37 4.95 29.01 2.54
CA ILE B 37 4.58 29.78 3.73
C ILE B 37 3.46 30.75 3.37
N PRO B 38 2.42 30.86 4.17
CA PRO B 38 1.35 31.81 3.88
C PRO B 38 1.72 33.22 4.29
N ASN B 39 0.93 34.18 3.81
CA ASN B 39 1.11 35.59 4.14
C ASN B 39 0.20 35.93 5.32
N VAL B 40 0.79 36.20 6.48
CA VAL B 40 0.04 36.45 7.70
C VAL B 40 0.12 37.92 8.06
N SER B 41 0.26 38.79 7.06
CA SER B 41 0.36 40.21 7.32
C SER B 41 -0.91 40.76 7.95
N ASN B 42 -2.06 40.14 7.68
CA ASN B 42 -3.33 40.62 8.20
C ASN B 42 -3.75 39.94 9.51
N VAL B 43 -2.96 38.99 10.02
CA VAL B 43 -3.21 38.38 11.31
C VAL B 43 -1.94 38.49 12.15
N SER B 44 -1.01 39.33 11.71
CA SER B 44 0.31 39.42 12.35
C SER B 44 0.25 39.99 13.76
N LYS B 45 -0.90 40.52 14.18
CA LYS B 45 -0.97 41.13 15.51
C LYS B 45 -0.62 40.14 16.62
N CYS B 46 -1.10 38.91 16.52
CA CYS B 46 -0.81 37.88 17.51
C CYS B 46 -0.45 36.56 16.86
N THR B 47 0.45 36.59 15.88
CA THR B 47 1.11 35.37 15.41
C THR B 47 2.15 34.86 16.39
N GLY B 48 2.70 35.73 17.23
CA GLY B 48 3.65 35.29 18.24
C GLY B 48 4.92 34.76 17.60
N THR B 49 5.49 33.74 18.24
CA THR B 49 6.68 33.06 17.76
C THR B 49 6.33 31.89 16.83
N VAL B 50 5.05 31.74 16.50
CA VAL B 50 4.61 30.62 15.68
C VAL B 50 5.27 30.63 14.32
N MET B 51 5.31 31.80 13.67
CA MET B 51 5.90 31.87 12.33
C MET B 51 7.41 31.71 12.37
N GLU B 52 8.08 32.24 13.38
CA GLU B 52 9.52 32.01 13.49
C GLU B 52 9.83 30.53 13.68
N ASN B 53 9.07 29.86 14.54
CA ASN B 53 9.27 28.42 14.73
C ASN B 53 8.95 27.65 13.46
N TYR B 54 7.90 28.05 12.74
CA TYR B 54 7.55 27.38 11.49
C TYR B 54 8.64 27.55 10.45
N LYS B 55 9.21 28.75 10.34
CA LYS B 55 10.29 28.98 9.40
C LYS B 55 11.52 28.18 9.77
N SER B 56 11.83 28.09 11.06
CA SER B 56 12.96 27.27 11.50
C SER B 56 12.73 25.80 11.17
N ARG B 57 11.51 25.31 11.35
CA ARG B 57 11.21 23.92 11.04
C ARG B 57 11.25 23.65 9.55
N LEU B 58 10.75 24.60 8.74
CA LEU B 58 10.69 24.42 7.30
C LEU B 58 12.05 24.55 6.63
N THR B 59 12.94 25.35 7.22
CA THR B 59 14.30 25.46 6.67
C THR B 59 15.02 24.12 6.73
N GLY B 60 14.84 23.37 7.83
CA GLY B 60 15.45 22.07 7.95
C GLY B 60 14.91 21.05 6.96
N ILE B 61 13.67 21.24 6.49
CA ILE B 61 13.11 20.35 5.49
C ILE B 61 13.60 20.74 4.10
N LEU B 62 13.61 22.04 3.80
CA LEU B 62 13.92 22.50 2.45
C LEU B 62 15.42 22.54 2.16
N SER B 63 16.26 22.59 3.20
CA SER B 63 17.70 22.72 2.97
C SER B 63 18.33 21.53 2.26
N PRO B 64 18.07 20.26 2.65
CA PRO B 64 18.67 19.16 1.89
C PRO B 64 18.25 19.10 0.43
N ILE B 65 16.99 19.44 0.13
CA ILE B 65 16.54 19.46 -1.26
C ILE B 65 17.32 20.52 -2.04
N LYS B 66 17.48 21.70 -1.45
CA LYS B 66 18.25 22.76 -2.11
C LYS B 66 19.69 22.32 -2.32
N GLY B 67 20.30 21.69 -1.32
CA GLY B 67 21.67 21.23 -1.48
C GLY B 67 21.82 20.21 -2.59
N ALA B 68 20.89 19.26 -2.65
CA ALA B 68 20.95 18.27 -3.73
C ALA B 68 20.73 18.91 -5.09
N ILE B 69 19.91 19.96 -5.17
CA ILE B 69 19.70 20.64 -6.45
C ILE B 69 20.96 21.40 -6.87
N GLU B 70 21.56 22.15 -5.96
CA GLU B 70 22.80 22.83 -6.31
C GLU B 70 23.96 21.88 -6.55
N LEU B 71 23.86 20.63 -6.08
CA LEU B 71 24.88 19.65 -6.42
C LEU B 71 24.98 19.47 -7.93
N TYR B 72 23.83 19.43 -8.61
CA TYR B 72 23.81 19.35 -10.06
C TYR B 72 23.92 20.70 -10.74
N ASN B 73 23.40 21.76 -10.10
CA ASN B 73 23.49 23.09 -10.69
C ASN B 73 24.94 23.56 -10.79
N ASN B 74 25.74 23.29 -9.76
CA ASN B 74 27.13 23.73 -9.75
C ASN B 74 27.99 22.96 -10.75
N ASN B 75 27.61 21.74 -11.10
CA ASN B 75 28.43 20.88 -11.95
C ASN B 75 27.82 20.71 -13.34
N THR B 76 26.98 21.66 -13.74
CA THR B 76 26.45 21.72 -15.09
C THR B 76 26.72 23.10 -15.66
N HIS B 77 27.27 23.14 -16.87
CA HIS B 77 27.67 24.39 -17.51
C HIS B 77 27.32 24.32 -18.99
N ASP B 78 27.88 25.25 -19.75
CA ASP B 78 27.69 25.30 -21.19
C ASP B 78 28.98 24.91 -21.90
N CYS B 79 28.88 23.95 -22.81
CA CYS B 79 30.03 23.47 -23.55
C CYS B 79 30.63 24.59 -24.41
N VAL B 88 23.87 21.32 -23.03
CA VAL B 88 24.07 20.90 -21.64
C VAL B 88 25.43 20.23 -21.49
N CYS B 89 26.20 20.68 -20.52
CA CYS B 89 27.57 20.24 -20.33
C CYS B 89 27.77 19.87 -18.87
N MET B 90 27.92 18.58 -18.59
CA MET B 90 27.99 18.07 -17.23
C MET B 90 29.40 17.56 -16.93
N ALA B 91 29.86 17.84 -15.72
CA ALA B 91 31.18 17.39 -15.26
C ALA B 91 31.00 16.11 -14.45
N GLY B 92 31.38 14.97 -15.05
CA GLY B 92 31.17 13.70 -14.39
C GLY B 92 32.09 13.47 -13.20
N ILE B 93 33.24 14.13 -13.16
CA ILE B 93 34.25 13.91 -12.07
C ILE B 93 33.73 14.49 -10.75
N ALA B 94 32.98 15.59 -10.79
CA ALA B 94 32.40 16.12 -9.56
C ALA B 94 31.13 15.38 -9.18
N ILE B 95 30.32 14.99 -10.17
CA ILE B 95 29.10 14.25 -9.88
C ILE B 95 29.43 12.91 -9.22
N GLY B 96 30.42 12.20 -9.76
CA GLY B 96 30.89 10.98 -9.15
C GLY B 96 30.05 9.76 -9.46
N ILE B 97 28.89 9.66 -8.82
CA ILE B 97 27.99 8.52 -8.98
C ILE B 97 26.62 9.04 -9.38
N ALA B 98 26.10 8.53 -10.49
CA ALA B 98 24.77 8.91 -10.96
C ALA B 98 24.25 7.82 -11.90
N THR B 99 22.93 7.72 -11.98
CA THR B 99 22.29 6.84 -12.93
C THR B 99 21.90 7.60 -14.19
N ALA B 100 21.45 6.86 -15.20
CA ALA B 100 21.02 7.50 -16.45
C ALA B 100 19.82 8.41 -16.20
N ALA B 101 18.88 7.97 -15.38
CA ALA B 101 17.73 8.81 -15.05
C ALA B 101 18.15 10.08 -14.33
N GLN B 102 19.11 9.97 -13.40
CA GLN B 102 19.58 11.15 -12.67
C GLN B 102 20.26 12.13 -13.61
N ILE B 103 21.05 11.64 -14.57
CA ILE B 103 21.73 12.52 -15.50
C ILE B 103 20.73 13.18 -16.44
N THR B 104 19.73 12.44 -16.90
CA THR B 104 18.70 13.03 -17.74
C THR B 104 17.92 14.09 -16.97
N ALA B 105 17.61 13.83 -15.71
CA ALA B 105 16.94 14.82 -14.87
C ALA B 105 17.82 16.04 -14.63
N GLY B 106 19.14 15.85 -14.52
CA GLY B 106 20.03 17.00 -14.42
C GLY B 106 20.05 17.84 -15.68
N VAL B 107 20.00 17.18 -16.84
CA VAL B 107 19.89 17.91 -18.10
C VAL B 107 18.59 18.71 -18.14
N ALA B 108 17.48 18.09 -17.74
CA ALA B 108 16.21 18.80 -17.69
C ALA B 108 16.25 19.97 -16.71
N LEU B 109 16.92 19.77 -15.57
CA LEU B 109 17.08 20.84 -14.59
C LEU B 109 17.87 22.01 -15.17
N TYR B 110 18.95 21.71 -15.90
CA TYR B 110 19.71 22.78 -16.54
C TYR B 110 18.86 23.52 -17.57
N GLU B 111 18.05 22.79 -18.34
CA GLU B 111 17.16 23.46 -19.28
C GLU B 111 16.14 24.33 -18.57
N ALA B 112 15.65 23.90 -17.40
CA ALA B 112 14.67 24.67 -16.66
C ALA B 112 15.27 25.86 -15.92
N MET B 113 16.57 25.84 -15.64
CA MET B 113 17.20 26.96 -14.95
C MET B 113 17.10 28.26 -15.73
N LYS B 114 17.02 28.17 -17.06
CA LYS B 114 16.89 29.38 -17.87
C LYS B 114 15.59 30.13 -17.54
N ASN B 115 14.49 29.40 -17.40
CA ASN B 115 13.23 30.01 -16.99
C ASN B 115 13.20 30.32 -15.50
N ALA B 116 13.87 29.51 -14.68
CA ALA B 116 13.91 29.76 -13.25
C ALA B 116 14.60 31.07 -12.93
N ASP B 117 15.63 31.42 -13.71
CA ASP B 117 16.32 32.69 -13.50
C ASP B 117 15.40 33.87 -13.78
N ASN B 118 14.58 33.78 -14.83
CA ASN B 118 13.62 34.84 -15.11
C ASN B 118 12.53 34.89 -14.05
N ILE B 119 12.09 33.74 -13.54
CA ILE B 119 11.07 33.72 -12.49
C ILE B 119 11.60 34.37 -11.23
N ASN B 120 12.87 34.10 -10.88
CA ASN B 120 13.45 34.57 -9.63
C ASN B 120 13.58 36.09 -9.58
N LYS B 121 13.46 36.79 -10.71
CA LYS B 121 13.49 38.25 -10.68
C LYS B 121 12.23 38.85 -10.07
N LEU B 122 11.17 38.07 -9.89
CA LEU B 122 9.95 38.50 -9.24
C LEU B 122 9.87 38.03 -7.79
N LYS B 123 11.00 38.00 -7.09
CA LYS B 123 11.02 37.48 -5.73
C LYS B 123 10.17 38.33 -4.80
N SER B 124 10.24 39.65 -4.93
CA SER B 124 9.44 40.53 -4.09
C SER B 124 7.95 40.34 -4.37
N SER B 125 7.58 40.19 -5.64
CA SER B 125 6.18 39.97 -5.98
C SER B 125 5.69 38.63 -5.42
N ILE B 126 6.54 37.60 -5.46
CA ILE B 126 6.18 36.32 -4.87
C ILE B 126 6.00 36.47 -3.37
N GLU B 127 6.88 37.23 -2.71
CA GLU B 127 6.76 37.46 -1.28
C GLU B 127 5.48 38.20 -0.94
N SER B 128 5.04 39.09 -1.82
CA SER B 128 3.89 39.95 -1.54
C SER B 128 2.55 39.29 -1.86
N THR B 129 2.55 38.06 -2.35
CA THR B 129 1.29 37.39 -2.69
C THR B 129 0.45 37.18 -1.44
N ASN B 130 -0.84 37.52 -1.54
CA ASN B 130 -1.76 37.38 -0.42
C ASN B 130 -3.02 36.61 -0.81
N GLU B 131 -2.95 35.83 -1.88
CA GLU B 131 -4.06 34.99 -2.30
C GLU B 131 -3.54 33.59 -2.60
N ALA B 132 -4.44 32.61 -2.56
CA ALA B 132 -4.04 31.23 -2.81
C ALA B 132 -3.50 31.05 -4.21
N VAL B 133 -4.15 31.65 -5.21
CA VAL B 133 -3.72 31.59 -6.60
C VAL B 133 -3.65 33.01 -7.13
N VAL B 134 -2.47 33.40 -7.63
CA VAL B 134 -2.27 34.71 -8.25
C VAL B 134 -1.55 34.50 -9.57
N LYS B 135 -1.63 35.51 -10.43
CA LYS B 135 -0.98 35.51 -11.73
C LYS B 135 0.06 36.62 -11.78
N LEU B 136 1.28 36.27 -12.17
CA LEU B 136 2.37 37.22 -12.32
C LEU B 136 2.93 37.16 -13.73
N GLN B 137 3.31 38.32 -14.25
CA GLN B 137 3.86 38.42 -15.60
C GLN B 137 5.37 38.26 -15.51
N GLU B 138 5.86 37.03 -15.75
CA GLU B 138 7.29 36.80 -15.75
C GLU B 138 7.98 37.57 -16.87
N THR B 139 7.38 37.58 -18.07
CA THR B 139 7.88 38.35 -19.20
C THR B 139 6.73 39.09 -19.86
N ALA B 140 6.98 39.66 -21.05
CA ALA B 140 5.90 40.32 -21.78
C ALA B 140 4.90 39.33 -22.36
N GLU B 141 5.26 38.05 -22.44
CA GLU B 141 4.40 37.04 -23.03
C GLU B 141 4.18 35.80 -22.16
N LYS B 142 5.04 35.54 -21.18
CA LYS B 142 4.92 34.37 -20.32
C LYS B 142 4.37 34.78 -18.97
N THR B 143 3.40 34.02 -18.47
CA THR B 143 2.80 34.24 -17.17
C THR B 143 3.12 33.06 -16.25
N VAL B 144 3.46 33.38 -15.00
CA VAL B 144 3.77 32.37 -13.99
C VAL B 144 2.73 32.46 -12.89
N TYR B 145 2.29 31.30 -12.41
CA TYR B 145 1.27 31.21 -11.37
C TYR B 145 1.93 30.88 -10.04
N VAL B 146 1.54 31.59 -8.98
CA VAL B 146 2.04 31.37 -7.64
C VAL B 146 0.93 30.76 -6.81
N PHE B 147 1.23 29.63 -6.18
CA PHE B 147 0.26 28.90 -5.35
C PHE B 147 0.75 28.93 -3.91
N THR B 148 0.03 29.64 -3.05
CA THR B 148 0.39 29.80 -1.65
C THR B 148 -0.41 28.84 -0.80
N ALA B 149 0.27 28.09 0.07
CA ALA B 149 -0.39 27.12 0.93
C ALA B 149 -0.99 27.81 2.15
N LEU B 150 -2.20 27.36 2.52
CA LEU B 150 -2.96 27.81 3.68
C LEU B 150 -3.41 29.27 3.58
N GLN B 151 -3.13 29.95 2.47
CA GLN B 151 -3.55 31.34 2.34
C GLN B 151 -5.07 31.45 2.31
N ASP B 152 -5.74 30.53 1.61
CA ASP B 152 -7.20 30.54 1.61
C ASP B 152 -7.76 30.28 3.00
N TYR B 153 -7.15 29.33 3.73
CA TYR B 153 -7.59 29.06 5.09
C TYR B 153 -7.46 30.30 5.97
N ILE B 154 -6.32 30.99 5.87
CA ILE B 154 -6.13 32.19 6.68
C ILE B 154 -7.16 33.26 6.30
N ASN B 155 -7.33 33.49 5.00
CA ASN B 155 -8.22 34.55 4.54
C ASN B 155 -9.67 34.29 4.92
N THR B 156 -10.13 33.05 4.88
CA THR B 156 -11.53 32.74 5.10
C THR B 156 -11.83 32.22 6.51
N ASN B 157 -10.81 32.02 7.34
CA ASN B 157 -11.09 31.53 8.69
C ASN B 157 -10.48 32.39 9.78
N LEU B 158 -9.27 32.91 9.57
CA LEU B 158 -8.56 33.64 10.61
C LEU B 158 -8.77 35.14 10.52
N VAL B 159 -8.73 35.70 9.31
CA VAL B 159 -9.00 37.13 9.15
C VAL B 159 -10.41 37.51 9.58
N PRO B 160 -11.47 36.78 9.23
CA PRO B 160 -12.81 37.19 9.67
C PRO B 160 -13.05 37.05 11.18
N THR B 161 -12.22 36.30 11.90
CA THR B 161 -12.48 35.99 13.31
C THR B 161 -11.39 36.51 14.24
N ILE B 162 -10.65 37.55 13.84
CA ILE B 162 -9.59 38.06 14.71
C ILE B 162 -10.19 38.77 15.92
N ASP B 163 -11.24 39.57 15.72
CA ASP B 163 -11.81 40.37 16.79
C ASP B 163 -12.93 39.65 17.55
N GLN B 164 -13.35 38.47 17.10
CA GLN B 164 -14.45 37.76 17.74
C GLN B 164 -13.99 36.82 18.84
N ILE B 165 -12.89 36.11 18.63
CA ILE B 165 -12.38 35.16 19.62
C ILE B 165 -11.13 35.76 20.26
N PRO B 166 -10.78 35.35 21.49
CA PRO B 166 -9.49 35.77 22.05
C PRO B 166 -8.36 35.30 21.16
N CYS B 167 -7.63 36.25 20.58
CA CYS B 167 -6.75 35.90 19.48
C CYS B 167 -5.52 35.11 19.94
N LYS B 168 -5.39 34.86 21.25
CA LYS B 168 -4.50 33.79 21.70
C LYS B 168 -4.94 32.43 21.20
N GLN B 169 -6.23 32.25 20.96
CA GLN B 169 -6.76 31.07 20.28
C GLN B 169 -6.50 31.11 18.78
N THR B 170 -6.46 32.29 18.18
CA THR B 170 -6.06 32.43 16.78
C THR B 170 -4.62 31.99 16.58
N GLU B 171 -3.73 32.35 17.51
CA GLU B 171 -2.34 31.90 17.45
C GLU B 171 -2.24 30.38 17.54
N LEU B 172 -3.03 29.77 18.42
CA LEU B 172 -3.02 28.31 18.53
C LEU B 172 -3.63 27.67 17.29
N ALA B 173 -4.68 28.27 16.74
CA ALA B 173 -5.28 27.76 15.52
C ALA B 173 -4.32 27.86 14.34
N LEU B 174 -3.61 28.99 14.24
CA LEU B 174 -2.61 29.15 13.20
C LEU B 174 -1.47 28.15 13.38
N ASP B 175 -1.04 27.94 14.62
CA ASP B 175 0.03 26.98 14.89
C ASP B 175 -0.39 25.57 14.52
N LEU B 176 -1.62 25.19 14.83
CA LEU B 176 -2.09 23.84 14.50
C LEU B 176 -2.22 23.65 12.99
N ALA B 177 -2.68 24.67 12.27
CA ALA B 177 -2.83 24.56 10.83
C ALA B 177 -1.47 24.37 10.16
N LEU B 178 -0.46 25.13 10.60
CA LEU B 178 0.88 24.99 10.02
C LEU B 178 1.47 23.63 10.32
N SER B 179 1.27 23.12 11.54
CA SER B 179 1.82 21.82 11.90
C SER B 179 1.08 20.69 11.19
N LYS B 180 -0.23 20.84 10.99
CA LYS B 180 -0.97 19.86 10.21
C LYS B 180 -0.54 19.88 8.75
N TYR B 181 -0.23 21.08 8.23
CA TYR B 181 0.31 21.17 6.88
C TYR B 181 1.65 20.47 6.77
N LEU B 182 2.50 20.61 7.79
CA LEU B 182 3.79 19.94 7.79
C LEU B 182 3.63 18.43 7.96
N SER B 183 2.60 18.01 8.69
CA SER B 183 2.37 16.58 8.91
C SER B 183 2.07 15.87 7.59
N ASP B 184 1.25 16.48 6.74
CA ASP B 184 0.95 15.88 5.45
C ASP B 184 2.12 16.05 4.48
N LEU B 185 2.91 17.10 4.65
CA LEU B 185 4.00 17.39 3.73
C LEU B 185 5.20 16.47 3.97
N LEU B 186 5.38 16.01 5.22
CA LEU B 186 6.62 15.35 5.60
C LEU B 186 6.81 14.03 4.87
N PHE B 187 5.72 13.32 4.58
CA PHE B 187 5.87 12.03 3.90
C PHE B 187 6.43 12.18 2.50
N VAL B 188 6.11 13.28 1.82
CA VAL B 188 6.51 13.45 0.42
C VAL B 188 7.79 14.27 0.31
N PHE B 189 7.90 15.37 1.05
CA PHE B 189 9.02 16.29 0.93
C PHE B 189 10.05 16.12 2.04
N GLY B 190 9.95 15.05 2.83
CA GLY B 190 10.85 14.83 3.93
C GLY B 190 12.09 14.08 3.53
N PRO B 191 12.70 13.37 4.49
CA PRO B 191 13.90 12.58 4.16
C PRO B 191 13.67 11.50 3.12
N ASN B 192 12.42 11.10 2.89
CA ASN B 192 12.14 10.16 1.80
C ASN B 192 12.57 10.72 0.45
N LEU B 193 12.48 12.04 0.28
CA LEU B 193 12.90 12.70 -0.95
C LEU B 193 14.41 12.90 -0.90
N GLN B 194 15.12 11.82 -1.19
CA GLN B 194 16.58 11.88 -1.29
C GLN B 194 17.07 12.26 -2.67
N ASP B 195 16.21 12.21 -3.69
CA ASP B 195 16.58 12.49 -5.08
C ASP B 195 15.60 13.49 -5.67
N PRO B 196 15.74 14.77 -5.32
CA PRO B 196 14.89 15.79 -5.96
C PRO B 196 15.21 16.02 -7.42
N VAL B 197 16.36 15.58 -7.89
CA VAL B 197 16.73 15.73 -9.31
C VAL B 197 16.18 14.49 -10.01
N SER B 198 14.90 14.54 -10.35
CA SER B 198 14.21 13.44 -11.00
C SER B 198 12.87 13.95 -11.52
N ASN B 199 12.48 13.47 -12.69
CA ASN B 199 11.21 13.85 -13.30
C ASN B 199 10.18 12.73 -13.23
N SER B 200 10.34 11.80 -12.30
CA SER B 200 9.37 10.73 -12.07
C SER B 200 8.43 11.04 -10.93
N MET B 201 8.52 12.23 -10.34
CA MET B 201 7.68 12.61 -9.21
C MET B 201 6.34 13.13 -9.73
N THR B 202 5.25 12.46 -9.35
CA THR B 202 3.95 12.79 -9.88
C THR B 202 3.47 14.16 -9.40
N ILE B 203 2.56 14.75 -10.17
CA ILE B 203 2.00 16.05 -9.79
C ILE B 203 1.15 15.92 -8.53
N GLN B 204 0.57 14.74 -8.30
CA GLN B 204 -0.20 14.54 -7.07
C GLN B 204 0.70 14.62 -5.84
N ALA B 205 1.89 14.04 -5.92
CA ALA B 205 2.84 14.15 -4.80
C ALA B 205 3.34 15.57 -4.63
N ILE B 206 3.60 16.27 -5.74
CA ILE B 206 4.05 17.66 -5.65
C ILE B 206 2.98 18.54 -5.03
N SER B 207 1.71 18.24 -5.31
CA SER B 207 0.60 19.03 -4.82
C SER B 207 0.46 18.99 -3.29
N GLN B 208 1.14 18.06 -2.63
CA GLN B 208 1.12 18.04 -1.17
C GLN B 208 1.70 19.31 -0.56
N ALA B 209 2.53 20.03 -1.30
CA ALA B 209 2.97 21.35 -0.87
C ALA B 209 1.87 22.40 -1.00
N PHE B 210 0.80 22.10 -1.72
CA PHE B 210 -0.35 22.97 -1.86
C PHE B 210 -1.59 22.35 -1.25
N GLY B 211 -1.40 21.48 -0.25
CA GLY B 211 -2.51 20.83 0.40
C GLY B 211 -3.11 19.68 -0.37
N GLY B 212 -2.49 19.22 -1.45
CA GLY B 212 -3.04 18.14 -2.24
C GLY B 212 -4.01 18.56 -3.31
N ASN B 213 -3.98 19.83 -3.74
CA ASN B 213 -4.93 20.34 -4.71
C ASN B 213 -4.31 20.35 -6.12
N TYR B 214 -3.96 19.15 -6.58
CA TYR B 214 -3.46 19.02 -7.94
C TYR B 214 -4.53 19.35 -8.97
N GLU B 215 -5.80 19.16 -8.62
CA GLU B 215 -6.88 19.59 -9.51
C GLU B 215 -6.82 21.11 -9.72
N THR B 216 -6.65 21.86 -8.64
CA THR B 216 -6.50 23.31 -8.76
C THR B 216 -5.26 23.66 -9.58
N LEU B 217 -4.14 22.99 -9.31
CA LEU B 217 -2.91 23.26 -10.05
C LEU B 217 -3.12 23.08 -11.56
N LEU B 218 -3.67 21.93 -11.96
CA LEU B 218 -3.79 21.63 -13.37
C LEU B 218 -4.88 22.47 -14.04
N ARG B 219 -5.98 22.73 -13.34
CA ARG B 219 -7.02 23.58 -13.91
C ARG B 219 -6.53 25.01 -14.11
N THR B 220 -5.77 25.54 -13.15
CA THR B 220 -5.19 26.87 -13.32
C THR B 220 -4.18 26.89 -14.46
N LEU B 221 -3.38 25.83 -14.58
CA LEU B 221 -2.43 25.75 -15.69
C LEU B 221 -3.12 25.69 -17.05
N GLY B 222 -4.42 25.35 -17.07
CA GLY B 222 -5.17 25.35 -18.31
C GLY B 222 -4.91 24.17 -19.22
N TYR B 223 -4.49 23.03 -18.66
CA TYR B 223 -4.23 21.84 -19.45
C TYR B 223 -5.55 21.14 -19.74
N ALA B 224 -6.09 21.38 -20.93
CA ALA B 224 -7.34 20.80 -21.37
C ALA B 224 -7.07 19.82 -22.50
N THR B 225 -7.50 18.57 -22.32
CA THR B 225 -7.31 17.54 -23.33
C THR B 225 -8.28 16.40 -23.06
N GLU B 226 -8.47 15.56 -24.08
CA GLU B 226 -9.36 14.41 -23.92
C GLU B 226 -8.79 13.38 -22.95
N ASP B 227 -7.46 13.19 -22.98
CA ASP B 227 -6.80 12.18 -22.15
C ASP B 227 -6.31 12.74 -20.82
N PHE B 228 -6.96 13.80 -20.31
CA PHE B 228 -6.50 14.42 -19.07
C PHE B 228 -6.62 13.47 -17.88
N ASP B 229 -7.80 12.87 -17.71
CA ASP B 229 -8.01 11.97 -16.58
C ASP B 229 -7.16 10.71 -16.72
N ASP B 230 -7.00 10.21 -17.94
CA ASP B 230 -6.16 9.04 -18.17
C ASP B 230 -4.71 9.34 -17.81
N LEU B 231 -4.21 10.52 -18.21
CA LEU B 231 -2.84 10.90 -17.86
C LEU B 231 -2.69 11.07 -16.36
N LEU B 232 -3.70 11.64 -15.70
CA LEU B 232 -3.63 11.80 -14.24
C LEU B 232 -3.58 10.45 -13.54
N GLU B 233 -4.44 9.52 -13.96
CA GLU B 233 -4.55 8.24 -13.25
C GLU B 233 -3.45 7.26 -13.66
N SER B 234 -2.74 7.51 -14.75
CA SER B 234 -1.63 6.67 -15.14
C SER B 234 -0.31 7.15 -14.55
N ASP B 235 -0.33 8.20 -13.73
CA ASP B 235 0.86 8.79 -13.14
C ASP B 235 1.84 9.27 -14.22
N SER B 236 1.28 9.84 -15.29
CA SER B 236 2.10 10.33 -16.38
C SER B 236 2.42 11.81 -16.28
N ILE B 237 1.59 12.58 -15.60
CA ILE B 237 1.87 13.98 -15.35
C ILE B 237 2.82 14.08 -14.17
N ALA B 238 4.00 14.66 -14.40
CA ALA B 238 5.07 14.67 -13.41
C ALA B 238 5.55 16.09 -13.18
N GLY B 239 6.11 16.31 -12.00
CA GLY B 239 6.69 17.59 -11.65
C GLY B 239 8.10 17.43 -11.13
N GLN B 240 8.90 18.48 -11.33
CA GLN B 240 10.30 18.49 -10.92
C GLN B 240 10.60 19.79 -10.21
N ILE B 241 11.21 19.72 -9.03
CA ILE B 241 11.63 20.90 -8.30
C ILE B 241 12.95 21.38 -8.90
N VAL B 242 12.96 22.61 -9.39
CA VAL B 242 14.13 23.16 -10.05
C VAL B 242 14.82 24.25 -9.23
N TYR B 243 14.15 24.84 -8.25
CA TYR B 243 14.76 25.89 -7.43
C TYR B 243 14.09 25.91 -6.08
N VAL B 244 14.89 26.10 -5.03
CA VAL B 244 14.41 26.19 -3.67
C VAL B 244 14.95 27.48 -3.05
N ASP B 245 14.05 28.28 -2.48
CA ASP B 245 14.41 29.52 -1.82
C ASP B 245 14.24 29.36 -0.31
N LEU B 246 15.33 29.59 0.43
CA LEU B 246 15.30 29.49 1.89
C LEU B 246 15.06 30.83 2.57
N SER B 247 14.94 31.91 1.80
CA SER B 247 14.64 33.24 2.34
C SER B 247 13.18 33.63 2.17
N SER B 248 12.58 33.32 1.03
CA SER B 248 11.16 33.55 0.80
C SER B 248 10.33 32.29 0.94
N TYR B 249 10.96 31.12 1.06
CA TYR B 249 10.29 29.85 1.32
C TYR B 249 9.28 29.52 0.22
N TYR B 250 9.81 29.34 -0.99
CA TYR B 250 9.02 28.89 -2.12
C TYR B 250 9.88 27.98 -2.99
N ILE B 251 9.20 27.17 -3.80
CA ILE B 251 9.87 26.27 -4.74
C ILE B 251 9.31 26.51 -6.13
N ILE B 252 10.17 26.34 -7.14
CA ILE B 252 9.76 26.42 -8.53
C ILE B 252 9.67 25.00 -9.06
N VAL B 253 8.50 24.62 -9.54
CA VAL B 253 8.23 23.27 -10.01
C VAL B 253 7.90 23.34 -11.49
N ARG B 254 8.56 22.49 -12.29
CA ARG B 254 8.28 22.39 -13.71
C ARG B 254 7.40 21.17 -13.94
N VAL B 255 6.19 21.41 -14.45
CA VAL B 255 5.21 20.35 -14.68
C VAL B 255 5.33 19.89 -16.13
N TYR B 256 5.46 18.58 -16.32
CA TYR B 256 5.64 18.02 -17.68
C TYR B 256 4.36 17.31 -18.12
N PHE B 257 3.55 17.99 -18.95
CA PHE B 257 2.29 17.38 -19.45
C PHE B 257 2.57 16.70 -20.80
N PRO B 258 2.56 15.35 -20.87
CA PRO B 258 2.83 14.64 -22.12
C PRO B 258 1.56 14.21 -22.85
N ILE B 259 1.71 13.47 -23.96
CA ILE B 259 0.58 12.98 -24.72
C ILE B 259 0.71 11.47 -24.88
N LEU B 260 -0.43 10.80 -25.03
CA LEU B 260 -0.47 9.35 -25.07
C LEU B 260 -0.35 8.87 -26.50
N THR B 261 0.64 8.01 -26.75
CA THR B 261 0.85 7.41 -28.06
C THR B 261 0.39 5.97 -28.04
N GLU B 262 -0.51 5.62 -28.96
CA GLU B 262 -0.93 4.24 -29.11
C GLU B 262 0.16 3.46 -29.83
N ILE B 263 0.70 2.43 -29.16
CA ILE B 263 1.76 1.64 -29.76
C ILE B 263 1.19 0.86 -30.94
N GLN B 264 1.84 0.98 -32.10
CA GLN B 264 1.33 0.33 -33.30
C GLN B 264 1.53 -1.17 -33.25
N GLN B 265 0.53 -1.91 -33.70
CA GLN B 265 0.56 -3.38 -33.74
C GLN B 265 0.80 -3.96 -32.34
N ALA B 266 0.24 -3.31 -31.33
CA ALA B 266 0.37 -3.76 -29.96
C ALA B 266 -0.98 -3.69 -29.26
N TYR B 267 -1.29 -4.73 -28.49
CA TYR B 267 -2.52 -4.76 -27.71
C TYR B 267 -2.31 -5.67 -26.51
N VAL B 268 -3.16 -5.48 -25.50
CA VAL B 268 -3.13 -6.28 -24.28
C VAL B 268 -4.38 -7.15 -24.27
N GLN B 269 -4.19 -8.45 -24.15
CA GLN B 269 -5.29 -9.42 -24.14
C GLN B 269 -5.50 -9.92 -22.72
N GLU B 270 -6.74 -9.88 -22.25
CA GLU B 270 -7.09 -10.34 -20.93
C GLU B 270 -7.74 -11.71 -21.00
N LEU B 271 -7.35 -12.59 -20.09
CA LEU B 271 -7.90 -13.94 -19.98
C LEU B 271 -8.67 -14.05 -18.67
N LEU B 272 -9.92 -14.49 -18.76
CA LEU B 272 -10.77 -14.62 -17.59
C LEU B 272 -10.62 -16.02 -17.00
N PRO B 273 -10.13 -16.16 -15.76
CA PRO B 273 -9.93 -17.49 -15.20
C PRO B 273 -11.25 -18.10 -14.74
N VAL B 274 -11.51 -19.33 -15.19
CA VAL B 274 -12.71 -20.08 -14.83
C VAL B 274 -12.26 -21.45 -14.33
N SER B 275 -12.83 -21.88 -13.19
CA SER B 275 -12.50 -23.18 -12.64
C SER B 275 -13.00 -24.29 -13.56
N PHE B 276 -12.21 -25.36 -13.67
CA PHE B 276 -12.55 -26.48 -14.52
C PHE B 276 -12.38 -27.78 -13.73
N ASN B 277 -13.09 -28.82 -14.19
CA ASN B 277 -13.13 -30.11 -13.50
C ASN B 277 -12.13 -31.06 -14.12
N ASN B 278 -11.35 -31.74 -13.28
CA ASN B 278 -10.42 -32.75 -13.74
C ASN B 278 -10.12 -33.70 -12.61
N ASP B 279 -10.17 -35.00 -12.90
CA ASP B 279 -9.89 -36.06 -11.92
C ASP B 279 -10.78 -35.92 -10.68
N ASN B 280 -12.06 -35.64 -10.91
CA ASN B 280 -13.06 -35.53 -9.85
C ASN B 280 -12.68 -34.45 -8.83
N SER B 281 -12.04 -33.38 -9.31
CA SER B 281 -11.65 -32.26 -8.45
C SER B 281 -11.70 -30.98 -9.27
N GLU B 282 -11.70 -29.85 -8.58
CA GLU B 282 -11.84 -28.54 -9.19
C GLU B 282 -10.49 -27.85 -9.22
N TRP B 283 -10.13 -27.29 -10.38
CA TRP B 283 -8.82 -26.71 -10.61
C TRP B 283 -8.94 -25.34 -11.24
N ILE B 284 -7.87 -24.56 -11.10
CA ILE B 284 -7.74 -23.26 -11.76
C ILE B 284 -6.38 -23.24 -12.44
N SER B 285 -6.27 -22.44 -13.50
CA SER B 285 -5.06 -22.37 -14.31
C SER B 285 -4.20 -21.18 -13.88
N ILE B 286 -2.92 -21.44 -13.66
CA ILE B 286 -1.97 -20.41 -13.22
C ILE B 286 -1.24 -19.93 -14.47
N VAL B 287 -1.82 -18.94 -15.14
CA VAL B 287 -1.19 -18.27 -16.27
C VAL B 287 -1.39 -16.77 -16.11
N PRO B 288 -0.58 -15.96 -16.81
CA PRO B 288 -0.76 -14.51 -16.73
C PRO B 288 -2.15 -14.10 -17.24
N ASN B 289 -2.85 -13.31 -16.42
CA ASN B 289 -4.17 -12.86 -16.80
C ASN B 289 -4.12 -11.80 -17.90
N PHE B 290 -3.07 -11.00 -17.93
CA PHE B 290 -2.88 -9.97 -18.95
C PHE B 290 -1.65 -10.34 -19.77
N VAL B 291 -1.82 -10.43 -21.09
CA VAL B 291 -0.76 -10.78 -22.01
C VAL B 291 -0.60 -9.65 -23.01
N LEU B 292 0.63 -9.15 -23.15
CA LEU B 292 0.94 -8.08 -24.08
C LEU B 292 1.50 -8.69 -25.36
N ILE B 293 0.87 -8.39 -26.48
CA ILE B 293 1.30 -8.87 -27.79
C ILE B 293 1.72 -7.67 -28.61
N ARG B 294 3.01 -7.59 -28.92
CA ARG B 294 3.55 -6.55 -29.81
C ARG B 294 4.02 -7.24 -31.08
N ASN B 295 3.47 -6.83 -32.22
CA ASN B 295 3.66 -7.51 -33.49
C ASN B 295 3.28 -8.98 -33.33
N THR B 296 4.25 -9.88 -33.45
CA THR B 296 4.02 -11.30 -33.21
C THR B 296 4.69 -11.80 -31.94
N LEU B 297 5.18 -10.89 -31.10
CA LEU B 297 5.92 -11.26 -29.89
C LEU B 297 5.00 -11.24 -28.69
N ILE B 298 5.08 -12.29 -27.87
CA ILE B 298 4.27 -12.45 -26.67
C ILE B 298 5.16 -12.25 -25.46
N SER B 299 4.72 -11.38 -24.54
CA SER B 299 5.48 -11.10 -23.34
C SER B 299 4.53 -10.71 -22.22
N ASN B 300 5.03 -10.77 -20.99
CA ASN B 300 4.26 -10.36 -19.83
C ASN B 300 4.25 -8.84 -19.70
N ILE B 301 3.28 -8.34 -18.95
CA ILE B 301 3.17 -6.91 -18.66
C ILE B 301 2.75 -6.74 -17.21
N GLU B 302 3.40 -5.82 -16.50
CA GLU B 302 3.06 -5.51 -15.12
C GLU B 302 1.97 -4.46 -15.11
N VAL B 303 0.71 -4.93 -15.19
CA VAL B 303 -0.43 -4.04 -15.28
C VAL B 303 -0.79 -3.38 -13.96
N LYS B 304 -0.14 -3.78 -12.86
CA LYS B 304 -0.43 -3.14 -11.58
C LYS B 304 0.11 -1.72 -11.52
N TYR B 305 1.14 -1.41 -12.30
CA TYR B 305 1.67 -0.06 -12.39
C TYR B 305 0.96 0.79 -13.42
N CYS B 306 0.11 0.21 -14.25
CA CYS B 306 -0.58 0.91 -15.32
C CYS B 306 -2.02 1.24 -14.93
N LEU B 307 -2.65 2.04 -15.78
CA LEU B 307 -4.08 2.33 -15.66
C LEU B 307 -4.83 1.48 -16.67
N ILE B 308 -5.77 0.69 -16.18
CA ILE B 308 -6.56 -0.21 -17.02
C ILE B 308 -7.95 0.39 -17.16
N THR B 309 -8.35 0.61 -18.41
CA THR B 309 -9.69 1.07 -18.75
C THR B 309 -10.36 0.02 -19.63
N LYS B 310 -11.61 0.28 -20.01
CA LYS B 310 -12.33 -0.67 -20.85
C LYS B 310 -11.84 -0.67 -22.29
N LYS B 311 -11.06 0.34 -22.68
CA LYS B 311 -10.60 0.47 -24.06
C LYS B 311 -9.10 0.28 -24.23
N SER B 312 -8.29 0.64 -23.25
CA SER B 312 -6.85 0.62 -23.42
C SER B 312 -6.16 0.42 -22.08
N VAL B 313 -4.90 0.00 -22.14
CA VAL B 313 -4.01 -0.06 -20.98
C VAL B 313 -3.02 1.08 -21.12
N ILE B 314 -2.97 1.96 -20.11
CA ILE B 314 -2.22 3.20 -20.19
C ILE B 314 -1.13 3.17 -19.13
N CYS B 315 0.11 3.36 -19.55
CA CYS B 315 1.27 3.31 -18.66
C CYS B 315 2.16 4.52 -18.90
N ASN B 316 2.87 4.94 -17.86
CA ASN B 316 3.82 6.04 -18.00
C ASN B 316 5.15 5.59 -18.58
N GLN B 317 5.38 4.28 -18.68
CA GLN B 317 6.59 3.74 -19.29
C GLN B 317 6.30 2.31 -19.73
N ASP B 318 7.20 1.76 -20.54
CA ASP B 318 7.04 0.40 -21.03
C ASP B 318 7.28 -0.58 -19.88
N TYR B 319 6.26 -1.35 -19.53
CA TYR B 319 6.33 -2.31 -18.44
C TYR B 319 6.39 -3.75 -18.92
N ALA B 320 6.81 -3.98 -20.16
CA ALA B 320 6.91 -5.33 -20.68
C ALA B 320 7.99 -6.11 -19.95
N THR B 321 7.70 -7.36 -19.65
CA THR B 321 8.61 -8.26 -18.96
C THR B 321 8.70 -9.58 -19.71
N PRO B 322 9.81 -10.30 -19.57
CA PRO B 322 9.99 -11.53 -20.36
C PRO B 322 9.02 -12.62 -19.95
N MET B 323 8.90 -13.60 -20.84
CA MET B 323 8.02 -14.75 -20.64
C MET B 323 8.80 -16.03 -20.94
N THR B 324 8.55 -17.06 -20.15
CA THR B 324 9.23 -18.34 -20.37
C THR B 324 8.69 -19.01 -21.61
N ALA B 325 9.54 -19.85 -22.23
CA ALA B 325 9.13 -20.59 -23.40
C ALA B 325 7.98 -21.54 -23.09
N SER B 326 7.97 -22.14 -21.90
CA SER B 326 6.88 -23.03 -21.53
C SER B 326 5.56 -22.29 -21.46
N VAL B 327 5.54 -21.09 -20.86
CA VAL B 327 4.31 -20.32 -20.76
C VAL B 327 3.88 -19.83 -22.14
N ARG B 328 4.84 -19.44 -22.98
CA ARG B 328 4.50 -19.03 -24.34
C ARG B 328 3.88 -20.19 -25.12
N GLU B 329 4.44 -21.40 -24.97
CA GLU B 329 3.86 -22.57 -25.62
C GLU B 329 2.48 -22.88 -25.07
N CYS B 330 2.28 -22.69 -23.76
CA CYS B 330 0.96 -22.86 -23.16
C CYS B 330 -0.05 -21.92 -23.80
N LEU B 331 0.34 -20.65 -23.96
CA LEU B 331 -0.57 -19.67 -24.54
C LEU B 331 -0.79 -19.88 -26.03
N THR B 332 0.15 -20.52 -26.72
CA THR B 332 0.03 -20.75 -28.16
C THR B 332 -0.57 -22.11 -28.50
N GLY B 333 -0.98 -22.89 -27.52
CA GLY B 333 -1.70 -24.12 -27.80
C GLY B 333 -1.32 -25.33 -26.97
N SER B 334 -0.07 -25.39 -26.50
CA SER B 334 0.40 -26.54 -25.73
C SER B 334 -0.19 -26.49 -24.32
N THR B 335 -1.42 -26.98 -24.20
CA THR B 335 -2.13 -26.93 -22.93
C THR B 335 -1.48 -27.80 -21.86
N ASP B 336 -0.65 -28.77 -22.26
CA ASP B 336 0.06 -29.59 -21.27
C ASP B 336 1.16 -28.82 -20.56
N LYS B 337 1.53 -27.64 -21.05
CA LYS B 337 2.53 -26.79 -20.41
C LYS B 337 1.92 -25.77 -19.47
N CYS B 338 0.59 -25.76 -19.31
CA CYS B 338 -0.07 -24.76 -18.49
C CYS B 338 -0.17 -25.26 -17.06
N PRO B 339 0.48 -24.60 -16.10
CA PRO B 339 0.33 -25.01 -14.70
C PRO B 339 -1.09 -24.78 -14.20
N ARG B 340 -1.54 -25.67 -13.32
CA ARG B 340 -2.87 -25.58 -12.74
C ARG B 340 -2.79 -25.74 -11.24
N GLU B 341 -3.76 -25.17 -10.53
CA GLU B 341 -3.78 -25.18 -9.08
C GLU B 341 -5.14 -25.67 -8.59
N LEU B 342 -5.12 -26.42 -7.50
CA LEU B 342 -6.35 -26.92 -6.90
C LEU B 342 -7.19 -25.77 -6.35
N VAL B 343 -8.50 -25.98 -6.34
CA VAL B 343 -9.44 -24.97 -5.85
C VAL B 343 -10.05 -25.49 -4.55
N VAL B 344 -9.82 -24.74 -3.47
CA VAL B 344 -10.42 -25.07 -2.18
C VAL B 344 -11.32 -23.98 -1.65
N SER B 345 -11.28 -22.77 -2.21
CA SER B 345 -12.15 -21.69 -1.78
C SER B 345 -13.48 -21.74 -2.53
N SER B 346 -14.57 -21.50 -1.80
CA SER B 346 -15.89 -21.52 -2.42
C SER B 346 -16.12 -20.31 -3.32
N HIS B 347 -15.43 -19.21 -3.07
CA HIS B 347 -15.62 -17.98 -3.85
C HIS B 347 -14.59 -17.91 -4.98
N VAL B 348 -14.77 -18.80 -5.95
CA VAL B 348 -13.93 -18.86 -7.13
C VAL B 348 -14.85 -18.90 -8.35
N PRO B 349 -14.55 -18.15 -9.42
CA PRO B 349 -15.45 -18.13 -10.58
C PRO B 349 -15.62 -19.50 -11.19
N ARG B 350 -16.86 -19.79 -11.62
CA ARG B 350 -17.19 -21.07 -12.23
C ARG B 350 -17.79 -20.94 -13.62
N PHE B 351 -18.07 -19.72 -14.09
CA PHE B 351 -18.53 -19.53 -15.46
C PHE B 351 -18.17 -18.12 -15.92
N ALA B 352 -18.18 -17.94 -17.23
CA ALA B 352 -17.89 -16.65 -17.84
C ALA B 352 -18.55 -16.59 -19.21
N LEU B 353 -18.68 -15.38 -19.73
CA LEU B 353 -19.30 -15.12 -21.01
C LEU B 353 -18.30 -14.48 -21.94
N SER B 354 -18.24 -14.96 -23.18
CA SER B 354 -17.32 -14.41 -24.19
C SER B 354 -17.95 -14.55 -25.55
N GLY B 355 -18.23 -13.42 -26.20
CA GLY B 355 -18.86 -13.44 -27.51
C GLY B 355 -20.25 -14.02 -27.52
N GLY B 356 -21.03 -13.79 -26.45
CA GLY B 356 -22.35 -14.36 -26.37
C GLY B 356 -22.40 -15.83 -26.08
N VAL B 357 -21.27 -16.43 -25.70
CA VAL B 357 -21.17 -17.86 -25.46
C VAL B 357 -20.72 -18.07 -24.02
N LEU B 358 -21.36 -19.04 -23.35
CA LEU B 358 -21.12 -19.30 -21.94
C LEU B 358 -20.18 -20.49 -21.77
N PHE B 359 -19.09 -20.28 -21.05
CA PHE B 359 -18.15 -21.34 -20.67
C PHE B 359 -18.32 -21.57 -19.18
N ALA B 360 -18.94 -22.70 -18.82
CA ALA B 360 -19.34 -22.94 -17.44
C ALA B 360 -18.88 -24.33 -17.00
N ASN B 361 -18.55 -24.43 -15.71
CA ASN B 361 -18.24 -25.70 -15.06
C ASN B 361 -19.55 -26.22 -14.46
N CYS B 362 -20.29 -26.99 -15.26
CA CYS B 362 -21.63 -27.43 -14.87
C CYS B 362 -21.61 -28.56 -13.84
N ILE B 363 -20.45 -28.92 -13.30
CA ILE B 363 -20.39 -29.87 -12.20
C ILE B 363 -20.44 -29.14 -10.85
N SER B 364 -19.69 -28.04 -10.73
CA SER B 364 -19.71 -27.24 -9.51
C SER B 364 -20.97 -26.38 -9.39
N VAL B 365 -21.57 -25.99 -10.52
CA VAL B 365 -22.79 -25.19 -10.50
C VAL B 365 -23.85 -25.91 -11.33
N THR B 366 -25.11 -25.55 -11.07
CA THR B 366 -26.25 -26.19 -11.71
C THR B 366 -26.58 -25.45 -13.01
N CYS B 367 -26.48 -26.14 -14.13
CA CYS B 367 -26.84 -25.59 -15.43
C CYS B 367 -28.16 -26.20 -15.87
N GLN B 368 -29.15 -25.35 -16.13
CA GLN B 368 -30.46 -25.78 -16.59
C GLN B 368 -30.91 -24.89 -17.73
N CYS B 369 -31.52 -25.49 -18.74
CA CYS B 369 -32.00 -24.75 -19.90
C CYS B 369 -33.46 -24.39 -19.72
N GLN B 370 -33.79 -23.12 -19.99
CA GLN B 370 -35.17 -22.67 -19.89
C GLN B 370 -36.00 -23.11 -21.10
N THR B 371 -35.38 -23.22 -22.27
CA THR B 371 -36.13 -23.54 -23.49
C THR B 371 -36.76 -24.92 -23.41
N THR B 372 -36.01 -25.92 -22.91
CA THR B 372 -36.50 -27.28 -22.85
C THR B 372 -36.87 -27.74 -21.44
N GLY B 373 -36.33 -27.08 -20.40
CA GLY B 373 -36.59 -27.48 -19.04
C GLY B 373 -35.68 -28.57 -18.51
N ARG B 374 -34.80 -29.12 -19.35
CA ARG B 374 -33.90 -30.19 -18.95
C ARG B 374 -32.56 -29.61 -18.51
N ALA B 375 -32.02 -30.19 -17.44
CA ALA B 375 -30.74 -29.74 -16.92
C ALA B 375 -29.61 -30.10 -17.87
N ILE B 376 -28.64 -29.19 -18.00
CA ILE B 376 -27.47 -29.41 -18.81
C ILE B 376 -26.45 -30.18 -17.98
N SER B 377 -26.04 -31.34 -18.47
CA SER B 377 -25.19 -32.25 -17.72
C SER B 377 -23.77 -32.24 -18.30
N GLN B 378 -22.79 -32.27 -17.40
CA GLN B 378 -21.38 -32.33 -17.77
C GLN B 378 -20.80 -33.65 -17.29
N SER B 379 -20.17 -34.39 -18.20
CA SER B 379 -19.58 -35.67 -17.83
C SER B 379 -18.30 -35.45 -17.04
N GLY B 380 -17.78 -36.54 -16.47
CA GLY B 380 -16.56 -36.45 -15.69
C GLY B 380 -15.31 -36.31 -16.52
N GLU B 381 -15.40 -36.52 -17.83
CA GLU B 381 -14.26 -36.40 -18.72
C GLU B 381 -14.17 -35.04 -19.39
N GLN B 382 -15.08 -34.11 -19.09
CA GLN B 382 -15.09 -32.78 -19.67
C GLN B 382 -14.69 -31.75 -18.63
N THR B 383 -13.74 -30.88 -18.99
CA THR B 383 -13.31 -29.83 -18.08
C THR B 383 -14.34 -28.70 -18.00
N LEU B 384 -14.80 -28.22 -19.15
CA LEU B 384 -15.77 -27.14 -19.22
C LEU B 384 -16.81 -27.47 -20.28
N LEU B 385 -17.98 -26.86 -20.15
CA LEU B 385 -19.04 -26.98 -21.14
C LEU B 385 -19.19 -25.65 -21.88
N MET B 386 -19.22 -25.72 -23.21
CA MET B 386 -19.54 -24.57 -24.03
C MET B 386 -21.02 -24.62 -24.38
N ILE B 387 -21.76 -23.59 -23.97
CA ILE B 387 -23.19 -23.51 -24.19
C ILE B 387 -23.46 -22.33 -25.09
N ASP B 388 -23.91 -22.60 -26.32
CA ASP B 388 -24.35 -21.56 -27.24
C ASP B 388 -25.81 -21.82 -27.59
N ASN B 389 -26.40 -21.01 -28.47
CA ASN B 389 -27.80 -21.19 -28.82
C ASN B 389 -28.02 -22.32 -29.82
N THR B 390 -26.96 -23.08 -30.14
CA THR B 390 -27.12 -24.35 -30.84
C THR B 390 -27.42 -25.48 -29.86
N THR B 391 -26.72 -25.50 -28.72
CA THR B 391 -27.07 -26.44 -27.66
C THR B 391 -28.47 -26.17 -27.12
N CYS B 392 -28.73 -24.92 -26.73
CA CYS B 392 -30.07 -24.47 -26.39
C CYS B 392 -30.01 -22.96 -26.19
N THR B 393 -31.11 -22.26 -26.50
CA THR B 393 -31.07 -20.82 -26.68
C THR B 393 -30.93 -20.04 -25.39
N THR B 394 -31.41 -20.56 -24.27
CA THR B 394 -31.42 -19.78 -23.03
C THR B 394 -31.13 -20.69 -21.85
N VAL B 395 -30.05 -20.38 -21.12
CA VAL B 395 -29.62 -21.19 -19.99
C VAL B 395 -29.94 -20.45 -18.69
N VAL B 396 -30.17 -21.21 -17.63
CA VAL B 396 -30.48 -20.67 -16.30
C VAL B 396 -29.42 -21.14 -15.33
N LEU B 397 -28.83 -20.19 -14.60
CA LEU B 397 -27.82 -20.46 -13.57
C LEU B 397 -28.32 -19.86 -12.26
N GLY B 398 -29.15 -20.61 -11.55
CA GLY B 398 -29.73 -20.12 -10.31
C GLY B 398 -30.72 -18.99 -10.56
N ASN B 399 -30.36 -17.79 -10.11
CA ASN B 399 -31.19 -16.61 -10.31
C ASN B 399 -30.86 -15.86 -11.59
N ILE B 400 -29.94 -16.37 -12.40
CA ILE B 400 -29.48 -15.71 -13.61
C ILE B 400 -30.01 -16.46 -14.82
N ILE B 401 -30.64 -15.72 -15.74
CA ILE B 401 -31.12 -16.27 -17.01
C ILE B 401 -30.46 -15.48 -18.13
N ILE B 402 -29.79 -16.17 -19.02
CA ILE B 402 -28.97 -15.55 -20.07
C ILE B 402 -29.39 -16.10 -21.42
N SER B 403 -29.60 -15.21 -22.38
CA SER B 403 -29.77 -15.60 -23.78
C SER B 403 -28.41 -15.68 -24.44
N LEU B 404 -28.18 -16.77 -25.17
CA LEU B 404 -26.86 -17.11 -25.68
C LEU B 404 -26.79 -16.92 -27.20
N GLY B 405 -25.58 -16.65 -27.68
CA GLY B 405 -25.32 -16.52 -29.09
C GLY B 405 -24.84 -17.82 -29.71
N LYS B 406 -24.12 -17.70 -30.81
CA LYS B 406 -23.61 -18.84 -31.56
C LYS B 406 -22.08 -18.84 -31.51
N TYR B 407 -21.51 -20.00 -31.22
CA TYR B 407 -20.06 -20.12 -31.14
C TYR B 407 -19.43 -20.07 -32.52
N LEU B 408 -18.36 -19.29 -32.65
CA LEU B 408 -17.65 -19.13 -33.91
C LEU B 408 -16.49 -20.11 -34.07
N GLY B 409 -16.30 -21.01 -33.12
CA GLY B 409 -15.23 -21.98 -33.15
C GLY B 409 -15.67 -23.30 -33.73
N SER B 410 -15.01 -24.37 -33.29
CA SER B 410 -15.31 -25.71 -33.80
C SER B 410 -16.69 -26.16 -33.34
N ILE B 411 -17.38 -26.92 -34.20
CA ILE B 411 -18.69 -27.45 -33.86
C ILE B 411 -18.59 -28.64 -32.91
N ASN B 412 -17.43 -29.31 -32.85
CA ASN B 412 -17.21 -30.46 -31.98
C ASN B 412 -16.45 -30.06 -30.72
N TYR B 413 -16.73 -28.88 -30.19
CA TYR B 413 -16.01 -28.37 -29.02
C TYR B 413 -16.22 -29.30 -27.83
N ASN B 414 -17.47 -29.63 -27.53
CA ASN B 414 -17.77 -30.44 -26.35
C ASN B 414 -17.46 -31.92 -26.57
N SER B 415 -17.16 -32.34 -27.80
CA SER B 415 -16.75 -33.70 -28.06
C SER B 415 -15.24 -33.88 -28.06
N GLU B 416 -14.50 -32.85 -28.44
CA GLU B 416 -13.04 -32.91 -28.48
C GLU B 416 -12.48 -32.48 -27.12
N SER B 417 -11.62 -33.32 -26.56
CA SER B 417 -10.96 -33.04 -25.28
C SER B 417 -9.50 -32.69 -25.52
N ILE B 418 -8.83 -32.28 -24.44
CA ILE B 418 -7.44 -31.86 -24.47
C ILE B 418 -6.71 -32.51 -23.30
N ALA B 419 -5.44 -32.15 -23.15
CA ALA B 419 -4.61 -32.58 -22.04
C ALA B 419 -4.41 -31.44 -21.06
N VAL B 420 -4.27 -31.79 -19.79
CA VAL B 420 -4.14 -30.81 -18.71
C VAL B 420 -2.69 -30.75 -18.26
N GLY B 421 -2.31 -29.61 -17.69
CA GLY B 421 -0.94 -29.39 -17.28
C GLY B 421 -0.66 -29.93 -15.90
N PRO B 422 0.57 -29.71 -15.44
CA PRO B 422 0.98 -30.23 -14.14
C PRO B 422 0.46 -29.36 -13.01
N PRO B 423 -0.03 -29.96 -11.93
CA PRO B 423 -0.48 -29.16 -10.79
C PRO B 423 0.68 -28.43 -10.11
N VAL B 424 0.38 -27.24 -9.59
CA VAL B 424 1.35 -26.39 -8.92
C VAL B 424 0.70 -25.77 -7.69
N TYR B 425 1.55 -25.20 -6.83
CA TYR B 425 1.11 -24.43 -5.68
C TYR B 425 1.87 -23.11 -5.66
N THR B 426 1.14 -22.00 -5.55
CA THR B 426 1.73 -20.67 -5.73
C THR B 426 1.98 -19.93 -4.43
N ASP B 427 1.76 -20.56 -3.28
CA ASP B 427 2.05 -19.91 -2.01
C ASP B 427 3.57 -19.85 -1.79
N LYS B 428 4.00 -18.89 -0.97
CA LYS B 428 5.43 -18.69 -0.74
C LYS B 428 6.05 -19.88 -0.01
N VAL B 429 5.43 -20.29 1.10
CA VAL B 429 5.97 -21.40 1.87
C VAL B 429 5.87 -22.70 1.07
N ASP B 430 4.80 -22.86 0.29
CA ASP B 430 4.66 -24.04 -0.55
C ASP B 430 5.74 -24.06 -1.63
N ILE B 431 6.08 -22.89 -2.19
CA ILE B 431 7.16 -22.83 -3.18
C ILE B 431 8.50 -23.19 -2.54
N SER B 432 8.75 -22.69 -1.33
CA SER B 432 9.98 -23.04 -0.62
C SER B 432 10.05 -24.54 -0.35
N SER B 433 8.94 -25.13 0.09
CA SER B 433 8.90 -26.56 0.36
C SER B 433 9.09 -27.38 -0.92
N GLN B 434 8.49 -26.93 -2.02
CA GLN B 434 8.69 -27.62 -3.29
C GLN B 434 10.14 -27.57 -3.73
N ILE B 435 10.78 -26.40 -3.57
CA ILE B 435 12.19 -26.28 -3.92
C ILE B 435 13.04 -27.20 -3.05
N SER B 436 12.72 -27.27 -1.75
CA SER B 436 13.46 -28.16 -0.86
C SER B 436 13.30 -29.62 -1.25
N SER B 437 12.06 -30.04 -1.55
CA SER B 437 11.83 -31.43 -1.93
C SER B 437 12.52 -31.77 -3.23
N MET B 438 12.40 -30.89 -4.23
CA MET B 438 13.10 -31.10 -5.49
C MET B 438 14.60 -31.10 -5.32
N ASN B 439 15.20 -30.30 -4.46
CA ASN B 439 16.63 -30.40 -4.18
C ASN B 439 17.02 -31.69 -3.48
N GLN B 440 16.20 -32.16 -2.52
CA GLN B 440 16.51 -33.41 -1.84
C GLN B 440 16.37 -34.60 -2.78
N SER B 441 15.59 -34.43 -3.85
CA SER B 441 15.50 -35.47 -4.87
C SER B 441 16.65 -35.33 -5.88
N LEU B 442 17.02 -34.09 -6.19
CA LEU B 442 18.09 -33.85 -7.16
C LEU B 442 19.45 -34.26 -6.61
N GLN B 443 19.65 -34.16 -5.30
CA GLN B 443 20.90 -34.64 -4.71
C GLN B 443 21.06 -36.14 -4.91
N GLN B 444 19.97 -36.90 -4.73
CA GLN B 444 20.01 -38.33 -5.02
C GLN B 444 20.19 -38.59 -6.51
N SER B 445 19.53 -37.78 -7.36
CA SER B 445 19.63 -37.98 -8.80
C SER B 445 21.06 -37.77 -9.29
N LYS B 446 21.73 -36.74 -8.78
CA LYS B 446 23.09 -36.41 -9.20
C LYS B 446 24.03 -36.32 -8.01
N GLY C 1 36.01 -2.55 -1.42
CA GLY C 1 35.28 -3.36 -0.46
C GLY C 1 35.43 -4.85 -0.69
N ILE C 2 34.68 -5.64 0.08
CA ILE C 2 34.73 -7.10 -0.06
C ILE C 2 34.18 -7.55 -1.40
N LEU C 3 33.28 -6.78 -2.01
CA LEU C 3 32.72 -7.16 -3.30
C LEU C 3 33.74 -6.94 -4.41
N HIS C 4 33.58 -7.70 -5.49
CA HIS C 4 34.43 -7.58 -6.68
C HIS C 4 33.76 -6.58 -7.62
N TYR C 5 34.05 -5.30 -7.41
CA TYR C 5 33.31 -4.24 -8.09
C TYR C 5 33.57 -4.25 -9.59
N GLU C 6 34.79 -4.56 -10.01
CA GLU C 6 35.10 -4.57 -11.44
C GLU C 6 34.29 -5.64 -12.17
N LYS C 7 34.35 -6.88 -11.67
CA LYS C 7 33.59 -7.97 -12.30
C LYS C 7 32.09 -7.74 -12.18
N LEU C 8 31.64 -7.13 -11.10
CA LEU C 8 30.21 -6.80 -10.99
C LEU C 8 29.81 -5.76 -12.03
N SER C 9 30.66 -4.75 -12.26
CA SER C 9 30.35 -3.73 -13.24
C SER C 9 30.37 -4.28 -14.65
N LYS C 10 31.20 -5.29 -14.91
CA LYS C 10 31.24 -5.88 -16.24
C LYS C 10 29.93 -6.56 -16.62
N ILE C 11 29.12 -6.97 -15.64
CA ILE C 11 27.79 -7.51 -15.92
C ILE C 11 26.70 -6.49 -15.61
N GLY C 12 27.04 -5.20 -15.61
CA GLY C 12 26.05 -4.15 -15.46
C GLY C 12 25.68 -3.79 -14.04
N LEU C 13 26.44 -4.25 -13.05
CA LEU C 13 26.18 -3.91 -11.65
C LEU C 13 27.20 -2.85 -11.24
N VAL C 14 26.88 -1.60 -11.51
CA VAL C 14 27.79 -0.49 -11.28
C VAL C 14 27.70 -0.06 -9.82
N LYS C 15 28.85 0.16 -9.19
CA LYS C 15 28.89 0.53 -7.79
C LYS C 15 28.21 1.87 -7.56
N GLY C 16 27.33 1.91 -6.56
CA GLY C 16 26.58 3.09 -6.22
C GLY C 16 27.07 3.75 -4.94
N ILE C 17 26.15 4.43 -4.25
CA ILE C 17 26.49 5.15 -3.03
C ILE C 17 26.67 4.16 -1.89
N THR C 18 27.72 4.36 -1.10
CA THR C 18 27.96 3.57 0.10
C THR C 18 27.36 4.30 1.30
N ARG C 19 26.49 3.62 2.03
CA ARG C 19 25.74 4.20 3.14
C ARG C 19 26.02 3.42 4.41
N LYS C 20 26.14 4.12 5.53
CA LYS C 20 26.33 3.46 6.80
C LYS C 20 25.00 2.96 7.35
N TYR C 21 25.08 2.04 8.30
CA TYR C 21 23.93 1.36 8.86
C TYR C 21 23.59 1.94 10.23
N LYS C 22 22.33 2.37 10.40
CA LYS C 22 21.88 2.98 11.63
C LYS C 22 20.60 2.30 12.11
N ILE C 23 20.54 2.01 13.41
CA ILE C 23 19.37 1.40 14.03
C ILE C 23 19.07 2.16 15.32
N LYS C 24 17.79 2.43 15.56
CA LYS C 24 17.39 3.16 16.76
C LYS C 24 17.59 2.32 18.01
N SER C 25 17.91 3.00 19.11
CA SER C 25 18.11 2.33 20.39
C SER C 25 18.04 3.36 21.50
N ASN C 26 17.94 2.86 22.73
CA ASN C 26 17.94 3.65 23.96
C ASN C 26 16.87 4.73 23.95
N PRO C 27 15.59 4.36 24.02
CA PRO C 27 14.53 5.36 23.94
C PRO C 27 14.30 6.06 25.28
N LEU C 28 13.94 7.33 25.19
CA LEU C 28 13.47 8.10 26.34
C LEU C 28 11.95 8.23 26.28
N THR C 29 11.32 8.12 27.43
CA THR C 29 9.87 8.02 27.53
C THR C 29 9.26 9.32 28.02
N LYS C 30 8.18 9.75 27.36
CA LYS C 30 7.38 10.88 27.80
C LYS C 30 5.91 10.48 27.72
N ASP C 31 5.12 10.97 28.67
CA ASP C 31 3.72 10.63 28.78
C ASP C 31 2.86 11.81 28.36
N ILE C 32 1.87 11.55 27.51
CA ILE C 32 0.93 12.56 27.06
C ILE C 32 -0.49 12.02 27.22
N VAL C 33 -1.45 12.93 27.26
CA VAL C 33 -2.86 12.59 27.37
C VAL C 33 -3.56 13.10 26.12
N ILE C 34 -4.30 12.22 25.46
CA ILE C 34 -5.11 12.57 24.31
C ILE C 34 -6.58 12.40 24.69
N LYS C 35 -7.31 13.51 24.67
CA LYS C 35 -8.72 13.51 25.03
C LYS C 35 -9.55 13.33 23.76
N MET C 36 -10.15 12.15 23.61
CA MET C 36 -10.84 11.79 22.38
C MET C 36 -12.14 12.53 22.18
N ILE C 37 -12.62 13.27 23.18
CA ILE C 37 -13.88 14.01 23.05
C ILE C 37 -13.62 15.48 23.30
N PRO C 38 -14.17 16.38 22.48
CA PRO C 38 -13.96 17.81 22.70
C PRO C 38 -14.87 18.34 23.81
N ASN C 39 -14.55 19.56 24.25
CA ASN C 39 -15.34 20.25 25.26
C ASN C 39 -16.35 21.14 24.56
N VAL C 40 -17.63 20.80 24.69
CA VAL C 40 -18.70 21.50 23.97
C VAL C 40 -19.51 22.33 24.95
N SER C 41 -18.87 22.78 26.03
CA SER C 41 -19.58 23.57 27.04
C SER C 41 -20.09 24.88 26.47
N ASN C 42 -19.38 25.46 25.51
CA ASN C 42 -19.75 26.75 24.94
C ASN C 42 -20.66 26.63 23.72
N VAL C 43 -20.98 25.42 23.28
CA VAL C 43 -21.92 25.21 22.18
C VAL C 43 -23.02 24.25 22.65
N SER C 44 -23.08 24.03 23.96
CA SER C 44 -23.99 23.02 24.52
C SER C 44 -25.45 23.38 24.35
N LYS C 45 -25.77 24.60 23.93
CA LYS C 45 -27.15 25.01 23.81
C LYS C 45 -27.93 24.11 22.86
N CYS C 46 -27.34 23.75 21.72
CA CYS C 46 -27.98 22.88 20.75
C CYS C 46 -27.01 21.81 20.24
N THR C 47 -26.31 21.15 21.15
CA THR C 47 -25.64 19.89 20.83
C THR C 47 -26.62 18.74 20.70
N GLY C 48 -27.75 18.81 21.39
CA GLY C 48 -28.77 17.77 21.25
C GLY C 48 -28.29 16.43 21.75
N THR C 49 -28.71 15.38 21.06
CA THR C 49 -28.35 14.01 21.39
C THR C 49 -27.05 13.59 20.72
N VAL C 50 -26.44 14.51 19.95
CA VAL C 50 -25.23 14.20 19.18
C VAL C 50 -24.12 13.73 20.10
N MET C 51 -23.91 14.43 21.21
CA MET C 51 -22.81 14.06 22.12
C MET C 51 -23.08 12.72 22.79
N GLU C 52 -24.34 12.45 23.16
CA GLU C 52 -24.67 11.15 23.75
C GLU C 52 -24.40 10.02 22.76
N ASN C 53 -24.82 10.21 21.51
CA ASN C 53 -24.56 9.19 20.48
C ASN C 53 -23.07 9.01 20.23
N TYR C 54 -22.32 10.13 20.22
CA TYR C 54 -20.88 10.03 20.01
C TYR C 54 -20.21 9.29 21.15
N LYS C 55 -20.61 9.56 22.39
CA LYS C 55 -20.04 8.85 23.53
C LYS C 55 -20.39 7.36 23.48
N SER C 56 -21.62 7.03 23.09
CA SER C 56 -22.00 5.63 22.95
C SER C 56 -21.17 4.94 21.87
N ARG C 57 -20.93 5.62 20.76
CA ARG C 57 -20.14 5.03 19.68
C ARG C 57 -18.68 4.89 20.08
N LEU C 58 -18.13 5.86 20.81
CA LEU C 58 -16.74 5.83 21.21
C LEU C 58 -16.47 4.81 22.32
N THR C 59 -17.46 4.56 23.17
CA THR C 59 -17.29 3.55 24.21
C THR C 59 -17.08 2.17 23.59
N GLY C 60 -17.82 1.86 22.53
CA GLY C 60 -17.64 0.57 21.87
C GLY C 60 -16.30 0.43 21.18
N ILE C 61 -15.69 1.56 20.81
CA ILE C 61 -14.37 1.52 20.19
C ILE C 61 -13.29 1.37 21.26
N LEU C 62 -13.43 2.09 22.38
CA LEU C 62 -12.39 2.10 23.40
C LEU C 62 -12.48 0.94 24.39
N SER C 63 -13.62 0.26 24.46
CA SER C 63 -13.77 -0.84 25.43
C SER C 63 -12.84 -2.02 25.15
N PRO C 64 -12.71 -2.54 23.92
CA PRO C 64 -11.77 -3.65 23.72
C PRO C 64 -10.33 -3.29 24.04
N ILE C 65 -9.90 -2.06 23.74
CA ILE C 65 -8.55 -1.64 24.07
C ILE C 65 -8.34 -1.65 25.58
N LYS C 66 -9.32 -1.10 26.32
CA LYS C 66 -9.22 -1.08 27.76
C LYS C 66 -9.20 -2.50 28.34
N GLY C 67 -10.02 -3.38 27.79
CA GLY C 67 -10.01 -4.76 28.26
C GLY C 67 -8.69 -5.45 28.02
N ALA C 68 -8.12 -5.25 26.83
CA ALA C 68 -6.82 -5.86 26.53
C ALA C 68 -5.71 -5.30 27.42
N ILE C 69 -5.77 -4.01 27.73
CA ILE C 69 -4.76 -3.42 28.60
C ILE C 69 -4.91 -3.95 30.03
N GLU C 70 -6.15 -4.03 30.52
CA GLU C 70 -6.38 -4.55 31.87
C GLU C 70 -6.05 -6.04 31.96
N LEU C 71 -6.06 -6.75 30.83
CA LEU C 71 -5.66 -8.15 30.85
C LEU C 71 -4.22 -8.29 31.34
N TYR C 72 -3.33 -7.39 30.91
CA TYR C 72 -1.96 -7.40 31.38
C TYR C 72 -1.78 -6.65 32.69
N ASN C 73 -2.59 -5.61 32.94
CA ASN C 73 -2.49 -4.87 34.19
C ASN C 73 -2.85 -5.74 35.38
N ASN C 74 -3.88 -6.58 35.23
CA ASN C 74 -4.34 -7.42 36.32
C ASN C 74 -3.37 -8.55 36.64
N ASN C 75 -2.52 -8.93 35.70
CA ASN C 75 -1.65 -10.09 35.85
C ASN C 75 -0.18 -9.70 35.97
N THR C 76 0.08 -8.50 36.48
CA THR C 76 1.44 -8.04 36.74
C THR C 76 1.51 -7.50 38.17
N HIS C 77 2.54 -7.90 38.90
CA HIS C 77 2.68 -7.51 40.29
C HIS C 77 4.13 -7.12 40.55
N ASP C 78 4.49 -7.02 41.83
CA ASP C 78 5.80 -6.54 42.26
C ASP C 78 6.70 -7.68 42.72
N CYS C 79 6.11 -8.85 42.98
CA CYS C 79 6.65 -9.95 43.79
C CYS C 79 7.99 -9.62 44.45
N VAL C 88 9.19 -5.90 37.79
CA VAL C 88 8.07 -6.38 37.00
C VAL C 88 7.91 -7.89 37.18
N CYS C 89 6.75 -8.29 37.70
CA CYS C 89 6.50 -9.68 38.07
C CYS C 89 5.21 -10.14 37.39
N MET C 90 5.35 -11.00 36.40
CA MET C 90 4.23 -11.38 35.54
C MET C 90 3.81 -12.81 35.81
N ALA C 91 2.50 -13.05 35.85
CA ALA C 91 1.94 -14.38 36.05
C ALA C 91 1.63 -15.00 34.68
N GLY C 92 2.44 -15.98 34.28
CA GLY C 92 2.25 -16.59 32.97
C GLY C 92 1.03 -17.48 32.89
N ILE C 93 0.58 -18.02 34.02
CA ILE C 93 -0.58 -18.91 34.01
C ILE C 93 -1.82 -18.17 33.52
N ALA C 94 -2.03 -16.96 34.03
CA ALA C 94 -3.20 -16.18 33.63
C ALA C 94 -3.05 -15.62 32.23
N ILE C 95 -1.83 -15.21 31.86
CA ILE C 95 -1.60 -14.68 30.52
C ILE C 95 -1.87 -15.74 29.47
N GLY C 96 -1.36 -16.95 29.69
CA GLY C 96 -1.65 -18.06 28.81
C GLY C 96 -0.79 -18.10 27.57
N ILE C 97 -1.08 -17.24 26.60
CA ILE C 97 -0.37 -17.21 25.32
C ILE C 97 0.13 -15.79 25.09
N ALA C 98 1.42 -15.66 24.82
CA ALA C 98 2.02 -14.36 24.53
C ALA C 98 3.34 -14.58 23.82
N THR C 99 3.75 -13.58 23.06
CA THR C 99 5.06 -13.58 22.41
C THR C 99 6.05 -12.78 23.25
N ALA C 100 7.32 -12.83 22.83
CA ALA C 100 8.35 -12.07 23.53
C ALA C 100 8.08 -10.57 23.45
N ALA C 101 7.63 -10.10 22.28
CA ALA C 101 7.31 -8.68 22.12
C ALA C 101 6.15 -8.30 23.03
N GLN C 102 5.12 -9.15 23.13
CA GLN C 102 3.99 -8.85 23.99
C GLN C 102 4.40 -8.79 25.46
N ILE C 103 5.28 -9.70 25.89
CA ILE C 103 5.70 -9.69 27.28
C ILE C 103 6.57 -8.47 27.58
N THR C 104 7.46 -8.11 26.64
CA THR C 104 8.25 -6.90 26.84
C THR C 104 7.37 -5.66 26.88
N ALA C 105 6.34 -5.61 26.03
CA ALA C 105 5.39 -4.51 26.07
C ALA C 105 4.61 -4.48 27.37
N GLY C 106 4.28 -5.65 27.93
CA GLY C 106 3.64 -5.68 29.22
C GLY C 106 4.54 -5.17 30.33
N VAL C 107 5.83 -5.49 30.26
CA VAL C 107 6.80 -4.93 31.21
C VAL C 107 6.86 -3.42 31.09
N ALA C 108 6.90 -2.91 29.86
CA ALA C 108 6.92 -1.47 29.66
C ALA C 108 5.62 -0.83 30.16
N LEU C 109 4.50 -1.51 29.97
CA LEU C 109 3.22 -1.01 30.46
C LEU C 109 3.20 -0.93 31.99
N TYR C 110 3.75 -1.96 32.65
CA TYR C 110 3.85 -1.91 34.11
C TYR C 110 4.74 -0.76 34.55
N GLU C 111 5.85 -0.53 33.84
CA GLU C 111 6.71 0.60 34.17
C GLU C 111 5.98 1.93 34.01
N ALA C 112 5.16 2.04 32.96
CA ALA C 112 4.44 3.28 32.70
C ALA C 112 3.24 3.49 33.60
N MET C 113 2.72 2.42 34.20
CA MET C 113 1.54 2.57 35.07
C MET C 113 1.85 3.41 36.30
N LYS C 114 3.11 3.43 36.75
CA LYS C 114 3.47 4.25 37.89
C LYS C 114 3.23 5.73 37.62
N ASN C 115 3.61 6.20 36.42
CA ASN C 115 3.33 7.57 36.02
C ASN C 115 1.87 7.77 35.64
N ALA C 116 1.23 6.74 35.07
CA ALA C 116 -0.17 6.85 34.71
C ALA C 116 -1.04 7.07 35.95
N ASP C 117 -0.68 6.44 37.06
CA ASP C 117 -1.43 6.63 38.30
C ASP C 117 -1.34 8.08 38.78
N ASN C 118 -0.16 8.69 38.68
CA ASN C 118 -0.02 10.09 39.05
C ASN C 118 -0.78 11.00 38.09
N ILE C 119 -0.79 10.66 36.80
CA ILE C 119 -1.53 11.46 35.82
C ILE C 119 -3.02 11.40 36.10
N ASN C 120 -3.53 10.21 36.44
CA ASN C 120 -4.96 10.01 36.64
C ASN C 120 -5.52 10.80 37.81
N LYS C 121 -4.68 11.33 38.69
CA LYS C 121 -5.18 12.16 39.78
C LYS C 121 -5.67 13.52 39.30
N LEU C 122 -5.37 13.89 38.06
CA LEU C 122 -5.85 15.14 37.45
C LEU C 122 -7.02 14.89 36.51
N LYS C 123 -7.88 13.94 36.83
CA LYS C 123 -8.98 13.59 35.93
C LYS C 123 -9.94 14.76 35.75
N SER C 124 -10.25 15.48 36.82
CA SER C 124 -11.14 16.64 36.70
C SER C 124 -10.51 17.72 35.84
N SER C 125 -9.21 17.97 36.01
CA SER C 125 -8.53 18.96 35.19
C SER C 125 -8.52 18.56 33.72
N ILE C 126 -8.33 17.26 33.44
CA ILE C 126 -8.40 16.79 32.06
C ILE C 126 -9.81 16.98 31.51
N GLU C 127 -10.83 16.70 32.32
CA GLU C 127 -12.20 16.90 31.88
C GLU C 127 -12.50 18.36 31.57
N SER C 128 -11.91 19.27 32.34
CA SER C 128 -12.20 20.69 32.20
C SER C 128 -11.39 21.38 31.12
N THR C 129 -10.54 20.66 30.39
CA THR C 129 -9.73 21.27 29.34
C THR C 129 -10.62 21.80 28.23
N ASN C 130 -10.37 23.04 27.80
CA ASN C 130 -11.14 23.68 26.74
C ASN C 130 -10.25 24.25 25.65
N GLU C 131 -9.03 23.74 25.51
CA GLU C 131 -8.11 24.15 24.45
C GLU C 131 -7.49 22.90 23.82
N ALA C 132 -7.04 23.06 22.58
CA ALA C 132 -6.45 21.93 21.87
C ALA C 132 -5.20 21.41 22.56
N VAL C 133 -4.35 22.31 23.03
CA VAL C 133 -3.14 21.93 23.77
C VAL C 133 -3.12 22.72 25.07
N VAL C 134 -3.09 22.02 26.20
CA VAL C 134 -2.97 22.65 27.51
C VAL C 134 -1.83 21.96 28.26
N LYS C 135 -1.35 22.65 29.30
CA LYS C 135 -0.27 22.16 30.13
C LYS C 135 -0.78 22.00 31.56
N LEU C 136 -0.58 20.82 32.13
CA LEU C 136 -0.98 20.52 33.50
C LEU C 136 0.23 20.07 34.29
N GLN C 137 0.29 20.50 35.56
CA GLN C 137 1.39 20.13 36.45
C GLN C 137 1.04 18.82 37.14
N GLU C 138 1.53 17.71 36.58
CA GLU C 138 1.30 16.40 37.19
C GLU C 138 1.93 16.33 38.57
N THR C 139 3.16 16.83 38.71
CA THR C 139 3.83 16.92 40.00
C THR C 139 4.47 18.30 40.14
N ALA C 140 5.32 18.47 41.16
CA ALA C 140 6.02 19.73 41.33
C ALA C 140 7.09 19.96 40.28
N GLU C 141 7.48 18.93 39.54
CA GLU C 141 8.56 19.05 38.55
C GLU C 141 8.14 18.53 37.19
N LYS C 142 7.25 17.55 37.16
CA LYS C 142 6.81 16.95 35.91
C LYS C 142 5.56 17.65 35.39
N THR C 143 5.53 17.86 34.07
CA THR C 143 4.38 18.46 33.40
C THR C 143 3.85 17.49 32.35
N VAL C 144 2.52 17.42 32.25
CA VAL C 144 1.84 16.55 31.29
C VAL C 144 1.02 17.42 30.36
N TYR C 145 1.05 17.09 29.07
CA TYR C 145 0.32 17.83 28.05
C TYR C 145 -0.94 17.08 27.67
N VAL C 146 -2.05 17.80 27.56
CA VAL C 146 -3.34 17.23 27.18
C VAL C 146 -3.68 17.74 25.79
N PHE C 147 -3.97 16.81 24.87
CA PHE C 147 -4.31 17.14 23.49
C PHE C 147 -5.75 16.73 23.24
N THR C 148 -6.61 17.70 22.94
CA THR C 148 -8.04 17.48 22.76
C THR C 148 -8.38 17.54 21.29
N ALA C 149 -9.09 16.52 20.80
CA ALA C 149 -9.46 16.46 19.40
C ALA C 149 -10.65 17.37 19.11
N LEU C 150 -10.60 18.03 17.95
CA LEU C 150 -11.68 18.88 17.45
C LEU C 150 -11.95 20.10 18.32
N GLN C 151 -11.16 20.28 19.38
CA GLN C 151 -11.34 21.44 20.24
C GLN C 151 -11.04 22.73 19.49
N ASP C 152 -9.95 22.75 18.72
CA ASP C 152 -9.64 23.92 17.92
C ASP C 152 -10.73 24.20 16.89
N TYR C 153 -11.23 23.14 16.25
CA TYR C 153 -12.31 23.31 15.28
C TYR C 153 -13.53 23.93 15.93
N ILE C 154 -13.93 23.44 17.11
CA ILE C 154 -15.08 23.99 17.80
C ILE C 154 -14.84 25.45 18.15
N ASN C 155 -13.67 25.75 18.74
CA ASN C 155 -13.39 27.10 19.21
C ASN C 155 -13.31 28.11 18.08
N THR C 156 -12.84 27.71 16.91
CA THR C 156 -12.64 28.65 15.81
C THR C 156 -13.73 28.61 14.76
N ASN C 157 -14.63 27.63 14.78
CA ASN C 157 -15.70 27.54 13.80
C ASN C 157 -17.09 27.59 14.42
N LEU C 158 -17.33 26.80 15.47
CA LEU C 158 -18.69 26.65 15.98
C LEU C 158 -19.05 27.74 16.98
N VAL C 159 -18.12 28.11 17.87
CA VAL C 159 -18.39 29.20 18.82
C VAL C 159 -18.65 30.53 18.13
N PRO C 160 -17.83 30.98 17.17
CA PRO C 160 -18.11 32.28 16.55
C PRO C 160 -19.38 32.32 15.73
N THR C 161 -19.92 31.18 15.30
CA THR C 161 -21.09 31.13 14.43
C THR C 161 -22.33 30.67 15.17
N ILE C 162 -22.38 30.81 16.49
CA ILE C 162 -23.52 30.33 17.27
C ILE C 162 -24.76 31.16 16.96
N ASP C 163 -24.62 32.48 16.96
CA ASP C 163 -25.76 33.38 16.79
C ASP C 163 -26.03 33.77 15.34
N GLN C 164 -25.16 33.38 14.40
CA GLN C 164 -25.30 33.80 13.01
C GLN C 164 -26.12 32.83 12.17
N ILE C 165 -25.91 31.52 12.34
CA ILE C 165 -26.61 30.52 11.55
C ILE C 165 -27.67 29.85 12.43
N PRO C 166 -28.75 29.33 11.86
CA PRO C 166 -29.68 28.53 12.65
C PRO C 166 -28.95 27.36 13.29
N CYS C 167 -28.90 27.35 14.62
CA CYS C 167 -27.97 26.47 15.30
C CYS C 167 -28.40 25.01 15.23
N LYS C 168 -29.55 24.72 14.63
CA LYS C 168 -29.83 23.36 14.18
C LYS C 168 -28.83 22.91 13.12
N GLN C 169 -28.30 23.84 12.32
CA GLN C 169 -27.19 23.55 11.42
C GLN C 169 -25.87 23.41 12.15
N THR C 170 -25.69 24.09 13.27
CA THR C 170 -24.52 23.87 14.12
C THR C 170 -24.50 22.46 14.67
N GLU C 171 -25.66 21.93 15.08
CA GLU C 171 -25.75 20.55 15.54
C GLU C 171 -25.37 19.58 14.44
N LEU C 172 -25.83 19.81 13.22
CA LEU C 172 -25.46 18.95 12.09
C LEU C 172 -23.98 19.09 11.77
N ALA C 173 -23.44 20.31 11.85
CA ALA C 173 -22.01 20.51 11.62
C ALA C 173 -21.18 19.80 12.69
N LEU C 174 -21.59 19.90 13.95
CA LEU C 174 -20.89 19.20 15.03
C LEU C 174 -20.98 17.69 14.85
N ASP C 175 -22.15 17.19 14.46
CA ASP C 175 -22.32 15.76 14.24
C ASP C 175 -21.42 15.26 13.11
N LEU C 176 -21.33 16.02 12.02
CA LEU C 176 -20.51 15.61 10.89
C LEU C 176 -19.03 15.62 11.25
N ALA C 177 -18.59 16.63 12.01
CA ALA C 177 -17.18 16.71 12.41
C ALA C 177 -16.79 15.53 13.29
N LEU C 178 -17.66 15.15 14.23
CA LEU C 178 -17.37 14.02 15.09
C LEU C 178 -17.33 12.72 14.30
N SER C 179 -18.25 12.55 13.36
CA SER C 179 -18.29 11.32 12.57
C SER C 179 -17.13 11.26 11.59
N LYS C 180 -16.72 12.39 11.04
CA LYS C 180 -15.53 12.41 10.20
C LYS C 180 -14.28 12.12 11.02
N TYR C 181 -14.25 12.59 12.27
CA TYR C 181 -13.15 12.25 13.16
C TYR C 181 -13.11 10.75 13.44
N LEU C 182 -14.28 10.13 13.62
CA LEU C 182 -14.33 8.69 13.85
C LEU C 182 -13.95 7.92 12.59
N SER C 183 -14.29 8.46 11.42
CA SER C 183 -13.98 7.77 10.18
C SER C 183 -12.48 7.63 9.98
N ASP C 184 -11.72 8.69 10.26
CA ASP C 184 -10.27 8.61 10.15
C ASP C 184 -9.67 7.81 11.30
N LEU C 185 -10.32 7.81 12.45
CA LEU C 185 -9.80 7.10 13.63
C LEU C 185 -9.99 5.59 13.51
N LEU C 186 -11.03 5.14 12.80
CA LEU C 186 -11.43 3.74 12.87
C LEU C 186 -10.37 2.82 12.30
N PHE C 187 -9.66 3.26 11.25
CA PHE C 187 -8.66 2.38 10.64
C PHE C 187 -7.54 2.03 11.61
N VAL C 188 -7.19 2.94 12.50
CA VAL C 188 -6.06 2.74 13.39
C VAL C 188 -6.49 2.19 14.74
N PHE C 189 -7.54 2.76 15.34
CA PHE C 189 -7.98 2.42 16.68
C PHE C 189 -9.15 1.45 16.70
N GLY C 190 -9.54 0.91 15.56
CA GLY C 190 -10.68 0.02 15.50
C GLY C 190 -10.32 -1.41 15.79
N PRO C 191 -11.10 -2.35 15.25
CA PRO C 191 -10.80 -3.77 15.45
C PRO C 191 -9.45 -4.20 14.90
N ASN C 192 -8.83 -3.41 14.03
CA ASN C 192 -7.47 -3.72 13.58
C ASN C 192 -6.51 -3.73 14.76
N LEU C 193 -6.68 -2.79 15.70
CA LEU C 193 -5.84 -2.72 16.89
C LEU C 193 -6.30 -3.80 17.86
N GLN C 194 -5.87 -5.03 17.58
CA GLN C 194 -6.15 -6.15 18.47
C GLN C 194 -5.11 -6.31 19.56
N ASP C 195 -3.95 -5.66 19.44
CA ASP C 195 -2.85 -5.79 20.39
C ASP C 195 -2.39 -4.41 20.81
N PRO C 196 -3.15 -3.74 21.69
CA PRO C 196 -2.69 -2.44 22.20
C PRO C 196 -1.47 -2.53 23.11
N VAL C 197 -1.16 -3.71 23.63
CA VAL C 197 0.02 -3.89 24.48
C VAL C 197 1.18 -4.18 23.53
N SER C 198 1.76 -3.11 22.99
CA SER C 198 2.86 -3.20 22.05
C SER C 198 3.46 -1.81 21.88
N ASN C 199 4.78 -1.76 21.76
CA ASN C 199 5.49 -0.50 21.55
C ASN C 199 5.98 -0.34 20.11
N SER C 200 5.37 -1.07 19.17
CA SER C 200 5.67 -0.93 17.76
C SER C 200 4.71 -0.01 17.03
N MET C 201 3.77 0.61 17.75
CA MET C 201 2.81 1.53 17.15
C MET C 201 3.46 2.89 16.97
N THR C 202 3.53 3.35 15.73
CA THR C 202 4.23 4.60 15.43
C THR C 202 3.44 5.80 15.98
N ILE C 203 4.16 6.89 16.21
CA ILE C 203 3.53 8.12 16.69
C ILE C 203 2.61 8.70 15.64
N GLN C 204 2.89 8.47 14.36
CA GLN C 204 2.00 8.95 13.31
C GLN C 204 0.64 8.26 13.39
N ALA C 205 0.62 6.96 13.66
CA ALA C 205 -0.63 6.24 13.82
C ALA C 205 -1.37 6.69 15.08
N ILE C 206 -0.64 6.90 16.17
CA ILE C 206 -1.27 7.36 17.41
C ILE C 206 -1.87 8.75 17.24
N SER C 207 -1.23 9.59 16.43
CA SER C 207 -1.70 10.95 16.24
C SER C 207 -3.05 11.02 15.54
N GLN C 208 -3.52 9.90 14.97
CA GLN C 208 -4.85 9.87 14.37
C GLN C 208 -5.94 10.16 15.39
N ALA C 209 -5.67 9.93 16.67
CA ALA C 209 -6.59 10.34 17.73
C ALA C 209 -6.60 11.85 17.91
N PHE C 210 -5.60 12.56 17.38
CA PHE C 210 -5.52 14.00 17.44
C PHE C 210 -5.62 14.61 16.04
N GLY C 211 -6.29 13.90 15.14
CA GLY C 211 -6.45 14.39 13.79
C GLY C 211 -5.24 14.24 12.89
N GLY C 212 -4.22 13.49 13.32
CA GLY C 212 -3.02 13.32 12.53
C GLY C 212 -1.97 14.38 12.71
N ASN C 213 -1.98 15.11 13.82
CA ASN C 213 -1.03 16.20 14.05
C ASN C 213 0.13 15.74 14.93
N TYR C 214 0.88 14.75 14.43
CA TYR C 214 2.06 14.30 15.14
C TYR C 214 3.14 15.36 15.17
N GLU C 215 3.15 16.28 14.19
CA GLU C 215 4.06 17.42 14.26
C GLU C 215 3.76 18.28 15.48
N THR C 216 2.48 18.57 15.72
CA THR C 216 2.11 19.30 16.92
C THR C 216 2.49 18.54 18.18
N LEU C 217 2.21 17.23 18.20
CA LEU C 217 2.56 16.42 19.38
C LEU C 217 4.05 16.51 19.69
N LEU C 218 4.90 16.27 18.69
CA LEU C 218 6.33 16.21 18.92
C LEU C 218 6.92 17.59 19.21
N ARG C 219 6.40 18.62 18.55
CA ARG C 219 6.88 19.98 18.81
C ARG C 219 6.51 20.43 20.21
N THR C 220 5.31 20.11 20.67
CA THR C 220 4.92 20.45 22.03
C THR C 220 5.74 19.67 23.05
N LEU C 221 6.05 18.40 22.75
CA LEU C 221 6.88 17.62 23.65
C LEU C 221 8.32 18.10 23.72
N GLY C 222 8.73 18.98 22.81
CA GLY C 222 10.12 19.42 22.76
C GLY C 222 10.88 18.69 21.67
N TYR C 223 11.74 17.76 22.08
CA TYR C 223 12.40 16.82 21.17
C TYR C 223 13.22 17.55 20.10
N ALA C 224 14.23 18.28 20.57
CA ALA C 224 15.16 18.98 19.69
C ALA C 224 16.33 18.05 19.40
N THR C 225 16.43 17.60 18.15
CA THR C 225 17.45 16.63 17.77
C THR C 225 17.74 16.79 16.28
N GLU C 226 19.01 16.61 15.91
CA GLU C 226 19.38 16.66 14.49
C GLU C 226 18.72 15.53 13.71
N ASP C 227 18.63 14.34 14.31
CA ASP C 227 18.05 13.17 13.66
C ASP C 227 16.54 13.08 13.82
N PHE C 228 15.87 14.21 14.06
CA PHE C 228 14.43 14.19 14.30
C PHE C 228 13.66 13.68 13.08
N ASP C 229 13.92 14.26 11.90
CA ASP C 229 13.20 13.85 10.71
C ASP C 229 13.57 12.43 10.29
N ASP C 230 14.83 12.04 10.48
CA ASP C 230 15.23 10.68 10.17
C ASP C 230 14.51 9.67 11.08
N LEU C 231 14.40 9.99 12.36
CA LEU C 231 13.66 9.12 13.28
C LEU C 231 12.18 9.06 12.90
N LEU C 232 11.61 10.19 12.50
CA LEU C 232 10.20 10.20 12.10
C LEU C 232 9.97 9.34 10.87
N GLU C 233 10.83 9.46 9.86
CA GLU C 233 10.62 8.72 8.62
C GLU C 233 11.09 7.28 8.67
N SER C 234 11.88 6.90 9.67
CA SER C 234 12.27 5.51 9.85
C SER C 234 11.27 4.74 10.71
N ASP C 235 10.18 5.38 11.12
CA ASP C 235 9.18 4.77 12.00
C ASP C 235 9.79 4.31 13.32
N SER C 236 10.73 5.10 13.83
CA SER C 236 11.40 4.76 15.08
C SER C 236 10.73 5.39 16.30
N ILE C 237 10.07 6.53 16.14
CA ILE C 237 9.33 7.14 17.23
C ILE C 237 8.01 6.40 17.38
N ALA C 238 7.79 5.81 18.56
CA ALA C 238 6.65 4.94 18.79
C ALA C 238 5.90 5.39 20.04
N GLY C 239 4.62 5.02 20.08
CA GLY C 239 3.79 5.32 21.22
C GLY C 239 3.04 4.08 21.68
N GLN C 240 2.71 4.07 22.96
CA GLN C 240 2.02 2.94 23.57
C GLN C 240 0.87 3.45 24.42
N ILE C 241 -0.32 2.92 24.23
CA ILE C 241 -1.47 3.26 25.06
C ILE C 241 -1.35 2.51 26.37
N VAL C 242 -1.26 3.25 27.47
CA VAL C 242 -1.08 2.64 28.78
C VAL C 242 -2.33 2.73 29.65
N TYR C 243 -3.28 3.61 29.34
CA TYR C 243 -4.49 3.73 30.13
C TYR C 243 -5.61 4.26 29.25
N VAL C 244 -6.81 3.72 29.45
CA VAL C 244 -8.00 4.14 28.71
C VAL C 244 -9.09 4.44 29.73
N ASP C 245 -9.69 5.62 29.61
CA ASP C 245 -10.77 6.04 30.49
C ASP C 245 -12.07 6.06 29.71
N LEU C 246 -13.07 5.31 30.19
CA LEU C 246 -14.37 5.26 29.55
C LEU C 246 -15.37 6.23 30.16
N SER C 247 -14.97 7.00 31.18
CA SER C 247 -15.83 8.00 31.77
C SER C 247 -15.50 9.41 31.33
N SER C 248 -14.21 9.74 31.20
CA SER C 248 -13.78 11.02 30.67
C SER C 248 -13.34 10.94 29.21
N TYR C 249 -13.24 9.72 28.66
CA TYR C 249 -12.93 9.50 27.25
C TYR C 249 -11.59 10.13 26.86
N TYR C 250 -10.53 9.62 27.48
CA TYR C 250 -9.17 10.01 27.14
C TYR C 250 -8.27 8.79 27.29
N ILE C 251 -7.11 8.86 26.63
CA ILE C 251 -6.10 7.82 26.72
C ILE C 251 -4.78 8.44 27.11
N ILE C 252 -3.94 7.66 27.78
CA ILE C 252 -2.59 8.07 28.14
C ILE C 252 -1.63 7.30 27.26
N VAL C 253 -0.80 8.02 26.52
CA VAL C 253 0.14 7.43 25.57
C VAL C 253 1.55 7.77 26.01
N ARG C 254 2.40 6.75 26.11
CA ARG C 254 3.81 6.93 26.42
C ARG C 254 4.60 6.92 25.12
N VAL C 255 5.20 8.05 24.78
CA VAL C 255 5.95 8.21 23.54
C VAL C 255 7.42 7.84 23.81
N TYR C 256 7.96 6.96 22.98
CA TYR C 256 9.34 6.52 23.09
C TYR C 256 10.17 7.23 22.03
N PHE C 257 11.17 8.00 22.47
CA PHE C 257 12.03 8.75 21.57
C PHE C 257 13.43 8.17 21.61
N PRO C 258 13.83 7.38 20.62
CA PRO C 258 15.16 6.77 20.66
C PRO C 258 16.22 7.63 20.01
N ILE C 259 17.46 7.15 20.03
CA ILE C 259 18.56 7.78 19.31
C ILE C 259 19.13 6.77 18.32
N LEU C 260 19.76 7.28 17.28
CA LEU C 260 20.27 6.46 16.18
C LEU C 260 21.72 6.12 16.45
N THR C 261 22.03 4.82 16.50
CA THR C 261 23.39 4.35 16.67
C THR C 261 23.93 3.82 15.35
N GLU C 262 25.06 4.34 14.93
CA GLU C 262 25.73 3.84 13.73
C GLU C 262 26.41 2.52 14.05
N ILE C 263 26.00 1.46 13.36
CA ILE C 263 26.59 0.14 13.59
C ILE C 263 28.04 0.16 13.15
N GLN C 264 28.92 -0.28 14.04
CA GLN C 264 30.36 -0.22 13.76
C GLN C 264 30.75 -1.28 12.74
N GLN C 265 31.63 -0.89 11.81
CA GLN C 265 32.14 -1.78 10.76
C GLN C 265 31.00 -2.36 9.93
N ALA C 266 29.97 -1.55 9.70
CA ALA C 266 28.82 -1.96 8.91
C ALA C 266 28.44 -0.85 7.95
N TYR C 267 28.14 -1.24 6.71
CA TYR C 267 27.69 -0.28 5.70
C TYR C 267 26.82 -1.00 4.70
N VAL C 268 26.01 -0.24 3.98
CA VAL C 268 25.12 -0.75 2.95
C VAL C 268 25.63 -0.27 1.60
N GLN C 269 25.87 -1.21 0.70
CA GLN C 269 26.41 -0.92 -0.63
C GLN C 269 25.31 -1.07 -1.67
N GLU C 270 25.15 -0.05 -2.51
CA GLU C 270 24.15 -0.06 -3.56
C GLU C 270 24.80 -0.38 -4.91
N LEU C 271 24.12 -1.21 -5.69
CA LEU C 271 24.58 -1.57 -7.03
C LEU C 271 23.58 -1.04 -8.05
N LEU C 272 24.08 -0.29 -9.04
CA LEU C 272 23.23 0.29 -10.06
C LEU C 272 23.10 -0.69 -11.22
N PRO C 273 21.89 -1.17 -11.52
CA PRO C 273 21.73 -2.15 -12.61
C PRO C 273 21.80 -1.46 -13.98
N VAL C 274 22.63 -2.00 -14.86
CA VAL C 274 22.80 -1.51 -16.21
C VAL C 274 22.66 -2.69 -17.17
N SER C 275 21.87 -2.51 -18.22
CA SER C 275 21.71 -3.57 -19.21
C SER C 275 23.01 -3.80 -19.97
N PHE C 276 23.29 -5.06 -20.29
CA PHE C 276 24.50 -5.42 -21.00
C PHE C 276 24.15 -6.36 -22.15
N ASN C 277 25.05 -6.41 -23.12
CA ASN C 277 24.84 -7.17 -24.35
C ASN C 277 25.50 -8.54 -24.26
N ASN C 278 24.77 -9.56 -24.69
CA ASN C 278 25.31 -10.92 -24.72
C ASN C 278 24.50 -11.74 -25.70
N ASP C 279 25.21 -12.45 -26.59
CA ASP C 279 24.58 -13.32 -27.59
C ASP C 279 23.56 -12.57 -28.44
N ASN C 280 23.94 -11.37 -28.88
CA ASN C 280 23.09 -10.53 -29.74
C ASN C 280 21.74 -10.23 -29.10
N SER C 281 21.72 -10.08 -27.78
CA SER C 281 20.50 -9.75 -27.06
C SER C 281 20.87 -8.97 -25.81
N GLU C 282 19.89 -8.27 -25.25
CA GLU C 282 20.09 -7.43 -24.09
C GLU C 282 19.62 -8.13 -22.82
N TRP C 283 20.40 -7.99 -21.76
CA TRP C 283 20.14 -8.69 -20.51
C TRP C 283 20.30 -7.74 -19.33
N ILE C 284 19.68 -8.12 -18.22
CA ILE C 284 19.86 -7.44 -16.94
C ILE C 284 20.21 -8.51 -15.90
N SER C 285 20.90 -8.09 -14.85
CA SER C 285 21.38 -9.00 -13.82
C SER C 285 20.41 -9.00 -12.64
N ILE C 286 20.02 -10.20 -12.20
CA ILE C 286 19.09 -10.35 -11.09
C ILE C 286 19.93 -10.61 -9.85
N VAL C 287 20.34 -9.53 -9.19
CA VAL C 287 21.06 -9.59 -7.91
C VAL C 287 20.47 -8.53 -6.98
N PRO C 288 20.68 -8.68 -5.67
CA PRO C 288 20.20 -7.65 -4.75
C PRO C 288 20.85 -6.30 -5.03
N ASN C 289 20.01 -5.26 -5.11
CA ASN C 289 20.53 -3.92 -5.38
C ASN C 289 21.19 -3.33 -4.15
N PHE C 290 20.73 -3.70 -2.95
CA PHE C 290 21.30 -3.24 -1.70
C PHE C 290 21.89 -4.43 -0.97
N VAL C 291 23.17 -4.33 -0.61
CA VAL C 291 23.90 -5.39 0.07
C VAL C 291 24.43 -4.85 1.38
N LEU C 292 24.09 -5.52 2.48
CA LEU C 292 24.55 -5.12 3.80
C LEU C 292 25.81 -5.91 4.16
N ILE C 293 26.88 -5.19 4.49
CA ILE C 293 28.16 -5.79 4.85
C ILE C 293 28.48 -5.40 6.27
N ARG C 294 28.49 -6.38 7.17
CA ARG C 294 28.88 -6.18 8.56
C ARG C 294 30.19 -6.93 8.79
N ASN C 295 31.22 -6.21 9.24
CA ASN C 295 32.56 -6.76 9.33
C ASN C 295 32.98 -7.30 7.97
N THR C 296 33.12 -8.63 7.86
CA THR C 296 33.40 -9.28 6.60
C THR C 296 32.25 -10.16 6.13
N LEU C 297 31.08 -10.04 6.73
CA LEU C 297 29.94 -10.89 6.42
C LEU C 297 29.01 -10.17 5.45
N ILE C 298 28.61 -10.87 4.40
CA ILE C 298 27.71 -10.34 3.37
C ILE C 298 26.33 -10.95 3.58
N SER C 299 25.31 -10.11 3.63
CA SER C 299 23.95 -10.57 3.81
C SER C 299 22.99 -9.59 3.14
N ASN C 300 21.76 -10.05 2.92
CA ASN C 300 20.72 -9.20 2.36
C ASN C 300 20.15 -8.29 3.43
N ILE C 301 19.50 -7.22 2.98
CA ILE C 301 18.82 -6.28 3.86
C ILE C 301 17.50 -5.89 3.21
N GLU C 302 16.42 -5.88 3.99
CA GLU C 302 15.11 -5.47 3.51
C GLU C 302 14.99 -3.96 3.65
N VAL C 303 15.50 -3.25 2.63
CA VAL C 303 15.54 -1.79 2.67
C VAL C 303 14.19 -1.15 2.46
N LYS C 304 13.16 -1.92 2.08
CA LYS C 304 11.83 -1.35 1.90
C LYS C 304 11.19 -0.94 3.21
N TYR C 305 11.61 -1.53 4.32
CA TYR C 305 11.14 -1.13 5.65
C TYR C 305 11.97 -0.02 6.26
N CYS C 306 13.10 0.32 5.66
CA CYS C 306 14.02 1.31 6.22
C CYS C 306 13.86 2.65 5.52
N LEU C 307 14.53 3.66 6.07
CA LEU C 307 14.62 4.97 5.44
C LEU C 307 15.99 5.09 4.77
N ILE C 308 15.97 5.41 3.47
CA ILE C 308 17.18 5.50 2.67
C ILE C 308 17.45 6.96 2.36
N THR C 309 18.63 7.43 2.73
CA THR C 309 19.11 8.77 2.41
C THR C 309 20.41 8.67 1.63
N LYS C 310 20.97 9.82 1.27
CA LYS C 310 22.24 9.82 0.55
C LYS C 310 23.42 9.45 1.44
N LYS C 311 23.26 9.50 2.75
CA LYS C 311 24.36 9.26 3.67
C LYS C 311 24.26 7.96 4.45
N SER C 312 23.06 7.48 4.75
CA SER C 312 22.92 6.30 5.59
C SER C 312 21.59 5.61 5.30
N VAL C 313 21.51 4.35 5.72
CA VAL C 313 20.27 3.58 5.73
C VAL C 313 19.82 3.49 7.18
N ILE C 314 18.61 3.96 7.45
CA ILE C 314 18.11 4.11 8.81
C ILE C 314 16.91 3.19 8.99
N CYS C 315 17.00 2.31 9.99
CA CYS C 315 15.95 1.33 10.26
C CYS C 315 15.57 1.36 11.72
N ASN C 316 14.32 1.01 12.01
CA ASN C 316 13.86 0.91 13.38
C ASN C 316 14.20 -0.42 14.02
N GLN C 317 14.70 -1.38 13.25
CA GLN C 317 15.18 -2.65 13.78
C GLN C 317 16.12 -3.26 12.75
N ASP C 318 16.78 -4.34 13.15
CA ASP C 318 17.71 -5.03 12.26
C ASP C 318 16.93 -5.81 11.22
N TYR C 319 17.12 -5.48 9.94
CA TYR C 319 16.40 -6.11 8.85
C TYR C 319 17.29 -7.01 8.01
N ALA C 320 18.42 -7.46 8.55
CA ALA C 320 19.29 -8.35 7.80
C ALA C 320 18.64 -9.71 7.61
N THR C 321 18.72 -10.22 6.39
CA THR C 321 18.19 -11.52 6.01
C THR C 321 19.29 -12.33 5.35
N PRO C 322 19.19 -13.66 5.39
CA PRO C 322 20.29 -14.50 4.89
C PRO C 322 20.48 -14.36 3.38
N MET C 323 21.63 -14.83 2.93
CA MET C 323 22.00 -14.82 1.52
C MET C 323 22.53 -16.18 1.12
N THR C 324 22.21 -16.61 -0.10
CA THR C 324 22.68 -17.90 -0.57
C THR C 324 24.17 -17.87 -0.88
N ALA C 325 24.79 -19.05 -0.81
CA ALA C 325 26.22 -19.15 -1.12
C ALA C 325 26.48 -18.80 -2.58
N SER C 326 25.57 -19.17 -3.48
CA SER C 326 25.75 -18.84 -4.88
C SER C 326 25.72 -17.33 -5.12
N VAL C 327 24.79 -16.62 -4.47
CA VAL C 327 24.72 -15.18 -4.63
C VAL C 327 25.92 -14.51 -3.98
N ARG C 328 26.37 -15.03 -2.84
CA ARG C 328 27.57 -14.49 -2.22
C ARG C 328 28.79 -14.66 -3.12
N GLU C 329 28.92 -15.83 -3.76
CA GLU C 329 30.01 -16.06 -4.69
C GLU C 329 29.90 -15.14 -5.90
N CYS C 330 28.66 -14.91 -6.37
CA CYS C 330 28.46 -13.96 -7.46
C CYS C 330 28.94 -12.57 -7.08
N LEU C 331 28.63 -12.12 -5.86
CA LEU C 331 29.04 -10.79 -5.42
C LEU C 331 30.53 -10.72 -5.13
N THR C 332 31.18 -11.84 -4.84
CA THR C 332 32.61 -11.85 -4.52
C THR C 332 33.48 -12.18 -5.73
N GLY C 333 32.90 -12.30 -6.93
CA GLY C 333 33.72 -12.47 -8.11
C GLY C 333 33.26 -13.51 -9.10
N SER C 334 32.56 -14.55 -8.63
CA SER C 334 32.12 -15.64 -9.51
C SER C 334 30.92 -15.16 -10.32
N THR C 335 31.23 -14.47 -11.42
CA THR C 335 30.18 -13.90 -12.26
C THR C 335 29.35 -14.96 -12.95
N ASP C 336 29.85 -16.19 -13.07
CA ASP C 336 29.06 -17.27 -13.66
C ASP C 336 27.93 -17.72 -12.75
N LYS C 337 27.92 -17.31 -11.49
CA LYS C 337 26.84 -17.62 -10.56
C LYS C 337 25.77 -16.54 -10.50
N CYS C 338 25.91 -15.48 -11.29
CA CYS C 338 24.97 -14.36 -11.22
C CYS C 338 23.82 -14.59 -12.18
N PRO C 339 22.59 -14.74 -11.70
CA PRO C 339 21.46 -14.88 -12.60
C PRO C 339 21.23 -13.62 -13.41
N ARG C 340 20.78 -13.80 -14.65
CA ARG C 340 20.51 -12.70 -15.56
C ARG C 340 19.15 -12.90 -16.21
N GLU C 341 18.54 -11.79 -16.62
CA GLU C 341 17.20 -11.80 -17.20
C GLU C 341 17.18 -11.01 -18.49
N LEU C 342 16.41 -11.51 -19.46
CA LEU C 342 16.28 -10.83 -20.75
C LEU C 342 15.61 -9.47 -20.58
N VAL C 343 15.93 -8.56 -21.49
CA VAL C 343 15.37 -7.22 -21.48
C VAL C 343 14.44 -7.07 -22.68
N VAL C 344 13.16 -6.85 -22.41
CA VAL C 344 12.19 -6.60 -23.46
C VAL C 344 11.55 -5.23 -23.35
N SER C 345 11.75 -4.51 -22.25
CA SER C 345 11.21 -3.17 -22.07
C SER C 345 12.22 -2.13 -22.51
N SER C 346 11.73 -1.08 -23.18
CA SER C 346 12.61 -0.03 -23.65
C SER C 346 13.08 0.87 -22.52
N HIS C 347 12.30 0.96 -21.44
CA HIS C 347 12.59 1.90 -20.35
C HIS C 347 13.31 1.17 -19.21
N VAL C 348 14.50 0.66 -19.51
CA VAL C 348 15.40 0.17 -18.48
C VAL C 348 16.76 0.82 -18.72
N PRO C 349 17.58 1.03 -17.69
CA PRO C 349 18.81 1.82 -17.87
C PRO C 349 19.79 1.15 -18.81
N ARG C 350 20.54 1.98 -19.54
CA ARG C 350 21.58 1.50 -20.43
C ARG C 350 22.97 1.96 -20.04
N PHE C 351 23.10 2.97 -19.18
CA PHE C 351 24.41 3.46 -18.77
C PHE C 351 24.31 4.04 -17.37
N ALA C 352 25.48 4.17 -16.73
CA ALA C 352 25.57 4.74 -15.40
C ALA C 352 26.96 5.33 -15.20
N LEU C 353 27.09 6.17 -14.18
CA LEU C 353 28.33 6.86 -13.87
C LEU C 353 28.78 6.47 -12.47
N SER C 354 30.08 6.17 -12.33
CA SER C 354 30.63 5.80 -11.03
C SER C 354 32.08 6.25 -10.96
N GLY C 355 32.38 7.17 -10.06
CA GLY C 355 33.73 7.68 -9.92
C GLY C 355 34.23 8.45 -11.12
N GLY C 356 33.35 9.19 -11.78
CA GLY C 356 33.74 9.92 -12.97
C GLY C 356 33.95 9.07 -14.20
N VAL C 357 33.55 7.81 -14.16
CA VAL C 357 33.75 6.86 -15.25
C VAL C 357 32.40 6.34 -15.69
N LEU C 358 32.18 6.29 -17.00
CA LEU C 358 30.90 5.90 -17.58
C LEU C 358 30.94 4.44 -18.01
N PHE C 359 29.98 3.67 -17.53
CA PHE C 359 29.77 2.28 -17.95
C PHE C 359 28.50 2.25 -18.79
N ALA C 360 28.65 2.05 -20.09
CA ALA C 360 27.54 2.20 -21.03
C ALA C 360 27.46 0.98 -21.94
N ASN C 361 26.22 0.66 -22.34
CA ASN C 361 25.97 -0.37 -23.36
C ASN C 361 25.84 0.35 -24.69
N CYS C 362 26.99 0.51 -25.37
CA CYS C 362 27.05 1.30 -26.59
C CYS C 362 26.48 0.59 -27.81
N ILE C 363 25.84 -0.56 -27.62
CA ILE C 363 25.10 -1.19 -28.72
C ILE C 363 23.65 -0.73 -28.73
N SER C 364 23.02 -0.65 -27.55
CA SER C 364 21.65 -0.18 -27.47
C SER C 364 21.54 1.34 -27.61
N VAL C 365 22.57 2.08 -27.20
CA VAL C 365 22.59 3.53 -27.32
C VAL C 365 23.81 3.94 -28.12
N THR C 366 23.76 5.17 -28.64
CA THR C 366 24.83 5.71 -29.47
C THR C 366 25.84 6.43 -28.59
N CYS C 367 27.08 5.94 -28.59
CA CYS C 367 28.18 6.57 -27.88
C CYS C 367 29.07 7.27 -28.88
N GLN C 368 29.20 8.59 -28.74
CA GLN C 368 30.04 9.39 -29.61
C GLN C 368 30.89 10.32 -28.77
N CYS C 369 32.15 10.48 -29.16
CA CYS C 369 33.08 11.34 -28.43
C CYS C 369 33.14 12.72 -29.07
N GLN C 370 33.04 13.75 -28.24
CA GLN C 370 33.13 15.12 -28.73
C GLN C 370 34.55 15.52 -29.06
N THR C 371 35.53 15.02 -28.30
CA THR C 371 36.92 15.43 -28.51
C THR C 371 37.43 15.06 -29.89
N THR C 372 37.14 13.84 -30.34
CA THR C 372 37.62 13.37 -31.63
C THR C 372 36.56 13.41 -32.72
N GLY C 373 35.28 13.39 -32.35
CA GLY C 373 34.21 13.38 -33.32
C GLY C 373 33.84 12.01 -33.85
N ARG C 374 34.55 10.96 -33.44
CA ARG C 374 34.28 9.60 -33.90
C ARG C 374 33.42 8.85 -32.88
N ALA C 375 32.51 8.03 -33.40
CA ALA C 375 31.63 7.25 -32.54
C ALA C 375 32.41 6.17 -31.82
N ILE C 376 32.00 5.89 -30.59
CA ILE C 376 32.59 4.83 -29.78
C ILE C 376 31.84 3.53 -30.07
N SER C 377 32.57 2.53 -30.54
CA SER C 377 31.97 1.28 -31.01
C SER C 377 32.20 0.18 -29.98
N GLN C 378 31.17 -0.65 -29.78
CA GLN C 378 31.24 -1.81 -28.90
C GLN C 378 31.07 -3.07 -29.72
N SER C 379 32.02 -3.98 -29.59
CA SER C 379 31.95 -5.23 -30.35
C SER C 379 30.90 -6.16 -29.73
N GLY C 380 30.59 -7.23 -30.47
CA GLY C 380 29.60 -8.18 -30.00
C GLY C 380 30.07 -9.07 -28.87
N GLU C 381 31.37 -9.08 -28.60
CA GLU C 381 31.92 -9.89 -27.53
C GLU C 381 32.07 -9.14 -26.21
N GLN C 382 31.70 -7.87 -26.17
CA GLN C 382 31.82 -7.04 -24.98
C GLN C 382 30.44 -6.79 -24.38
N THR C 383 30.31 -7.06 -23.09
CA THR C 383 29.04 -6.79 -22.41
C THR C 383 28.84 -5.29 -22.20
N LEU C 384 29.87 -4.58 -21.76
CA LEU C 384 29.79 -3.16 -21.50
C LEU C 384 31.10 -2.50 -21.91
N LEU C 385 31.04 -1.19 -22.10
CA LEU C 385 32.21 -0.37 -22.38
C LEU C 385 32.49 0.54 -21.19
N MET C 386 33.74 0.53 -20.73
CA MET C 386 34.19 1.48 -19.73
C MET C 386 34.83 2.65 -20.46
N ILE C 387 34.28 3.85 -20.27
CA ILE C 387 34.75 5.05 -20.96
C ILE C 387 35.28 6.01 -19.90
N ASP C 388 36.60 6.15 -19.89
CA ASP C 388 37.27 7.10 -18.97
C ASP C 388 37.98 8.12 -19.84
N ASN C 389 38.67 9.08 -19.22
CA ASN C 389 39.28 10.18 -20.01
C ASN C 389 40.55 9.65 -20.69
N THR C 390 41.10 8.53 -20.21
CA THR C 390 42.26 7.92 -20.91
C THR C 390 41.80 7.54 -22.31
N THR C 391 40.61 6.95 -22.45
CA THR C 391 40.05 6.68 -23.79
C THR C 391 39.85 8.03 -24.48
N CYS C 392 38.77 8.74 -24.14
CA CYS C 392 38.60 10.08 -24.67
C CYS C 392 37.92 10.91 -23.59
N THR C 393 38.19 12.22 -23.58
CA THR C 393 37.90 13.05 -22.42
C THR C 393 36.41 13.37 -22.25
N THR C 394 35.64 13.41 -23.34
CA THR C 394 34.25 13.87 -23.24
C THR C 394 33.38 13.07 -24.20
N VAL C 395 32.42 12.32 -23.65
CA VAL C 395 31.53 11.48 -24.42
C VAL C 395 30.19 12.17 -24.56
N VAL C 396 29.48 11.88 -25.65
CA VAL C 396 28.16 12.43 -25.93
C VAL C 396 27.17 11.28 -26.06
N LEU C 397 26.07 11.36 -25.32
CA LEU C 397 24.99 10.37 -25.39
C LEU C 397 23.71 11.11 -25.73
N GLY C 398 23.44 11.31 -27.01
CA GLY C 398 22.28 12.06 -27.44
C GLY C 398 22.34 13.52 -27.06
N ASN C 399 21.50 13.93 -26.12
CA ASN C 399 21.47 15.30 -25.63
C ASN C 399 22.33 15.49 -24.38
N ILE C 400 23.10 14.49 -23.98
CA ILE C 400 23.90 14.54 -22.76
C ILE C 400 25.37 14.55 -23.14
N ILE C 401 26.10 15.52 -22.59
CA ILE C 401 27.54 15.63 -22.78
C ILE C 401 28.18 15.59 -21.40
N ILE C 402 29.10 14.65 -21.20
CA ILE C 402 29.70 14.39 -19.90
C ILE C 402 31.22 14.43 -20.02
N SER C 403 31.87 15.14 -19.10
CA SER C 403 33.32 15.08 -18.95
C SER C 403 33.67 13.94 -18.00
N LEU C 404 34.57 13.05 -18.44
CA LEU C 404 34.89 11.85 -17.63
C LEU C 404 36.22 12.02 -16.90
N GLY C 405 36.60 11.03 -16.07
CA GLY C 405 37.87 11.08 -15.33
C GLY C 405 38.60 9.75 -15.43
N LYS C 406 39.85 9.68 -14.95
CA LYS C 406 40.66 8.44 -15.07
C LYS C 406 40.00 7.30 -14.29
N TYR C 407 40.14 6.06 -14.77
CA TYR C 407 39.57 4.87 -14.07
C TYR C 407 40.63 4.31 -13.12
N LEU C 408 40.22 3.83 -11.93
CA LEU C 408 41.20 3.36 -10.95
C LEU C 408 41.41 1.85 -10.99
N GLY C 409 40.75 1.15 -11.90
CA GLY C 409 40.88 -0.29 -12.02
C GLY C 409 41.92 -0.71 -13.03
N SER C 410 41.71 -1.89 -13.60
CA SER C 410 42.64 -2.43 -14.58
C SER C 410 42.64 -1.60 -15.86
N ILE C 411 43.83 -1.42 -16.43
CA ILE C 411 43.95 -0.68 -17.68
C ILE C 411 43.47 -1.50 -18.88
N ASN C 412 43.38 -2.82 -18.74
CA ASN C 412 42.89 -3.71 -19.80
C ASN C 412 41.44 -4.11 -19.57
N TYR C 413 40.63 -3.19 -19.03
CA TYR C 413 39.24 -3.50 -18.72
C TYR C 413 38.47 -3.90 -19.98
N ASN C 414 38.59 -3.11 -21.04
CA ASN C 414 37.82 -3.38 -22.26
C ASN C 414 38.41 -4.50 -23.09
N SER C 415 39.61 -4.98 -22.75
CA SER C 415 40.19 -6.12 -23.44
C SER C 415 39.92 -7.44 -22.72
N GLU C 416 39.84 -7.41 -21.39
CA GLU C 416 39.58 -8.62 -20.62
C GLU C 416 38.07 -8.89 -20.58
N SER C 417 37.68 -10.10 -20.91
CA SER C 417 36.28 -10.52 -20.88
C SER C 417 36.02 -11.41 -19.67
N ILE C 418 34.75 -11.77 -19.47
CA ILE C 418 34.31 -12.56 -18.34
C ILE C 418 33.28 -13.58 -18.81
N ALA C 419 32.78 -14.36 -17.86
CA ALA C 419 31.72 -15.32 -18.09
C ALA C 419 30.40 -14.79 -17.55
N VAL C 420 29.31 -15.18 -18.20
CA VAL C 420 27.98 -14.72 -17.85
C VAL C 420 27.20 -15.85 -17.17
N GLY C 421 26.26 -15.47 -16.33
CA GLY C 421 25.50 -16.44 -15.56
C GLY C 421 24.34 -17.01 -16.34
N PRO C 422 23.58 -17.87 -15.66
CA PRO C 422 22.44 -18.52 -16.32
C PRO C 422 21.25 -17.59 -16.42
N PRO C 423 20.52 -17.63 -17.53
CA PRO C 423 19.32 -16.79 -17.64
C PRO C 423 18.20 -17.28 -16.74
N VAL C 424 17.43 -16.34 -16.20
CA VAL C 424 16.32 -16.64 -15.30
C VAL C 424 15.14 -15.76 -15.67
N TYR C 425 13.96 -16.16 -15.19
CA TYR C 425 12.74 -15.37 -15.30
C TYR C 425 12.14 -15.21 -13.91
N THR C 426 11.86 -13.97 -13.52
CA THR C 426 11.47 -13.66 -12.15
C THR C 426 9.97 -13.42 -11.98
N ASP C 427 9.17 -13.68 -13.01
CA ASP C 427 7.73 -13.55 -12.87
C ASP C 427 7.18 -14.69 -11.99
N LYS C 428 6.02 -14.45 -11.38
CA LYS C 428 5.43 -15.46 -10.51
C LYS C 428 5.00 -16.69 -11.29
N VAL C 429 4.24 -16.48 -12.38
CA VAL C 429 3.79 -17.59 -13.20
C VAL C 429 4.97 -18.27 -13.87
N ASP C 430 5.98 -17.48 -14.27
CA ASP C 430 7.17 -18.06 -14.85
C ASP C 430 7.92 -18.93 -13.85
N ILE C 431 7.99 -18.50 -12.59
CA ILE C 431 8.63 -19.31 -11.55
C ILE C 431 7.86 -20.61 -11.33
N SER C 432 6.52 -20.51 -11.28
CA SER C 432 5.71 -21.72 -11.10
C SER C 432 5.92 -22.68 -12.28
N SER C 433 5.93 -22.16 -13.50
CA SER C 433 6.13 -23.00 -14.67
C SER C 433 7.51 -23.64 -14.68
N GLN C 434 8.54 -22.87 -14.31
CA GLN C 434 9.89 -23.42 -14.23
C GLN C 434 9.98 -24.53 -13.20
N ILE C 435 9.35 -24.33 -12.03
CA ILE C 435 9.35 -25.35 -10.99
C ILE C 435 8.66 -26.60 -11.48
N SER C 436 7.51 -26.44 -12.16
CA SER C 436 6.78 -27.61 -12.66
C SER C 436 7.59 -28.35 -13.72
N SER C 437 8.21 -27.62 -14.65
CA SER C 437 9.00 -28.26 -15.69
C SER C 437 10.20 -28.99 -15.12
N MET C 438 10.89 -28.36 -14.17
CA MET C 438 12.01 -29.00 -13.51
C MET C 438 11.61 -30.22 -12.70
N ASN C 439 10.46 -30.18 -12.03
CA ASN C 439 9.96 -31.37 -11.35
C ASN C 439 9.62 -32.48 -12.34
N GLN C 440 9.03 -32.14 -13.49
CA GLN C 440 8.72 -33.13 -14.50
C GLN C 440 9.99 -33.79 -15.00
N SER C 441 11.02 -32.99 -15.28
CA SER C 441 12.30 -33.53 -15.71
C SER C 441 12.94 -34.41 -14.64
N LEU C 442 12.87 -33.98 -13.38
CA LEU C 442 13.45 -34.77 -12.29
C LEU C 442 12.72 -36.09 -12.12
N GLN C 443 11.40 -36.08 -12.24
CA GLN C 443 10.63 -37.32 -12.13
C GLN C 443 10.92 -38.25 -13.31
N GLN C 444 11.09 -37.68 -14.50
CA GLN C 444 11.48 -38.50 -15.66
C GLN C 444 12.85 -39.14 -15.44
N SER C 445 13.79 -38.37 -14.87
CA SER C 445 15.11 -38.92 -14.57
C SER C 445 15.02 -40.03 -13.53
N LYS C 446 14.22 -39.82 -12.49
CA LYS C 446 14.07 -40.80 -11.42
C LYS C 446 12.65 -41.36 -11.37
C1 NAG D . -28.98 2.74 -23.58
C2 NAG D . -27.88 3.39 -24.41
C3 NAG D . -28.03 4.91 -24.40
C4 NAG D . -29.44 5.31 -24.84
C5 NAG D . -30.47 4.58 -23.99
C6 NAG D . -31.90 4.83 -24.45
C7 NAG D . -25.89 1.94 -24.33
C8 NAG D . -24.55 1.71 -23.71
N2 NAG D . -26.57 3.02 -23.90
O3 NAG D . -27.07 5.49 -25.28
O4 NAG D . -29.62 6.71 -24.70
O5 NAG D . -30.26 3.16 -24.08
O6 NAG D . -32.83 4.18 -23.60
O7 NAG D . -26.35 1.18 -25.18
C1 NAG E . -30.60 30.98 2.76
C2 NAG E . -30.85 30.11 3.98
C3 NAG E . -32.28 30.27 4.48
C4 NAG E . -32.61 31.73 4.70
C5 NAG E . -32.31 32.54 3.44
C6 NAG E . -32.51 34.02 3.62
C7 NAG E . -29.95 27.90 4.57
C8 NAG E . -29.72 26.49 4.11
N2 NAG E . -30.54 28.71 3.70
O3 NAG E . -32.44 29.54 5.69
O4 NAG E . -33.98 31.88 5.04
O5 NAG E . -30.94 32.34 3.05
O6 NAG E . -31.52 34.58 4.46
O7 NAG E . -29.58 28.28 5.68
C1 NAG F . 2.14 -25.44 38.33
C2 NAG F . 1.48 -25.13 39.67
C3 NAG F . 0.10 -25.78 39.74
C4 NAG F . -0.74 -25.37 38.54
C5 NAG F . 0.01 -25.67 37.25
C6 NAG F . -0.72 -25.20 36.01
C7 NAG F . 2.69 -26.79 41.03
C8 NAG F . 3.55 -27.00 42.24
N2 NAG F . 2.31 -25.54 40.79
O3 NAG F . -0.55 -25.37 40.94
O4 NAG F . -1.97 -26.09 38.55
O5 NAG F . 1.29 -25.02 37.26
O6 NAG F . -1.57 -24.10 36.31
O7 NAG F . 2.36 -27.74 40.32
C1 NAG G . 17.38 -24.87 -17.79
C2 NAG G . 16.21 -24.05 -18.33
C3 NAG G . 16.00 -24.33 -19.82
C4 NAG G . 17.31 -24.13 -20.58
C5 NAG G . 18.42 -24.96 -19.95
C6 NAG G . 19.76 -24.74 -20.59
C7 NAG G . 14.69 -23.76 -16.41
C8 NAG G . 13.40 -24.17 -15.79
N2 NAG G . 14.99 -24.33 -17.59
O3 NAG G . 15.00 -23.46 -20.33
O4 NAG G . 17.13 -24.54 -21.94
O5 NAG G . 18.55 -24.61 -18.57
O6 NAG G . 20.65 -24.06 -19.71
O7 NAG G . 15.44 -22.95 -15.88
C1 NAG H . 27.11 25.43 -5.12
C2 NAG H . 27.42 24.96 -3.70
C3 NAG H . 26.97 26.01 -2.69
C4 NAG H . 27.56 27.37 -3.03
C5 NAG H . 27.23 27.74 -4.48
C6 NAG H . 27.87 29.02 -4.93
C7 NAG H . 27.36 22.50 -3.66
C8 NAG H . 26.56 21.29 -3.30
N2 NAG H . 26.78 23.68 -3.41
O3 NAG H . 27.39 25.62 -1.39
O4 NAG H . 27.03 28.36 -2.17
O5 NAG H . 27.70 26.71 -5.36
O6 NAG H . 27.50 29.35 -6.26
O7 NAG H . 28.48 22.42 -4.15
C1 NAG I . -5.89 42.95 4.76
C2 NAG I . -6.60 42.57 3.46
C3 NAG I . -6.79 43.80 2.58
C4 NAG I . -7.49 44.91 3.34
C5 NAG I . -6.74 45.19 4.65
C6 NAG I . -7.45 46.21 5.52
C7 NAG I . -6.45 40.47 2.19
C8 NAG I . -5.54 39.51 1.49
N2 NAG I . -5.86 41.54 2.75
O3 NAG I . -7.54 43.44 1.43
O4 NAG I . -7.55 46.09 2.56
O5 NAG I . -6.63 43.99 5.42
O6 NAG I . -8.39 45.59 6.38
O7 NAG I . -7.67 40.31 2.23
C1 NAG J . -27.81 -17.52 -32.22
C2 NAG J . -29.01 -16.81 -32.83
C3 NAG J . -28.61 -16.05 -34.10
C4 NAG J . -27.44 -15.12 -33.80
C5 NAG J . -26.30 -15.89 -33.15
C6 NAG J . -25.15 -15.00 -32.72
C7 NAG J . -30.02 -18.77 -33.96
C8 NAG J . -31.25 -19.60 -34.10
N2 NAG J . -30.11 -17.73 -33.12
O3 NAG J . -29.71 -15.30 -34.57
O4 NAG J . -26.97 -14.52 -35.01
O5 NAG J . -26.77 -16.57 -31.97
O6 NAG J . -23.93 -15.42 -33.31
O7 NAG J . -29.00 -19.03 -34.59
C1 NAG K . 20.51 -28.34 -1.99
C2 NAG K . 20.92 -26.87 -1.78
C3 NAG K . 22.42 -26.78 -1.57
C4 NAG K . 22.87 -27.71 -0.45
C5 NAG K . 22.38 -29.12 -0.71
C6 NAG K . 22.68 -30.07 0.42
C7 NAG K . 19.45 -25.25 -2.90
C8 NAG K . 18.67 -25.20 -1.61
N2 NAG K . 20.51 -26.07 -2.92
O3 NAG K . 22.77 -25.43 -1.25
O4 NAG K . 24.29 -27.71 -0.35
O5 NAG K . 20.96 -29.12 -0.88
O6 NAG K . 21.50 -30.62 0.98
O7 NAG K . 19.13 -24.58 -3.88
C1 NAG L . -9.15 -6.49 35.82
C2 NAG L . -10.39 -7.06 35.12
C3 NAG L . -11.58 -6.10 35.26
C4 NAG L . -11.81 -5.75 36.73
C5 NAG L . -10.51 -5.23 37.36
C6 NAG L . -10.63 -4.97 38.84
C7 NAG L . -9.63 -8.47 33.27
C8 NAG L . -9.41 -8.56 31.78
N2 NAG L . -10.12 -7.31 33.72
O3 NAG L . -12.74 -6.70 34.72
O4 NAG L . -12.81 -4.75 36.83
O5 NAG L . -9.47 -6.20 37.19
O6 NAG L . -9.44 -4.43 39.37
O7 NAG L . -9.36 -9.40 34.02
C1 NAG M . -16.84 30.31 26.56
C2 NAG M . -15.37 30.66 26.35
C3 NAG M . -14.87 31.55 27.48
C4 NAG M . -15.76 32.78 27.62
C5 NAG M . -17.22 32.34 27.79
C6 NAG M . -18.18 33.50 27.83
C7 NAG M . -13.56 29.31 25.37
C8 NAG M . -12.83 28.01 25.41
N2 NAG M . -14.55 29.46 26.26
O3 NAG M . -13.53 31.96 27.20
O4 NAG M . -15.37 33.54 28.76
O5 NAG M . -17.61 31.51 26.68
O6 NAG M . -18.50 33.97 26.53
O7 NAG M . -13.28 30.18 24.55
C1 NAG N . 6.40 -33.46 -8.79
C2 NAG N . 5.67 -33.01 -7.53
C3 NAG N . 5.11 -34.22 -6.79
C4 NAG N . 4.26 -35.08 -7.72
C5 NAG N . 5.06 -35.45 -8.95
C6 NAG N . 4.25 -36.22 -9.97
C7 NAG N . 6.80 -30.94 -6.85
C8 NAG N . 7.74 -30.31 -5.87
N2 NAG N . 6.55 -32.24 -6.67
O3 NAG N . 4.32 -33.76 -5.69
O4 NAG N . 3.86 -36.27 -7.03
O5 NAG N . 5.52 -34.26 -9.61
O6 NAG N . 4.03 -35.46 -11.15
O7 NAG N . 6.30 -30.30 -7.77
C1 NAG O . 41.60 12.39 -16.18
C2 NAG O . 42.68 13.41 -16.53
C3 NAG O . 43.72 13.43 -15.43
C4 NAG O . 43.03 13.74 -14.11
C5 NAG O . 41.94 12.71 -13.84
C6 NAG O . 41.14 12.99 -12.60
C7 NAG O . 42.99 13.87 -18.91
C8 NAG O . 42.14 15.09 -18.68
N2 NAG O . 43.26 13.14 -17.83
O3 NAG O . 44.73 14.38 -15.73
O4 NAG O . 44.00 13.67 -13.05
O5 NAG O . 41.00 12.71 -14.94
O6 NAG O . 40.16 11.99 -12.41
O7 NAG O . 43.37 13.55 -20.03
#